data_8SNX
#
_entry.id   8SNX
#
_cell.length_a   1.00
_cell.length_b   1.00
_cell.length_c   1.00
_cell.angle_alpha   90.00
_cell.angle_beta   90.00
_cell.angle_gamma   90.00
#
_symmetry.space_group_name_H-M   'P 1'
#
loop_
_entity.id
_entity.type
_entity.pdbx_description
1 polymer 'RNA-directed RNA polymerase L'
2 polymer Phosphoprotein
3 polymer "RNA (5'-R(*UP*UP*UP*UP*UP*CP*GP*CP*GP*U)-3')"
#
loop_
_entity_poly.entity_id
_entity_poly.type
_entity_poly.pdbx_seq_one_letter_code
_entity_poly.pdbx_strand_id
1 'polypeptide(L)'
;MDPIINGNSANVYLTDSYLKGVISFSECNALGSYIFNGPYLKNDYTNLISRQNPLIEHMNLKKLNITQSLISKYHKGEIK
LEEPTYFQSLLMTYKSMTSSEQIATTNLLKKIIRRAIEISDVKVYAILNKLGLKEKDKIKSNNGQDEDNSVITTIIKDDI
LSAVKDNQSHLKADKNHSTKQKDTIKTTLLKKLMCSMQHPPSWLIHWFNLYTKLNNILTQYRSNEVKNHGFTLIDNQTLS
GFQFILNQYGCIVYHKELKRITVTTYNQFLTWKDISLSRLNVCLITWISNCLNTLNKSLGLRCGFNNVILTQLFLYGDCI
LKLFHNEGFYIIKEVEGFIMSLILNITEEDQFRKRFYNSMLNNITDAANKAQKNLLSRVCHTLLDKTVSDNIINGRWIIL
LSKFLKLIKLAGDNNLNNLSELYFLFRIFGHPMVDERQAMDAVKINCNETKFYLLSSLSMLRGAFIYRIIKGFVNNYNRW
PTLRNAIVLPLRWLTYYKLNTYPSLLELTERDLIVLSGLRFYREFRLPKKVDLEMIINDKAISPPKNLIWTSFPRNYMPS
HIQNYIEHEKLKFSESDKSRRVLEYYLRDNKFNECDLYNCVVNQSYLNNPNHVVSLTGKERELSVGRMFAMQPGMFRQVQ
ILAEKMIAENILQFFPESLTRYGDLELQKILELKAGISNKSNRYNDNYNNYISKCSIITDLSKFNQAFRYETSCICSDVL
DELHGVQSLFSWLHLTIPHVTIICTYRHAPPYIGDHIVDLNNVDEQSGLYRYHMGGIEGWCQKLWTIEAISLLDLISLKG
KFSITALINGDNQSIDISKPIRLMEGQTHAQADYLLALNSLKLLYKEYAGIGHKLKGTETYISRDMQFMSKTIQHNGVYY
PASIKKVLRVGPWINTILDDFKVSLESIGSLTQELEYRGESLLCSLIFRNVWLYNQIALQLKNHALCNNKLYLDILKVLK
HLKTFFNLDNIDTALTLYMNLPMLFGGGDPNLLYRSFYRRTPDFLTEAIVHSVFILSYYTNHDLKDKLQDLSDDRLNKFL
TCIITFDKNPNAEFVTLMRDPQALGSERQAKITSEINRLAVTEVLSTAPNKIFSKSAQHYTTTEIDLNDIMQNIEPTYPH
GLRVVYESLPFYKAEKIVNLISGTKSITNILEKTSAIDLTDIDRATEMMRKNITLLIRILPLDCNRDKREILSMENLSIT
ELSKYVRERSWSLSNIVGVTSPSIMYTMDIKYTTSTISSGIIIEKYNVNSLTRGERGPTKPWVGSSTQEKKTMPVYNRQV
LTKKQRDQIDLLAKLDWVYASIDNKDEFMEELSIGTLGLTYEKAKKLFPQYLSVNYLHRLTVSSRPCEFPASIPAYRTTN
YHFDTSPINRILTEKYGDEDIDIVFQNCISFGLSLMSVVEQFTNVCPNRIILIPKLNEIHLMKPPIFTGDVDIHKLKQVI
QKQHMFLPDKISLTQYVELFLSNKTLKSGSHVNSNLILAHKISDYFHNTYILSTNLAGHWILIIQLMKDSKGIFEKDWGE
GYITDHMFINLKVFFNAYKTYLLCFHKGYGKAKLECDMNTSDLLCVLELIDSSYWKSMSKVFLEQKVIKYILSQDASLHR
VKGCHSFKLWFLKRLNVAEFTVCPWVVNIDYHPTHMKAILTYIDLVRMGLINIDRIHIKNKHKFNDEFYTSNLFYINYNF
SDNTHLLTKHIRIANSELENNYNKLYHPTPETLENILANPIKSNDKKTLNDYCIGKNVDSIMLPLLSNKKLIKSSAMIRT
NYSKQDLYNLFPMVVIDRIIDHSGNTAKSNQLYTTTSHQISLVHNSTSLYCMLPWHHINRFNFVFSSTGCKISIEYILKD
LKIKDPNCIAFIGEGAGNLLLRTVVELHPDIRYIYRSLKDCNDHSLPIEFLRLYNGHINIDYGENLTIPATDATNNIHWS
YLHIKFAEPISLFVCDAELSVTVNWSKIIIEWSKHVRKCKYCSSVNKCMLIVKYHAQDDIDFKLDNITILKTYVCLGSKL
KGSEVYLVLTIGPANIFPVFNVVQNAKLILSRTKNFIMPKKADKESIDANIKSLIPFLCYPITKKGINTALSKLKSVVSG
DILSYSIAGRNEVFSNKLINHKHMNILKWFNHVLNFRSTELNYNHLYMVESTYPYLSELLNSLTTNELKKLIKITGSLLY
NFHNE
;
A
2 'polypeptide(L)'
;MEKFAPEFHGEDANNRATKFLESIKGKFTSPKDPKKKDSIISVNSIDIEVTKESPITSNSTIINPTNETDDTAGNKPNYQ
RKPLVSFKEDPTPSDNPFSKLYKETIETFDNNEEESSYSYEEINDQTNDNITARLDRIDEKLSEILGMLHTLVVASAGPT
SARDGIRDAMVGLREEMIEKIRTEALMTNDRLEAMARLRNEESEKMAKDTSDEVSLNPTSEKLNNLLEGNDSDNDLSLED
F
;
B,C,D,E
3 'polyribonucleotide' UUUUUCGCGU T
#
# COMPACT_ATOMS: atom_id res chain seq x y z
N ALA A 10 -21.09 24.15 21.07
CA ALA A 10 -21.41 23.64 19.75
C ALA A 10 -20.19 22.97 19.12
N ASN A 11 -20.14 22.99 17.79
CA ASN A 11 -19.03 22.40 17.05
C ASN A 11 -18.87 23.13 15.73
N VAL A 12 -17.65 23.13 15.22
CA VAL A 12 -17.31 23.84 13.99
C VAL A 12 -16.96 22.84 12.90
N TYR A 13 -17.26 23.20 11.66
CA TYR A 13 -16.94 22.39 10.50
C TYR A 13 -15.72 22.99 9.82
N LEU A 14 -14.59 22.30 9.91
CA LEU A 14 -13.34 22.75 9.31
C LEU A 14 -13.11 21.99 8.01
N THR A 15 -13.27 22.69 6.89
CA THR A 15 -13.03 22.06 5.59
C THR A 15 -11.52 21.92 5.35
N ASP A 16 -11.18 21.07 4.39
CA ASP A 16 -9.79 20.76 4.08
C ASP A 16 -9.26 21.61 2.94
N SER A 17 -7.97 21.94 3.03
CA SER A 17 -7.30 22.80 2.06
C SER A 17 -6.78 22.04 0.85
N TYR A 18 -6.82 20.72 0.87
CA TYR A 18 -6.44 19.88 -0.25
C TYR A 18 -7.55 18.86 -0.49
N LEU A 19 -7.70 18.45 -1.75
CA LEU A 19 -8.90 17.70 -2.12
C LEU A 19 -8.98 16.38 -1.36
N LYS A 20 -7.89 15.59 -1.37
CA LYS A 20 -7.78 14.30 -0.70
C LYS A 20 -9.08 13.49 -0.77
N GLY A 21 -9.73 13.52 -1.93
CA GLY A 21 -11.01 12.87 -2.09
C GLY A 21 -11.40 12.70 -3.55
N VAL A 22 -12.70 12.66 -3.83
CA VAL A 22 -13.22 12.41 -5.16
C VAL A 22 -13.92 13.66 -5.67
N ILE A 23 -13.67 14.01 -6.93
CA ILE A 23 -14.46 15.05 -7.62
C ILE A 23 -15.61 14.30 -8.28
N SER A 24 -16.67 14.10 -7.49
CA SER A 24 -17.74 13.21 -7.92
C SER A 24 -18.54 13.80 -9.07
N PHE A 25 -18.79 12.97 -10.08
CA PHE A 25 -19.64 13.37 -11.20
C PHE A 25 -21.07 13.63 -10.74
N SER A 26 -21.57 12.79 -9.83
CA SER A 26 -22.97 12.86 -9.44
C SER A 26 -23.31 14.16 -8.71
N GLU A 27 -22.40 14.63 -7.85
CA GLU A 27 -22.67 15.87 -7.11
C GLU A 27 -22.76 17.06 -8.07
N CYS A 28 -21.82 17.15 -9.01
CA CYS A 28 -21.88 18.24 -9.99
C CYS A 28 -23.13 18.14 -10.84
N ASN A 29 -23.49 16.91 -11.26
CA ASN A 29 -24.68 16.73 -12.07
C ASN A 29 -25.93 17.17 -11.32
N ALA A 30 -26.06 16.76 -10.06
CA ALA A 30 -27.23 17.13 -9.27
C ALA A 30 -27.30 18.63 -9.04
N LEU A 31 -26.16 19.24 -8.69
CA LEU A 31 -26.14 20.67 -8.45
C LEU A 31 -26.52 21.45 -9.70
N GLY A 32 -25.92 21.11 -10.84
CA GLY A 32 -26.25 21.79 -12.08
C GLY A 32 -27.69 21.57 -12.49
N SER A 33 -28.19 20.36 -12.31
CA SER A 33 -29.58 20.08 -12.69
C SER A 33 -30.55 20.90 -11.86
N TYR A 34 -30.32 20.98 -10.54
CA TYR A 34 -31.23 21.76 -9.71
C TYR A 34 -31.08 23.26 -9.97
N ILE A 35 -29.86 23.73 -10.25
CA ILE A 35 -29.67 25.15 -10.50
C ILE A 35 -30.33 25.58 -11.80
N PHE A 36 -30.12 24.81 -12.87
CA PHE A 36 -30.52 25.24 -14.20
C PHE A 36 -31.81 24.59 -14.69
N ASN A 37 -32.49 23.79 -13.85
CA ASN A 37 -33.77 23.17 -14.20
C ASN A 37 -33.67 22.38 -15.51
N GLY A 38 -32.59 21.60 -15.62
CA GLY A 38 -32.39 20.77 -16.78
C GLY A 38 -31.20 19.84 -16.61
N PRO A 39 -31.07 18.85 -17.50
CA PRO A 39 -29.95 17.91 -17.40
C PRO A 39 -28.61 18.60 -17.57
N TYR A 40 -27.81 18.64 -16.51
CA TYR A 40 -26.56 19.40 -16.55
C TYR A 40 -25.45 18.62 -17.22
N LEU A 41 -25.16 17.41 -16.73
CA LEU A 41 -24.05 16.62 -17.24
C LEU A 41 -24.46 15.29 -17.84
N LYS A 42 -25.56 14.69 -17.38
CA LYS A 42 -25.97 13.38 -17.89
C LYS A 42 -27.46 13.21 -17.65
N ASN A 43 -28.05 12.31 -18.41
CA ASN A 43 -29.46 11.94 -18.23
C ASN A 43 -29.62 10.73 -17.32
N ASP A 44 -29.01 10.80 -16.14
CA ASP A 44 -29.11 9.73 -15.16
C ASP A 44 -30.37 9.93 -14.32
N TYR A 45 -30.53 9.13 -13.27
CA TYR A 45 -31.57 9.38 -12.29
C TYR A 45 -31.21 10.52 -11.36
N THR A 46 -29.93 10.88 -11.30
CA THR A 46 -29.47 11.91 -10.38
C THR A 46 -30.12 13.26 -10.68
N ASN A 47 -30.15 13.64 -11.96
CA ASN A 47 -30.74 14.93 -12.32
C ASN A 47 -32.23 14.97 -12.02
N LEU A 48 -32.94 13.88 -12.32
CA LEU A 48 -34.37 13.82 -12.06
C LEU A 48 -34.66 13.90 -10.57
N ILE A 49 -33.92 13.14 -9.76
CA ILE A 49 -34.18 13.17 -8.32
C ILE A 49 -33.78 14.51 -7.72
N SER A 50 -32.72 15.13 -8.22
CA SER A 50 -32.34 16.44 -7.72
C SER A 50 -33.38 17.50 -8.07
N ARG A 51 -33.92 17.45 -9.29
CA ARG A 51 -34.94 18.42 -9.68
C ARG A 51 -36.25 18.17 -8.94
N GLN A 52 -36.56 16.91 -8.60
CA GLN A 52 -37.79 16.60 -7.88
C GLN A 52 -37.69 17.00 -6.42
N ASN A 53 -36.72 16.41 -5.70
CA ASN A 53 -36.54 16.66 -4.27
C ASN A 53 -35.10 17.13 -4.04
N PRO A 54 -34.86 18.44 -4.13
CA PRO A 54 -33.48 18.93 -3.97
C PRO A 54 -33.02 18.88 -2.53
N LEU A 55 -31.70 18.84 -2.37
CA LEU A 55 -31.10 18.86 -1.05
C LEU A 55 -31.18 20.26 -0.45
N ILE A 56 -31.09 20.31 0.89
CA ILE A 56 -31.17 21.59 1.58
C ILE A 56 -29.99 22.49 1.22
N GLU A 57 -28.80 21.92 1.12
CA GLU A 57 -27.63 22.70 0.74
C GLU A 57 -27.78 23.28 -0.67
N HIS A 58 -28.30 22.47 -1.60
CA HIS A 58 -28.51 22.95 -2.96
C HIS A 58 -29.55 24.07 -3.00
N MET A 59 -30.64 23.93 -2.24
CA MET A 59 -31.64 24.98 -2.19
C MET A 59 -31.06 26.26 -1.60
N ASN A 60 -30.25 26.13 -0.56
CA ASN A 60 -29.60 27.32 0.02
C ASN A 60 -28.67 27.98 -0.98
N LEU A 61 -27.92 27.18 -1.75
CA LEU A 61 -27.04 27.75 -2.76
C LEU A 61 -27.83 28.45 -3.86
N LYS A 62 -28.97 27.88 -4.26
CA LYS A 62 -29.75 28.48 -5.33
C LYS A 62 -30.45 29.75 -4.87
N LYS A 63 -30.92 29.78 -3.63
CA LYS A 63 -31.70 30.91 -3.13
C LYS A 63 -30.87 32.15 -2.88
N LEU A 64 -29.58 32.18 -3.20
CA LEU A 64 -28.79 33.39 -3.03
C LEU A 64 -29.22 34.46 -4.02
N ASN A 65 -29.08 35.73 -3.61
CA ASN A 65 -29.48 36.84 -4.47
C ASN A 65 -28.66 36.87 -5.74
N ILE A 66 -27.34 36.68 -5.64
CA ILE A 66 -26.50 36.68 -6.83
C ILE A 66 -26.76 35.44 -7.68
N THR A 67 -26.99 34.30 -7.03
CA THR A 67 -27.28 33.08 -7.78
C THR A 67 -28.59 33.20 -8.55
N GLN A 68 -29.62 33.78 -7.93
CA GLN A 68 -30.88 33.97 -8.63
C GLN A 68 -30.71 34.87 -9.84
N SER A 69 -29.92 35.94 -9.70
CA SER A 69 -29.65 36.81 -10.84
C SER A 69 -28.92 36.06 -11.94
N LEU A 70 -27.96 35.21 -11.57
CA LEU A 70 -27.23 34.44 -12.57
C LEU A 70 -28.15 33.47 -13.32
N ILE A 71 -29.03 32.79 -12.60
CA ILE A 71 -29.97 31.88 -13.26
C ILE A 71 -30.93 32.65 -14.15
N SER A 72 -31.40 33.81 -13.70
CA SER A 72 -32.28 34.62 -14.54
C SER A 72 -31.56 35.07 -15.81
N LYS A 73 -30.30 35.48 -15.68
CA LYS A 73 -29.52 35.88 -16.86
C LYS A 73 -29.33 34.69 -17.81
N TYR A 74 -29.05 33.51 -17.26
CA TYR A 74 -28.88 32.34 -18.11
C TYR A 74 -30.17 31.97 -18.83
N HIS A 75 -31.30 32.04 -18.13
CA HIS A 75 -32.58 31.73 -18.75
C HIS A 75 -32.93 32.75 -19.83
N LYS A 76 -32.58 34.01 -19.61
CA LYS A 76 -32.76 35.01 -20.65
C LYS A 76 -31.79 34.84 -21.81
N GLY A 77 -30.76 34.02 -21.66
CA GLY A 77 -29.88 33.67 -22.75
C GLY A 77 -28.67 34.54 -22.94
N GLU A 78 -28.42 35.48 -22.03
CA GLU A 78 -27.26 36.35 -22.19
C GLU A 78 -25.95 35.58 -22.00
N ILE A 79 -25.91 34.65 -21.06
CA ILE A 79 -24.71 33.88 -20.77
C ILE A 79 -24.93 32.44 -21.21
N LYS A 80 -23.84 31.79 -21.62
CA LYS A 80 -23.88 30.43 -22.14
C LYS A 80 -23.27 29.47 -21.13
N LEU A 81 -23.99 28.39 -20.85
CA LEU A 81 -23.50 27.36 -19.95
C LEU A 81 -22.32 26.63 -20.57
N GLU A 82 -21.42 26.14 -19.72
CA GLU A 82 -20.14 25.59 -20.15
C GLU A 82 -19.77 24.45 -19.22
N GLU A 83 -18.49 24.11 -19.16
CA GLU A 83 -18.08 22.96 -18.36
C GLU A 83 -16.98 23.33 -17.38
N PRO A 84 -16.95 22.65 -16.22
CA PRO A 84 -15.89 22.89 -15.24
C PRO A 84 -14.49 22.76 -15.81
N THR A 85 -14.27 21.83 -16.73
CA THR A 85 -12.96 21.74 -17.37
C THR A 85 -12.68 22.98 -18.21
N TYR A 86 -13.71 23.53 -18.85
CA TYR A 86 -13.54 24.76 -19.62
C TYR A 86 -13.10 25.90 -18.72
N PHE A 87 -13.74 26.07 -17.56
CA PHE A 87 -13.26 27.09 -16.63
C PHE A 87 -11.92 26.74 -15.99
N GLN A 88 -11.58 25.46 -15.87
CA GLN A 88 -10.23 25.13 -15.42
C GLN A 88 -9.20 25.67 -16.40
N SER A 89 -9.43 25.44 -17.69
CA SER A 89 -8.55 26.00 -18.71
C SER A 89 -8.54 27.52 -18.65
N LEU A 90 -9.72 28.13 -18.50
CA LEU A 90 -9.81 29.59 -18.47
C LEU A 90 -9.01 30.18 -17.31
N LEU A 91 -9.12 29.58 -16.13
CA LEU A 91 -8.35 30.05 -14.98
C LEU A 91 -6.85 29.84 -15.19
N MET A 92 -6.47 28.70 -15.76
CA MET A 92 -5.04 28.45 -15.95
C MET A 92 -4.43 29.44 -16.94
N THR A 93 -5.13 29.74 -18.02
CA THR A 93 -4.71 30.84 -18.90
C THR A 93 -5.44 32.10 -18.47
N TYR A 94 -4.99 32.65 -17.35
CA TYR A 94 -5.69 33.76 -16.70
C TYR A 94 -5.82 34.95 -17.63
N LYS A 95 -4.71 35.41 -18.21
CA LYS A 95 -4.63 36.50 -19.18
C LYS A 95 -5.53 37.68 -18.81
N SER A 96 -5.71 37.93 -17.52
CA SER A 96 -6.55 39.03 -17.06
C SER A 96 -5.96 39.77 -15.86
N MET A 97 -4.72 39.48 -15.49
CA MET A 97 -4.10 40.14 -14.35
C MET A 97 -3.84 41.62 -14.66
N THR A 98 -3.94 42.44 -13.61
CA THR A 98 -3.70 43.87 -13.72
C THR A 98 -2.28 44.20 -13.30
N SER A 99 -1.84 45.41 -13.68
CA SER A 99 -0.46 45.81 -13.42
C SER A 99 -0.17 45.92 -11.92
N SER A 100 -1.13 46.44 -11.14
CA SER A 100 -0.90 46.62 -9.71
C SER A 100 -0.71 45.28 -9.01
N GLU A 101 -1.63 44.33 -9.26
CA GLU A 101 -1.48 43.02 -8.64
C GLU A 101 -0.27 42.28 -9.20
N GLN A 102 0.09 42.53 -10.46
CA GLN A 102 1.28 41.92 -11.04
C GLN A 102 2.54 42.37 -10.31
N ILE A 103 2.69 43.68 -10.11
CA ILE A 103 3.88 44.19 -9.44
C ILE A 103 3.87 43.78 -7.97
N ALA A 104 2.70 43.74 -7.33
CA ALA A 104 2.64 43.27 -5.95
C ALA A 104 3.08 41.82 -5.83
N THR A 105 2.60 40.96 -6.74
CA THR A 105 3.02 39.55 -6.73
C THR A 105 4.51 39.42 -7.01
N THR A 106 5.03 40.21 -7.95
CA THR A 106 6.46 40.16 -8.24
C THR A 106 7.28 40.56 -7.02
N ASN A 107 6.87 41.62 -6.32
CA ASN A 107 7.59 42.05 -5.13
C ASN A 107 7.53 40.99 -4.03
N LEU A 108 6.35 40.39 -3.84
CA LEU A 108 6.22 39.34 -2.82
C LEU A 108 7.10 38.14 -3.15
N LEU A 109 7.14 37.73 -4.43
CA LEU A 109 7.97 36.60 -4.81
C LEU A 109 9.44 36.92 -4.66
N LYS A 110 9.85 38.15 -5.00
CA LYS A 110 11.24 38.55 -4.79
C LYS A 110 11.60 38.50 -3.32
N LYS A 111 10.71 38.99 -2.46
CA LYS A 111 10.96 38.94 -1.02
C LYS A 111 11.07 37.50 -0.53
N ILE A 112 10.20 36.63 -1.01
CA ILE A 112 10.22 35.23 -0.59
C ILE A 112 11.54 34.58 -1.00
N ILE A 113 11.96 34.81 -2.24
CA ILE A 113 13.21 34.22 -2.72
C ILE A 113 14.40 34.74 -1.92
N ARG A 114 14.44 36.06 -1.68
CA ARG A 114 15.55 36.64 -0.93
C ARG A 114 15.60 36.07 0.49
N ARG A 115 14.46 36.00 1.16
CA ARG A 115 14.43 35.47 2.52
C ARG A 115 14.82 34.00 2.55
N ALA A 116 14.37 33.22 1.57
CA ALA A 116 14.73 31.81 1.53
C ALA A 116 16.23 31.62 1.31
N ILE A 117 16.82 32.42 0.43
CA ILE A 117 18.27 32.32 0.24
C ILE A 117 19.01 32.73 1.50
N GLU A 118 18.52 33.79 2.17
CA GLU A 118 19.17 34.23 3.40
C GLU A 118 19.10 33.14 4.47
N ILE A 119 17.96 32.45 4.57
CA ILE A 119 17.81 31.37 5.55
C ILE A 119 18.74 30.21 5.19
N SER A 120 18.78 29.83 3.92
CA SER A 120 19.64 28.72 3.49
C SER A 120 21.12 29.07 3.59
N ASP A 121 21.45 30.35 3.68
CA ASP A 121 22.85 30.76 3.79
C ASP A 121 23.50 30.17 5.03
N VAL A 122 22.75 30.09 6.13
CA VAL A 122 23.31 29.55 7.37
C VAL A 122 23.67 28.08 7.20
N LYS A 123 22.75 27.30 6.63
CA LYS A 123 23.01 25.88 6.41
C LYS A 123 24.17 25.68 5.46
N VAL A 124 24.22 26.46 4.38
CA VAL A 124 25.30 26.31 3.40
C VAL A 124 26.64 26.69 4.03
N TYR A 125 26.67 27.76 4.83
CA TYR A 125 27.90 28.18 5.49
C TYR A 125 28.37 27.12 6.48
N ALA A 126 27.44 26.53 7.23
CA ALA A 126 27.81 25.47 8.16
C ALA A 126 28.38 24.26 7.42
N ILE A 127 27.73 23.87 6.31
CA ILE A 127 28.21 22.73 5.54
C ILE A 127 29.59 23.01 4.98
N LEU A 128 29.79 24.19 4.42
CA LEU A 128 31.09 24.54 3.84
C LEU A 128 32.18 24.59 4.91
N ASN A 129 31.85 25.15 6.08
CA ASN A 129 32.83 25.20 7.16
C ASN A 129 33.21 23.81 7.63
N LYS A 130 32.23 22.92 7.76
CA LYS A 130 32.54 21.55 8.17
C LYS A 130 33.36 20.83 7.11
N LEU A 131 33.04 21.05 5.83
CA LEU A 131 33.72 20.36 4.75
C LEU A 131 35.12 20.89 4.51
N GLY A 132 35.40 22.14 4.87
CA GLY A 132 36.69 22.73 4.64
C GLY A 132 36.90 23.33 3.28
N LEU A 133 35.85 23.47 2.48
CA LEU A 133 35.97 24.06 1.15
C LEU A 133 36.01 25.58 1.21
N THR A 184 24.06 40.12 5.05
CA THR A 184 22.91 39.25 5.13
C THR A 184 23.24 37.86 4.63
N ILE A 185 24.07 37.79 3.59
CA ILE A 185 24.52 36.53 3.00
C ILE A 185 26.04 36.51 3.04
N LYS A 186 26.59 35.43 3.61
CA LYS A 186 28.03 35.31 3.80
C LYS A 186 28.72 34.43 2.77
N THR A 187 28.01 33.46 2.21
CA THR A 187 28.60 32.53 1.25
C THR A 187 28.59 33.18 -0.14
N THR A 188 29.74 33.16 -0.80
CA THR A 188 29.84 33.77 -2.13
C THR A 188 29.02 33.00 -3.16
N LEU A 189 28.89 31.68 -3.00
CA LEU A 189 28.07 30.90 -3.93
C LEU A 189 26.62 31.37 -3.88
N LEU A 190 26.07 31.52 -2.67
CA LEU A 190 24.70 32.00 -2.56
C LEU A 190 24.58 33.48 -2.88
N LYS A 191 25.65 34.26 -2.70
CA LYS A 191 25.64 35.64 -3.21
C LYS A 191 25.46 35.66 -4.72
N LYS A 192 26.21 34.81 -5.42
CA LYS A 192 26.05 34.71 -6.87
C LYS A 192 24.67 34.20 -7.24
N LEU A 193 24.15 33.24 -6.47
CA LEU A 193 22.79 32.74 -6.75
C LEU A 193 21.75 33.83 -6.58
N MET A 194 21.86 34.65 -5.54
CA MET A 194 20.94 35.76 -5.35
C MET A 194 21.08 36.79 -6.46
N CYS A 195 22.31 37.07 -6.89
CA CYS A 195 22.50 37.99 -8.01
C CYS A 195 21.86 37.44 -9.28
N SER A 196 21.90 36.12 -9.46
CA SER A 196 21.29 35.50 -10.63
C SER A 196 19.77 35.57 -10.57
N MET A 197 19.19 35.21 -9.43
CA MET A 197 17.73 35.19 -9.29
C MET A 197 17.21 36.46 -8.65
N GLN A 198 17.43 37.58 -9.35
CA GLN A 198 16.91 38.87 -8.92
C GLN A 198 15.52 39.14 -9.50
N HIS A 199 15.33 38.86 -10.79
CA HIS A 199 14.06 39.09 -11.45
C HIS A 199 13.40 37.76 -11.77
N PRO A 200 12.29 37.40 -11.13
CA PRO A 200 11.63 36.14 -11.45
C PRO A 200 11.05 36.18 -12.85
N PRO A 201 10.91 35.03 -13.50
CA PRO A 201 10.38 35.00 -14.87
C PRO A 201 8.87 35.12 -14.92
N SER A 202 8.40 35.64 -16.06
CA SER A 202 6.99 36.04 -16.19
C SER A 202 6.05 34.87 -15.92
N TRP A 203 6.38 33.67 -16.41
CA TRP A 203 5.58 32.51 -16.10
C TRP A 203 5.54 32.23 -14.59
N LEU A 204 6.67 32.42 -13.92
CA LEU A 204 6.71 32.21 -12.48
C LEU A 204 5.82 33.20 -11.74
N ILE A 205 5.87 34.49 -12.11
CA ILE A 205 4.96 35.45 -11.50
C ILE A 205 3.51 35.09 -11.79
N HIS A 206 3.22 34.65 -13.03
CA HIS A 206 1.85 34.29 -13.37
C HIS A 206 1.33 33.15 -12.50
N TRP A 207 2.11 32.08 -12.37
CA TRP A 207 1.67 30.94 -11.58
C TRP A 207 1.58 31.31 -10.10
N PHE A 208 2.54 32.08 -9.58
CA PHE A 208 2.48 32.48 -8.19
C PHE A 208 1.25 33.35 -7.92
N ASN A 209 0.95 34.27 -8.83
CA ASN A 209 -0.22 35.12 -8.65
C ASN A 209 -1.51 34.31 -8.65
N LEU A 210 -1.63 33.37 -9.60
CA LEU A 210 -2.82 32.53 -9.64
C LEU A 210 -2.96 31.71 -8.37
N TYR A 211 -1.87 31.10 -7.91
CA TYR A 211 -1.93 30.30 -6.70
C TYR A 211 -2.28 31.14 -5.49
N THR A 212 -1.69 32.33 -5.37
CA THR A 212 -1.98 33.18 -4.22
C THR A 212 -3.43 33.65 -4.23
N LYS A 213 -3.98 33.97 -5.40
CA LYS A 213 -5.38 34.38 -5.46
C LYS A 213 -6.30 33.24 -5.04
N LEU A 214 -6.06 32.04 -5.59
CA LEU A 214 -6.91 30.89 -5.24
C LEU A 214 -6.78 30.55 -3.76
N ASN A 215 -5.56 30.60 -3.22
CA ASN A 215 -5.34 30.29 -1.82
C ASN A 215 -5.97 31.35 -0.92
N ASN A 216 -5.93 32.62 -1.32
CA ASN A 216 -6.60 33.66 -0.55
C ASN A 216 -8.10 33.42 -0.50
N ILE A 217 -8.70 33.08 -1.64
CA ILE A 217 -10.13 32.77 -1.67
C ILE A 217 -10.44 31.61 -0.73
N LEU A 218 -9.63 30.54 -0.83
CA LEU A 218 -9.89 29.35 -0.03
C LEU A 218 -9.72 29.63 1.46
N THR A 219 -8.67 30.36 1.83
CA THR A 219 -8.43 30.65 3.24
C THR A 219 -9.51 31.56 3.81
N GLN A 220 -9.95 32.56 3.04
CA GLN A 220 -11.05 33.40 3.50
C GLN A 220 -12.30 32.59 3.73
N TYR A 221 -12.63 31.70 2.78
CA TYR A 221 -13.82 30.88 2.94
C TYR A 221 -13.70 29.96 4.16
N ARG A 222 -12.53 29.34 4.34
CA ARG A 222 -12.35 28.42 5.46
C ARG A 222 -12.45 29.15 6.79
N SER A 223 -11.82 30.31 6.89
CA SER A 223 -11.89 31.08 8.12
C SER A 223 -13.32 31.51 8.44
N ASN A 224 -14.06 31.96 7.42
CA ASN A 224 -15.44 32.37 7.66
C ASN A 224 -16.31 31.18 8.03
N GLU A 225 -16.08 30.03 7.39
CA GLU A 225 -16.86 28.83 7.72
C GLU A 225 -16.58 28.38 9.15
N VAL A 226 -15.33 28.44 9.59
CA VAL A 226 -15.01 28.12 10.98
C VAL A 226 -15.69 29.10 11.91
N LYS A 227 -15.68 30.39 11.55
CA LYS A 227 -16.31 31.40 12.39
C LYS A 227 -17.80 31.12 12.56
N ASN A 228 -18.52 30.91 11.46
CA ASN A 228 -19.94 30.61 11.51
C ASN A 228 -20.28 29.55 10.47
N HIS A 229 -21.11 28.59 10.87
CA HIS A 229 -21.49 27.49 10.00
C HIS A 229 -22.44 27.97 8.91
N GLY A 230 -22.47 27.22 7.82
CA GLY A 230 -23.36 27.54 6.71
C GLY A 230 -23.03 28.83 6.00
N PHE A 231 -21.75 29.11 5.79
CA PHE A 231 -21.32 30.34 5.15
C PHE A 231 -21.04 30.08 3.67
N THR A 232 -21.45 31.03 2.82
CA THR A 232 -21.17 31.00 1.40
C THR A 232 -20.34 32.22 1.04
N LEU A 233 -19.22 32.00 0.36
CA LEU A 233 -18.31 33.07 -0.02
C LEU A 233 -18.64 33.55 -1.42
N ILE A 234 -19.02 34.82 -1.54
CA ILE A 234 -19.26 35.46 -2.83
C ILE A 234 -18.10 36.38 -3.10
N ASP A 235 -17.29 36.07 -4.10
CA ASP A 235 -16.09 36.83 -4.43
C ASP A 235 -16.11 37.24 -5.88
N ASN A 236 -15.86 38.52 -6.13
CA ASN A 236 -15.74 39.02 -7.50
C ASN A 236 -14.61 40.03 -7.67
N GLN A 237 -13.73 40.18 -6.67
CA GLN A 237 -12.63 41.13 -6.74
C GLN A 237 -11.26 40.47 -6.62
N THR A 238 -11.16 39.30 -5.98
CA THR A 238 -9.86 38.65 -5.83
C THR A 238 -9.27 38.27 -7.18
N LEU A 239 -10.09 37.72 -8.07
CA LEU A 239 -9.68 37.39 -9.42
C LEU A 239 -10.41 38.30 -10.40
N SER A 240 -9.66 38.97 -11.27
CA SER A 240 -10.26 39.95 -12.17
C SER A 240 -11.12 39.24 -13.21
N GLY A 241 -12.36 39.69 -13.34
CA GLY A 241 -13.28 39.15 -14.31
C GLY A 241 -13.93 37.84 -13.93
N PHE A 242 -13.66 37.31 -12.73
CA PHE A 242 -14.19 36.03 -12.29
C PHE A 242 -15.08 36.22 -11.08
N GLN A 243 -16.18 35.48 -11.04
CA GLN A 243 -17.11 35.49 -9.92
C GLN A 243 -17.10 34.12 -9.27
N PHE A 244 -17.00 34.09 -7.95
CA PHE A 244 -16.94 32.84 -7.19
C PHE A 244 -18.02 32.83 -6.13
N ILE A 245 -18.77 31.73 -6.07
CA ILE A 245 -19.82 31.53 -5.07
C ILE A 245 -19.45 30.29 -4.27
N LEU A 246 -18.15 30.10 -4.03
CA LEU A 246 -17.64 28.90 -3.40
C LEU A 246 -18.34 28.58 -2.08
N ASN A 247 -18.64 27.30 -1.89
CA ASN A 247 -19.28 26.80 -0.68
C ASN A 247 -18.80 25.37 -0.47
N GLN A 248 -19.15 24.81 0.69
CA GLN A 248 -18.78 23.42 0.99
C GLN A 248 -19.48 22.46 0.04
N TYR A 249 -20.75 22.71 -0.27
CA TYR A 249 -21.56 21.80 -1.08
C TYR A 249 -21.72 22.28 -2.52
N GLY A 250 -20.97 23.28 -2.94
CA GLY A 250 -21.05 23.74 -4.32
C GLY A 250 -20.08 24.87 -4.57
N CYS A 251 -19.90 25.17 -5.86
CA CYS A 251 -18.98 26.23 -6.27
C CYS A 251 -19.41 26.70 -7.64
N ILE A 252 -19.95 27.91 -7.73
CA ILE A 252 -20.44 28.49 -8.98
C ILE A 252 -19.41 29.52 -9.46
N VAL A 253 -18.97 29.37 -10.71
CA VAL A 253 -18.01 30.27 -11.32
C VAL A 253 -18.67 30.96 -12.50
N TYR A 254 -18.59 32.29 -12.54
CA TYR A 254 -19.21 33.09 -13.58
C TYR A 254 -18.18 34.06 -14.14
N HIS A 255 -18.06 34.08 -15.47
CA HIS A 255 -17.14 34.98 -16.17
C HIS A 255 -17.97 36.00 -16.93
N LYS A 256 -17.99 37.24 -16.43
CA LYS A 256 -18.81 38.28 -17.07
C LYS A 256 -18.29 38.62 -18.46
N GLU A 257 -16.97 38.67 -18.63
CA GLU A 257 -16.39 39.07 -19.91
C GLU A 257 -16.74 38.08 -21.02
N LEU A 258 -16.69 36.78 -20.71
CA LEU A 258 -16.98 35.75 -21.70
C LEU A 258 -18.43 35.25 -21.64
N LYS A 259 -19.21 35.72 -20.66
CA LYS A 259 -20.61 35.34 -20.51
C LYS A 259 -20.76 33.82 -20.42
N ARG A 260 -20.00 33.21 -19.52
CA ARG A 260 -20.04 31.77 -19.29
C ARG A 260 -20.19 31.51 -17.79
N ILE A 261 -20.81 30.38 -17.46
CA ILE A 261 -21.09 30.06 -16.06
C ILE A 261 -21.21 28.54 -15.92
N THR A 262 -20.71 28.02 -14.80
CA THR A 262 -20.92 26.63 -14.42
C THR A 262 -21.22 26.54 -12.93
N VAL A 263 -21.39 25.31 -12.47
CA VAL A 263 -21.39 24.98 -11.05
C VAL A 263 -20.43 23.81 -10.85
N THR A 264 -19.61 23.88 -9.81
CA THR A 264 -18.66 22.83 -9.54
C THR A 264 -18.76 22.41 -8.08
N THR A 265 -17.80 21.62 -7.61
CA THR A 265 -17.77 21.18 -6.22
C THR A 265 -16.61 21.83 -5.49
N TYR A 266 -16.70 21.78 -4.15
CA TYR A 266 -15.59 22.24 -3.34
C TYR A 266 -14.33 21.46 -3.66
N ASN A 267 -14.47 20.17 -3.95
CA ASN A 267 -13.32 19.39 -4.39
C ASN A 267 -12.80 19.87 -5.75
N GLN A 268 -13.68 20.32 -6.63
CA GLN A 268 -13.22 20.87 -7.91
C GLN A 268 -12.42 22.15 -7.71
N PHE A 269 -12.90 23.04 -6.82
CA PHE A 269 -12.11 24.23 -6.53
C PHE A 269 -10.78 23.88 -5.87
N LEU A 270 -10.80 22.89 -4.98
CA LEU A 270 -9.57 22.44 -4.33
C LEU A 270 -8.57 21.91 -5.36
N THR A 271 -9.05 21.14 -6.33
CA THR A 271 -8.12 20.60 -7.32
C THR A 271 -7.67 21.68 -8.29
N TRP A 272 -8.48 22.71 -8.53
CA TRP A 272 -7.99 23.86 -9.30
C TRP A 272 -6.83 24.54 -8.57
N LYS A 273 -7.03 24.80 -7.28
CA LYS A 273 -5.95 25.40 -6.49
C LYS A 273 -4.73 24.49 -6.46
N ASP A 274 -4.93 23.18 -6.46
CA ASP A 274 -3.81 22.25 -6.44
C ASP A 274 -3.09 22.22 -7.79
N ILE A 275 -3.83 22.39 -8.89
CA ILE A 275 -3.19 22.55 -10.20
C ILE A 275 -2.29 23.78 -10.18
N SER A 276 -2.82 24.90 -9.67
CA SER A 276 -2.02 26.12 -9.62
C SER A 276 -0.78 25.93 -8.76
N LEU A 277 -0.94 25.30 -7.59
CA LEU A 277 0.19 25.07 -6.71
C LEU A 277 1.21 24.12 -7.32
N SER A 278 0.74 23.07 -8.00
CA SER A 278 1.65 22.10 -8.61
C SER A 278 2.45 22.74 -9.73
N ARG A 279 1.80 23.55 -10.57
CA ARG A 279 2.53 24.20 -11.65
C ARG A 279 3.49 25.24 -11.09
N LEU A 280 3.11 25.95 -10.02
CA LEU A 280 4.04 26.85 -9.36
C LEU A 280 5.24 26.10 -8.83
N ASN A 281 5.03 24.94 -8.21
CA ASN A 281 6.13 24.15 -7.67
C ASN A 281 7.06 23.67 -8.77
N VAL A 282 6.49 23.19 -9.88
CA VAL A 282 7.32 22.75 -11.00
C VAL A 282 8.17 23.90 -11.51
N CYS A 283 7.54 25.06 -11.74
CA CYS A 283 8.27 26.21 -12.27
C CYS A 283 9.36 26.66 -11.31
N LEU A 284 9.05 26.71 -10.01
CA LEU A 284 10.02 27.15 -9.02
C LEU A 284 11.20 26.19 -8.93
N ILE A 285 10.92 24.89 -8.88
CA ILE A 285 11.99 23.89 -8.78
C ILE A 285 12.87 23.93 -10.01
N THR A 286 12.26 23.99 -11.20
CA THR A 286 13.05 24.02 -12.43
C THR A 286 13.86 25.31 -12.52
N TRP A 287 13.29 26.45 -12.12
CA TRP A 287 14.03 27.69 -12.13
C TRP A 287 15.23 27.65 -11.19
N ILE A 288 15.02 27.13 -9.98
CA ILE A 288 16.13 27.03 -9.02
C ILE A 288 17.21 26.10 -9.55
N SER A 289 16.81 24.95 -10.11
CA SER A 289 17.78 24.01 -10.63
C SER A 289 18.57 24.59 -11.79
N ASN A 290 17.89 25.29 -12.70
CA ASN A 290 18.57 25.92 -13.83
C ASN A 290 19.52 27.01 -13.37
N CYS A 291 19.10 27.83 -12.39
CA CYS A 291 19.97 28.87 -11.89
C CYS A 291 21.19 28.29 -11.19
N LEU A 292 21.02 27.20 -10.45
CA LEU A 292 22.16 26.53 -9.84
C LEU A 292 23.10 25.94 -10.88
N ASN A 293 22.54 25.30 -11.91
CA ASN A 293 23.36 24.73 -12.97
C ASN A 293 24.07 25.80 -13.78
N THR A 294 23.55 27.04 -13.77
CA THR A 294 24.20 28.12 -14.51
C THR A 294 25.61 28.37 -13.99
N LEU A 295 25.79 28.40 -12.68
CA LEU A 295 27.11 28.65 -12.10
C LEU A 295 27.81 27.38 -11.66
N ASN A 296 27.11 26.25 -11.59
CA ASN A 296 27.75 24.97 -11.24
C ASN A 296 26.89 23.86 -11.80
N LYS A 297 27.36 23.22 -12.87
CA LYS A 297 26.54 22.26 -13.59
C LYS A 297 26.20 21.03 -12.74
N SER A 298 26.94 20.76 -11.68
CA SER A 298 26.69 19.63 -10.81
C SER A 298 26.13 20.04 -9.46
N LEU A 299 25.51 21.22 -9.38
CA LEU A 299 24.95 21.73 -8.13
C LEU A 299 23.44 21.55 -8.05
N GLY A 300 22.73 21.73 -9.16
CA GLY A 300 21.28 21.61 -9.18
C GLY A 300 20.80 20.22 -9.53
N LEU A 301 19.54 20.13 -9.91
CA LEU A 301 18.95 18.85 -10.28
C LEU A 301 19.53 18.37 -11.60
N ARG A 302 19.49 17.04 -11.78
CA ARG A 302 20.01 16.45 -13.02
C ARG A 302 19.22 16.91 -14.24
N CYS A 303 17.89 16.94 -14.13
CA CYS A 303 17.07 17.37 -15.24
C CYS A 303 17.13 18.89 -15.41
N GLY A 304 16.72 19.34 -16.59
CA GLY A 304 16.71 20.76 -16.88
C GLY A 304 15.72 21.17 -17.94
N PHE A 305 14.89 22.16 -17.64
CA PHE A 305 13.92 22.71 -18.59
C PHE A 305 14.00 24.23 -18.56
N ASN A 306 13.76 24.84 -19.72
CA ASN A 306 13.70 26.29 -19.82
C ASN A 306 12.37 26.85 -19.32
N ASN A 307 11.37 25.99 -19.13
CA ASN A 307 10.07 26.30 -18.55
C ASN A 307 9.17 27.09 -19.49
N VAL A 308 9.71 27.60 -20.60
CA VAL A 308 8.84 28.09 -21.66
C VAL A 308 8.12 26.91 -22.31
N ILE A 309 8.86 25.85 -22.58
CA ILE A 309 8.26 24.61 -23.07
C ILE A 309 7.27 24.06 -22.04
N LEU A 310 7.60 24.19 -20.76
CA LEU A 310 6.71 23.65 -19.72
C LEU A 310 5.40 24.43 -19.65
N THR A 311 5.47 25.76 -19.70
CA THR A 311 4.25 26.57 -19.68
C THR A 311 3.41 26.31 -20.93
N GLN A 312 4.05 26.23 -22.10
CA GLN A 312 3.32 25.91 -23.32
C GLN A 312 2.71 24.51 -23.23
N LEU A 313 3.42 23.57 -22.60
CA LEU A 313 2.92 22.22 -22.43
C LEU A 313 1.68 22.20 -21.55
N PHE A 314 1.70 22.97 -20.46
CA PHE A 314 0.50 23.07 -19.61
C PHE A 314 -0.66 23.68 -20.39
N LEU A 315 -0.38 24.71 -21.20
CA LEU A 315 -1.43 25.34 -21.98
C LEU A 315 -2.04 24.37 -22.99
N TYR A 316 -1.20 23.60 -23.69
CA TYR A 316 -1.75 22.63 -24.64
C TYR A 316 -2.49 21.51 -23.92
N GLY A 317 -2.00 21.08 -22.75
CA GLY A 317 -2.67 20.02 -22.02
C GLY A 317 -4.06 20.42 -21.56
N ASP A 318 -4.18 21.58 -20.93
CA ASP A 318 -5.51 21.98 -20.49
C ASP A 318 -6.38 22.47 -21.65
N CYS A 319 -5.77 22.88 -22.78
CA CYS A 319 -6.56 23.11 -23.96
C CYS A 319 -7.18 21.83 -24.49
N ILE A 320 -6.41 20.73 -24.47
CA ILE A 320 -6.96 19.42 -24.84
C ILE A 320 -8.07 19.04 -23.87
N LEU A 321 -7.85 19.27 -22.58
CA LEU A 321 -8.88 18.96 -21.60
C LEU A 321 -10.16 19.73 -21.87
N LYS A 322 -10.03 21.04 -22.15
CA LYS A 322 -11.20 21.85 -22.48
C LYS A 322 -11.89 21.37 -23.75
N LEU A 323 -11.10 21.04 -24.77
CA LEU A 323 -11.67 20.64 -26.06
C LEU A 323 -12.39 19.30 -25.98
N PHE A 324 -11.87 18.36 -25.19
CA PHE A 324 -12.48 17.05 -25.05
C PHE A 324 -13.31 16.93 -23.78
N HIS A 325 -13.56 18.00 -23.08
CA HIS A 325 -14.31 17.97 -21.85
C HIS A 325 -13.78 17.05 -20.80
N ASN A 326 -14.63 16.49 -19.99
CA ASN A 326 -14.19 15.58 -18.94
C ASN A 326 -13.59 14.30 -19.50
N GLU A 327 -13.89 13.95 -20.75
CA GLU A 327 -13.37 12.74 -21.36
C GLU A 327 -11.94 12.91 -21.88
N GLY A 328 -11.39 14.12 -21.83
CA GLY A 328 -10.02 14.36 -22.23
C GLY A 328 -8.98 13.74 -21.32
N PHE A 329 -9.36 13.34 -20.12
CA PHE A 329 -8.44 12.65 -19.23
C PHE A 329 -8.11 11.25 -19.71
N TYR A 330 -8.94 10.67 -20.58
CA TYR A 330 -8.56 9.43 -21.26
C TYR A 330 -7.30 9.66 -22.10
N ILE A 331 -7.26 10.77 -22.83
CA ILE A 331 -6.08 11.10 -23.62
C ILE A 331 -4.92 11.52 -22.71
N ILE A 332 -5.22 12.25 -21.64
CA ILE A 332 -4.18 12.71 -20.73
C ILE A 332 -3.48 11.53 -20.07
N LYS A 333 -4.25 10.50 -19.69
CA LYS A 333 -3.67 9.34 -19.01
C LYS A 333 -2.70 8.60 -19.92
N GLU A 334 -3.00 8.53 -21.22
CA GLU A 334 -2.18 7.74 -22.14
C GLU A 334 -0.82 8.38 -22.40
N VAL A 335 -0.48 9.46 -21.71
CA VAL A 335 0.85 10.05 -21.84
C VAL A 335 1.92 9.12 -21.24
N GLU A 336 1.51 8.21 -20.36
CA GLU A 336 2.40 7.13 -19.93
C GLU A 336 3.04 6.44 -21.13
N GLY A 337 2.22 6.08 -22.12
CA GLY A 337 2.75 5.40 -23.28
C GLY A 337 3.76 6.24 -24.04
N PHE A 338 3.48 7.53 -24.18
CA PHE A 338 4.38 8.39 -24.95
C PHE A 338 5.71 8.57 -24.23
N ILE A 339 5.68 8.80 -22.92
CA ILE A 339 6.92 8.97 -22.16
C ILE A 339 7.73 7.68 -22.19
N MET A 340 7.06 6.53 -22.00
CA MET A 340 7.78 5.27 -22.04
C MET A 340 8.35 5.00 -23.42
N SER A 341 7.63 5.37 -24.48
CA SER A 341 8.14 5.20 -25.83
C SER A 341 9.35 6.08 -26.08
N LEU A 342 9.34 7.32 -25.56
CA LEU A 342 10.49 8.19 -25.71
C LEU A 342 11.71 7.63 -24.97
N ILE A 343 11.48 7.03 -23.81
CA ILE A 343 12.59 6.38 -23.08
C ILE A 343 13.10 5.17 -23.86
N LEU A 344 12.19 4.38 -24.43
CA LEU A 344 12.59 3.18 -25.16
C LEU A 344 13.32 3.55 -26.45
N ASN A 345 12.97 4.68 -27.05
CA ASN A 345 13.68 5.14 -28.24
C ASN A 345 15.16 5.36 -27.95
N ILE A 346 15.49 5.74 -26.73
CA ILE A 346 16.88 5.95 -26.34
C ILE A 346 17.54 4.64 -25.90
N THR A 347 16.86 3.87 -25.07
CA THR A 347 17.54 2.71 -24.47
C THR A 347 17.41 1.45 -25.32
N GLU A 348 16.19 1.10 -25.70
CA GLU A 348 15.88 -0.19 -26.31
C GLU A 348 16.46 -0.28 -27.72
N GLU A 349 16.32 -1.46 -28.32
CA GLU A 349 16.83 -1.73 -29.66
C GLU A 349 15.77 -1.31 -30.69
N ASP A 350 16.07 -1.55 -31.97
CA ASP A 350 15.24 -1.01 -33.04
C ASP A 350 13.84 -1.64 -33.07
N GLN A 351 13.77 -2.96 -32.91
CA GLN A 351 12.48 -3.64 -33.05
C GLN A 351 11.57 -3.37 -31.86
N PHE A 352 12.11 -3.44 -30.64
CA PHE A 352 11.31 -3.18 -29.46
C PHE A 352 10.78 -1.76 -29.45
N ARG A 353 11.63 -0.78 -29.77
CA ARG A 353 11.20 0.61 -29.74
C ARG A 353 10.14 0.88 -30.80
N LYS A 354 10.29 0.30 -31.99
CA LYS A 354 9.28 0.50 -33.03
C LYS A 354 7.95 -0.12 -32.63
N ARG A 355 7.98 -1.35 -32.08
CA ARG A 355 6.74 -2.00 -31.65
C ARG A 355 6.05 -1.19 -30.57
N PHE A 356 6.82 -0.72 -29.58
CA PHE A 356 6.23 0.06 -28.50
C PHE A 356 5.69 1.39 -29.01
N TYR A 357 6.40 2.04 -29.93
CA TYR A 357 5.93 3.31 -30.47
C TYR A 357 4.62 3.13 -31.22
N ASN A 358 4.52 2.09 -32.05
CA ASN A 358 3.28 1.84 -32.78
C ASN A 358 2.14 1.51 -31.82
N SER A 359 2.41 0.70 -30.81
CA SER A 359 1.37 0.35 -29.84
C SER A 359 0.91 1.58 -29.07
N MET A 360 1.85 2.45 -28.70
CA MET A 360 1.49 3.68 -28.00
C MET A 360 0.63 4.58 -28.88
N LEU A 361 1.00 4.73 -30.15
CA LEU A 361 0.19 5.54 -31.05
C LEU A 361 -1.22 4.99 -31.17
N ASN A 362 -1.34 3.67 -31.34
CA ASN A 362 -2.65 3.06 -31.42
C ASN A 362 -3.45 3.28 -30.15
N ASN A 363 -2.81 3.15 -28.98
CA ASN A 363 -3.50 3.35 -27.72
C ASN A 363 -4.00 4.77 -27.56
N ILE A 364 -3.16 5.76 -27.88
CA ILE A 364 -3.56 7.16 -27.73
C ILE A 364 -4.71 7.49 -28.68
N THR A 365 -4.61 7.05 -29.93
CA THR A 365 -5.67 7.37 -30.88
C THR A 365 -6.97 6.65 -30.54
N ASP A 366 -6.89 5.41 -30.06
CA ASP A 366 -8.08 4.70 -29.63
C ASP A 366 -8.73 5.40 -28.44
N ALA A 367 -7.91 5.86 -27.49
CA ALA A 367 -8.44 6.58 -26.35
C ALA A 367 -9.11 7.88 -26.77
N ALA A 368 -8.51 8.60 -27.72
CA ALA A 368 -9.10 9.84 -28.20
C ALA A 368 -10.43 9.59 -28.91
N ASN A 369 -10.49 8.56 -29.75
CA ASN A 369 -11.73 8.23 -30.44
C ASN A 369 -12.82 7.82 -29.46
N LYS A 370 -12.46 7.00 -28.47
CA LYS A 370 -13.43 6.58 -27.46
C LYS A 370 -13.93 7.77 -26.65
N ALA A 371 -13.01 8.68 -26.30
CA ALA A 371 -13.41 9.87 -25.56
C ALA A 371 -14.38 10.73 -26.37
N GLN A 372 -14.08 10.93 -27.65
CA GLN A 372 -14.98 11.72 -28.49
C GLN A 372 -16.35 11.07 -28.60
N LYS A 373 -16.38 9.75 -28.83
CA LYS A 373 -17.65 9.05 -28.96
C LYS A 373 -18.45 9.12 -27.67
N ASN A 374 -17.79 8.89 -26.53
CA ASN A 374 -18.49 8.94 -25.25
C ASN A 374 -19.01 10.33 -24.95
N LEU A 375 -18.21 11.37 -25.25
CA LEU A 375 -18.65 12.74 -25.02
C LEU A 375 -19.88 13.06 -25.86
N LEU A 376 -19.83 12.74 -27.16
CA LEU A 376 -20.96 13.02 -28.03
C LEU A 376 -22.21 12.28 -27.58
N SER A 377 -22.05 11.02 -27.15
CA SER A 377 -23.20 10.29 -26.63
C SER A 377 -23.74 10.92 -25.36
N ARG A 378 -22.85 11.36 -24.47
CA ARG A 378 -23.28 11.80 -23.13
C ARG A 378 -23.96 13.15 -23.19
N VAL A 379 -23.39 14.11 -23.91
CA VAL A 379 -23.87 15.49 -23.81
C VAL A 379 -24.94 15.76 -24.85
N CYS A 380 -25.45 14.70 -25.48
CA CYS A 380 -26.46 14.87 -26.53
C CYS A 380 -27.74 15.49 -25.99
N HIS A 381 -28.44 14.77 -25.13
CA HIS A 381 -29.72 15.24 -24.58
C HIS A 381 -29.53 15.88 -23.20
N THR A 382 -28.67 16.89 -23.16
CA THR A 382 -28.40 17.61 -21.92
C THR A 382 -28.36 19.10 -22.24
N LEU A 383 -27.97 19.90 -21.24
CA LEU A 383 -27.77 21.33 -21.44
C LEU A 383 -26.42 21.64 -22.08
N LEU A 384 -25.57 20.64 -22.27
CA LEU A 384 -24.27 20.80 -22.90
C LEU A 384 -24.27 20.33 -24.36
N ASP A 385 -25.42 20.39 -25.03
CA ASP A 385 -25.51 19.89 -26.40
C ASP A 385 -24.75 20.78 -27.37
N LYS A 386 -24.84 22.10 -27.18
CA LYS A 386 -24.23 23.05 -28.09
C LYS A 386 -22.86 23.52 -27.64
N THR A 387 -22.33 22.98 -26.55
CA THR A 387 -21.02 23.38 -26.06
C THR A 387 -19.87 22.58 -26.64
N VAL A 388 -20.16 21.55 -27.44
CA VAL A 388 -19.11 20.74 -28.04
C VAL A 388 -18.38 21.57 -29.09
N SER A 389 -17.05 21.58 -29.02
CA SER A 389 -16.25 22.37 -29.93
C SER A 389 -16.38 21.85 -31.36
N ASP A 390 -16.31 22.79 -32.31
CA ASP A 390 -16.37 22.42 -33.73
C ASP A 390 -15.20 21.55 -34.14
N ASN A 391 -14.09 21.59 -33.39
CA ASN A 391 -12.92 20.78 -33.73
C ASN A 391 -13.16 19.29 -33.53
N ILE A 392 -14.20 18.92 -32.77
CA ILE A 392 -14.49 17.50 -32.57
C ILE A 392 -14.99 16.86 -33.86
N ILE A 393 -15.95 17.51 -34.52
CA ILE A 393 -16.60 16.90 -35.68
C ILE A 393 -15.62 16.79 -36.85
N ASN A 394 -14.92 17.88 -37.17
CA ASN A 394 -14.04 17.90 -38.32
C ASN A 394 -12.71 17.20 -38.07
N GLY A 395 -12.40 16.87 -36.82
CA GLY A 395 -11.19 16.12 -36.53
C GLY A 395 -9.90 16.90 -36.53
N ARG A 396 -9.96 18.22 -36.33
CA ARG A 396 -8.73 18.99 -36.21
C ARG A 396 -8.04 18.80 -34.86
N TRP A 397 -8.68 18.10 -33.92
CA TRP A 397 -8.05 17.81 -32.64
C TRP A 397 -6.77 16.99 -32.79
N ILE A 398 -6.61 16.28 -33.92
CA ILE A 398 -5.40 15.51 -34.13
C ILE A 398 -4.20 16.45 -34.25
N ILE A 399 -4.38 17.63 -34.84
CA ILE A 399 -3.28 18.61 -34.92
C ILE A 399 -2.89 19.05 -33.52
N LEU A 400 -3.88 19.35 -32.67
CA LEU A 400 -3.59 19.78 -31.31
C LEU A 400 -2.88 18.69 -30.52
N LEU A 401 -3.33 17.44 -30.66
CA LEU A 401 -2.68 16.33 -29.97
C LEU A 401 -1.26 16.12 -30.48
N SER A 402 -1.04 16.27 -31.79
CA SER A 402 0.31 16.16 -32.34
C SER A 402 1.21 17.26 -31.79
N LYS A 403 0.68 18.49 -31.69
CA LYS A 403 1.45 19.57 -31.09
C LYS A 403 1.80 19.25 -29.65
N PHE A 404 0.85 18.72 -28.89
CA PHE A 404 1.11 18.36 -27.50
C PHE A 404 2.22 17.31 -27.40
N LEU A 405 2.14 16.28 -28.24
CA LEU A 405 3.14 15.21 -28.21
C LEU A 405 4.51 15.74 -28.62
N LYS A 406 4.56 16.55 -29.68
CA LYS A 406 5.85 17.10 -30.11
C LYS A 406 6.45 17.99 -29.04
N LEU A 407 5.61 18.77 -28.34
CA LEU A 407 6.11 19.65 -27.29
C LEU A 407 6.59 18.84 -26.10
N ILE A 408 5.91 17.73 -25.78
CA ILE A 408 6.38 16.84 -24.72
C ILE A 408 7.74 16.25 -25.10
N LYS A 409 7.89 15.83 -26.35
CA LYS A 409 9.18 15.29 -26.79
C LYS A 409 10.27 16.34 -26.73
N LEU A 410 9.95 17.58 -27.11
CA LEU A 410 10.93 18.66 -27.02
C LEU A 410 11.33 18.94 -25.58
N ALA A 411 10.35 18.91 -24.67
CA ALA A 411 10.67 19.09 -23.25
C ALA A 411 11.56 17.97 -22.74
N GLY A 412 11.29 16.73 -23.17
CA GLY A 412 12.18 15.64 -22.83
C GLY A 412 13.58 15.84 -23.37
N ASP A 413 13.69 16.41 -24.57
CA ASP A 413 14.97 16.80 -25.16
C ASP A 413 15.92 15.60 -25.27
N ASN A 414 15.33 14.44 -25.62
CA ASN A 414 16.08 13.22 -25.88
C ASN A 414 17.00 12.87 -24.71
N ASN A 415 16.56 13.16 -23.49
CA ASN A 415 17.37 12.99 -22.29
C ASN A 415 16.67 12.04 -21.34
N LEU A 416 17.44 11.09 -20.78
CA LEU A 416 16.87 10.14 -19.83
C LEU A 416 16.41 10.84 -18.57
N ASN A 417 17.20 11.79 -18.06
CA ASN A 417 16.83 12.49 -16.83
C ASN A 417 15.53 13.27 -17.02
N ASN A 418 15.45 14.06 -18.10
CA ASN A 418 14.25 14.86 -18.35
C ASN A 418 13.03 13.98 -18.56
N LEU A 419 13.17 12.92 -19.37
CA LEU A 419 12.02 12.06 -19.64
C LEU A 419 11.55 11.34 -18.39
N SER A 420 12.48 10.90 -17.55
CA SER A 420 12.10 10.27 -16.28
C SER A 420 11.41 11.28 -15.37
N GLU A 421 11.92 12.51 -15.31
CA GLU A 421 11.35 13.53 -14.44
C GLU A 421 10.02 14.07 -14.94
N LEU A 422 9.71 13.92 -16.23
CA LEU A 422 8.49 14.47 -16.80
C LEU A 422 7.21 13.88 -16.23
N TYR A 423 7.30 12.84 -15.40
CA TYR A 423 6.11 12.13 -14.96
C TYR A 423 5.19 12.98 -14.10
N PHE A 424 5.60 14.20 -13.73
CA PHE A 424 4.73 15.06 -12.94
C PHE A 424 3.55 15.57 -13.74
N LEU A 425 3.60 15.47 -15.07
CA LEU A 425 2.51 15.97 -15.91
C LEU A 425 1.19 15.29 -15.60
N PHE A 426 1.22 14.08 -15.06
CA PHE A 426 -0.01 13.36 -14.74
C PHE A 426 -0.77 14.07 -13.62
N ARG A 427 -0.05 14.54 -12.60
CA ARG A 427 -0.66 15.27 -11.50
C ARG A 427 -0.74 16.76 -11.76
N ILE A 428 -0.05 17.27 -12.77
CA ILE A 428 -0.13 18.70 -13.10
C ILE A 428 -1.57 19.04 -13.50
N PHE A 429 -2.16 18.25 -14.38
CA PHE A 429 -3.57 18.43 -14.70
C PHE A 429 -4.44 17.86 -13.58
N GLY A 430 -5.70 18.25 -13.59
CA GLY A 430 -6.60 17.87 -12.52
C GLY A 430 -6.95 16.40 -12.54
N HIS A 431 -8.00 16.07 -11.80
CA HIS A 431 -8.50 14.72 -11.76
C HIS A 431 -9.86 14.65 -12.43
N PRO A 432 -10.17 13.54 -13.10
CA PRO A 432 -11.45 13.45 -13.80
C PRO A 432 -12.62 13.39 -12.84
N MET A 433 -13.76 13.88 -13.29
CA MET A 433 -15.01 13.75 -12.54
C MET A 433 -15.50 12.32 -12.76
N VAL A 434 -15.19 11.43 -11.81
CA VAL A 434 -15.45 10.01 -12.01
C VAL A 434 -16.94 9.75 -11.95
N ASP A 435 -17.46 9.08 -12.98
CA ASP A 435 -18.87 8.68 -13.03
C ASP A 435 -18.98 7.29 -12.42
N GLU A 436 -19.54 7.23 -11.22
CA GLU A 436 -19.59 5.95 -10.49
C GLU A 436 -20.44 4.92 -11.23
N ARG A 437 -21.59 5.36 -11.77
CA ARG A 437 -22.48 4.43 -12.44
C ARG A 437 -21.85 3.84 -13.70
N GLN A 438 -21.13 4.67 -14.47
CA GLN A 438 -20.49 4.17 -15.68
C GLN A 438 -19.40 3.16 -15.36
N ALA A 439 -18.57 3.45 -14.35
CA ALA A 439 -17.53 2.51 -13.95
C ALA A 439 -18.15 1.22 -13.42
N MET A 440 -19.25 1.32 -12.67
CA MET A 440 -19.91 0.12 -12.19
C MET A 440 -20.48 -0.70 -13.33
N ASP A 441 -21.04 -0.04 -14.36
CA ASP A 441 -21.54 -0.78 -15.52
C ASP A 441 -20.40 -1.49 -16.24
N ALA A 442 -19.26 -0.82 -16.37
CA ALA A 442 -18.11 -1.45 -17.02
C ALA A 442 -17.63 -2.67 -16.25
N VAL A 443 -17.48 -2.54 -14.94
CA VAL A 443 -17.01 -3.68 -14.15
C VAL A 443 -18.07 -4.78 -14.13
N LYS A 444 -19.35 -4.43 -14.18
CA LYS A 444 -20.40 -5.44 -14.22
C LYS A 444 -20.33 -6.26 -15.50
N ILE A 445 -20.25 -5.57 -16.65
CA ILE A 445 -20.20 -6.29 -17.92
C ILE A 445 -18.91 -7.08 -18.03
N ASN A 446 -17.84 -6.64 -17.35
CA ASN A 446 -16.61 -7.42 -17.33
C ASN A 446 -16.69 -8.62 -16.40
N CYS A 447 -17.50 -8.54 -15.34
CA CYS A 447 -17.54 -9.56 -14.31
C CYS A 447 -18.56 -10.66 -14.60
N ASN A 448 -19.83 -10.29 -14.78
CA ASN A 448 -20.86 -11.31 -14.89
C ASN A 448 -20.89 -11.95 -16.28
N GLU A 449 -19.74 -12.46 -16.72
CA GLU A 449 -19.60 -13.12 -18.01
C GLU A 449 -19.12 -14.54 -17.78
N THR A 450 -19.76 -15.50 -18.45
CA THR A 450 -19.38 -16.89 -18.30
C THR A 450 -17.99 -17.13 -18.88
N LYS A 451 -17.17 -17.87 -18.15
CA LYS A 451 -15.82 -18.21 -18.58
C LYS A 451 -15.69 -19.71 -18.70
N PHE A 452 -14.94 -20.16 -19.70
CA PHE A 452 -14.78 -21.57 -20.01
C PHE A 452 -13.34 -21.98 -19.78
N TYR A 453 -13.14 -23.01 -18.96
CA TYR A 453 -11.81 -23.49 -18.59
C TYR A 453 -11.68 -24.95 -18.98
N LEU A 454 -10.57 -25.30 -19.63
CA LEU A 454 -10.24 -26.70 -19.80
C LEU A 454 -9.87 -27.30 -18.45
N LEU A 455 -10.42 -28.48 -18.16
CA LEU A 455 -10.16 -29.12 -16.87
C LEU A 455 -8.68 -29.40 -16.69
N SER A 456 -7.97 -29.69 -17.78
CA SER A 456 -6.52 -29.87 -17.70
C SER A 456 -5.85 -28.57 -17.26
N SER A 457 -6.32 -27.43 -17.76
CA SER A 457 -5.74 -26.15 -17.34
C SER A 457 -5.95 -25.88 -15.87
N LEU A 458 -7.17 -26.13 -15.36
CA LEU A 458 -7.43 -25.93 -13.94
C LEU A 458 -6.59 -26.87 -13.09
N SER A 459 -6.48 -28.13 -13.51
CA SER A 459 -5.65 -29.07 -12.78
C SER A 459 -4.19 -28.66 -12.79
N MET A 460 -3.71 -28.14 -13.92
CA MET A 460 -2.34 -27.66 -14.01
C MET A 460 -2.11 -26.49 -13.06
N LEU A 461 -3.04 -25.53 -13.03
CA LEU A 461 -2.89 -24.39 -12.13
C LEU A 461 -2.90 -24.82 -10.67
N ARG A 462 -3.82 -25.71 -10.30
CA ARG A 462 -3.87 -26.20 -8.93
C ARG A 462 -2.60 -26.95 -8.58
N GLY A 463 -2.08 -27.76 -9.51
CA GLY A 463 -0.84 -28.47 -9.25
C GLY A 463 0.35 -27.55 -9.11
N ALA A 464 0.39 -26.47 -9.90
CA ALA A 464 1.45 -25.49 -9.73
C ALA A 464 1.39 -24.82 -8.37
N PHE A 465 0.18 -24.48 -7.92
CA PHE A 465 0.03 -23.91 -6.58
C PHE A 465 0.46 -24.90 -5.50
N ILE A 466 0.09 -26.17 -5.67
CA ILE A 466 0.47 -27.21 -4.71
C ILE A 466 1.99 -27.36 -4.68
N TYR A 467 2.62 -27.34 -5.86
CA TYR A 467 4.07 -27.46 -5.92
C TYR A 467 4.76 -26.28 -5.23
N ARG A 468 4.23 -25.07 -5.43
CA ARG A 468 4.78 -23.91 -4.72
C ARG A 468 4.64 -24.06 -3.22
N ILE A 469 3.48 -24.54 -2.77
CA ILE A 469 3.26 -24.74 -1.33
C ILE A 469 4.23 -25.77 -0.78
N ILE A 470 4.42 -26.88 -1.49
CA ILE A 470 5.33 -27.93 -1.06
C ILE A 470 6.77 -27.43 -1.01
N LYS A 471 7.18 -26.67 -2.05
CA LYS A 471 8.52 -26.11 -2.06
C LYS A 471 8.74 -25.18 -0.88
N GLY A 472 7.75 -24.33 -0.59
CA GLY A 472 7.88 -23.45 0.57
C GLY A 472 7.95 -24.21 1.87
N PHE A 473 7.09 -25.21 2.04
CA PHE A 473 7.12 -26.01 3.26
C PHE A 473 8.46 -26.70 3.45
N VAL A 474 8.99 -27.29 2.37
CA VAL A 474 10.29 -27.96 2.48
C VAL A 474 11.37 -26.95 2.84
N ASN A 475 11.44 -25.84 2.10
CA ASN A 475 12.50 -24.87 2.31
C ASN A 475 12.44 -24.24 3.69
N ASN A 476 11.25 -24.18 4.29
CA ASN A 476 11.12 -23.53 5.59
C ASN A 476 11.22 -24.51 6.75
N TYR A 477 10.33 -25.50 6.80
CA TYR A 477 10.23 -26.40 7.93
C TYR A 477 10.93 -27.74 7.69
N ASN A 478 11.63 -27.89 6.57
CA ASN A 478 12.39 -29.11 6.26
C ASN A 478 11.52 -30.36 6.28
N ARG A 479 10.25 -30.25 5.89
CA ARG A 479 9.39 -31.42 5.87
C ARG A 479 8.18 -31.17 4.97
N TRP A 480 7.68 -32.26 4.40
CA TRP A 480 6.42 -32.24 3.68
C TRP A 480 5.25 -31.93 4.63
N PRO A 481 4.25 -31.21 4.14
CA PRO A 481 3.04 -31.01 4.94
C PRO A 481 2.29 -32.32 5.13
N THR A 482 1.60 -32.43 6.26
CA THR A 482 0.79 -33.60 6.54
C THR A 482 -0.39 -33.65 5.59
N LEU A 483 -0.42 -34.66 4.72
CA LEU A 483 -1.39 -34.75 3.65
C LEU A 483 -2.21 -36.04 3.77
N ARG A 484 -3.51 -35.93 3.53
CA ARG A 484 -4.41 -37.08 3.68
C ARG A 484 -4.18 -38.10 2.58
N ASN A 485 -4.13 -37.65 1.32
CA ASN A 485 -4.07 -38.55 0.17
C ASN A 485 -2.63 -39.00 -0.07
N ALA A 486 -2.18 -39.88 0.82
CA ALA A 486 -0.86 -40.48 0.65
C ALA A 486 -0.84 -41.53 -0.45
N ILE A 487 -1.99 -42.10 -0.79
CA ILE A 487 -2.05 -43.12 -1.82
C ILE A 487 -2.23 -42.53 -3.22
N VAL A 488 -2.68 -41.28 -3.32
CA VAL A 488 -2.92 -40.68 -4.64
C VAL A 488 -1.61 -40.53 -5.40
N LEU A 489 -0.54 -40.18 -4.70
CA LEU A 489 0.75 -39.99 -5.36
C LEU A 489 1.27 -41.33 -5.88
N PRO A 490 1.94 -41.34 -7.02
CA PRO A 490 2.59 -42.58 -7.48
C PRO A 490 3.85 -42.87 -6.69
N LEU A 491 4.60 -43.90 -7.09
CA LEU A 491 5.82 -44.25 -6.36
C LEU A 491 6.87 -43.15 -6.47
N ARG A 492 6.95 -42.49 -7.64
CA ARG A 492 7.94 -41.44 -7.83
C ARG A 492 7.74 -40.30 -6.85
N TRP A 493 6.49 -39.86 -6.69
CA TRP A 493 6.20 -38.80 -5.72
C TRP A 493 6.19 -39.32 -4.29
N LEU A 494 5.92 -40.62 -4.10
CA LEU A 494 5.98 -41.18 -2.77
C LEU A 494 7.40 -41.19 -2.23
N THR A 495 8.38 -41.40 -3.11
CA THR A 495 9.77 -41.28 -2.68
C THR A 495 10.07 -39.87 -2.18
N TYR A 496 9.62 -38.86 -2.92
CA TYR A 496 9.78 -37.48 -2.49
C TYR A 496 9.04 -37.21 -1.18
N TYR A 497 7.92 -37.89 -0.95
CA TYR A 497 7.17 -37.69 0.28
C TYR A 497 7.90 -38.30 1.48
N LYS A 498 8.40 -39.53 1.32
CA LYS A 498 9.09 -40.19 2.43
C LYS A 498 10.40 -39.50 2.76
N LEU A 499 11.22 -39.23 1.75
CA LEU A 499 12.45 -38.48 1.94
C LEU A 499 12.21 -37.05 1.46
N ASN A 500 12.29 -36.10 2.40
CA ASN A 500 11.71 -34.76 2.20
C ASN A 500 12.57 -33.96 1.24
N THR A 501 12.31 -34.15 -0.06
CA THR A 501 12.93 -33.36 -1.12
C THR A 501 11.87 -33.08 -2.18
N TYR A 502 12.16 -32.10 -3.02
CA TYR A 502 11.27 -31.78 -4.14
C TYR A 502 12.09 -31.71 -5.42
N PRO A 503 11.51 -32.12 -6.54
CA PRO A 503 12.21 -31.98 -7.82
C PRO A 503 12.24 -30.52 -8.27
N SER A 504 13.28 -30.19 -9.03
CA SER A 504 13.40 -28.84 -9.56
C SER A 504 12.51 -28.67 -10.79
N LEU A 505 12.42 -27.43 -11.27
CA LEU A 505 11.57 -27.15 -12.42
C LEU A 505 12.06 -27.82 -13.69
N LEU A 506 13.36 -28.10 -13.79
CA LEU A 506 13.89 -28.76 -14.98
C LEU A 506 13.32 -30.18 -15.11
N GLU A 507 13.26 -30.91 -14.00
CA GLU A 507 12.69 -32.26 -14.02
C GLU A 507 11.20 -32.29 -13.72
N LEU A 508 10.63 -31.17 -13.27
CA LEU A 508 9.19 -31.12 -13.05
C LEU A 508 8.47 -31.02 -14.39
N THR A 509 7.23 -31.52 -14.43
CA THR A 509 6.53 -31.63 -15.71
C THR A 509 5.05 -31.40 -15.53
N GLU A 510 4.39 -31.13 -16.66
CA GLU A 510 2.94 -30.97 -16.69
C GLU A 510 2.25 -32.17 -16.05
N ARG A 511 2.80 -33.36 -16.29
CA ARG A 511 2.23 -34.57 -15.71
C ARG A 511 2.29 -34.53 -14.19
N ASP A 512 3.42 -34.09 -13.64
CA ASP A 512 3.54 -33.98 -12.19
C ASP A 512 2.62 -32.90 -11.63
N LEU A 513 2.41 -31.81 -12.37
CA LEU A 513 1.43 -30.81 -11.93
C LEU A 513 0.02 -31.39 -11.90
N ILE A 514 -0.35 -32.18 -12.91
CA ILE A 514 -1.65 -32.85 -12.88
C ILE A 514 -1.76 -33.79 -11.70
N VAL A 515 -0.69 -34.55 -11.43
CA VAL A 515 -0.70 -35.50 -10.32
C VAL A 515 -0.88 -34.76 -8.99
N LEU A 516 -0.14 -33.67 -8.80
CA LEU A 516 -0.15 -32.94 -7.55
C LEU A 516 -1.47 -32.23 -7.27
N SER A 517 -2.33 -32.07 -8.27
CA SER A 517 -3.58 -31.35 -8.09
C SER A 517 -4.59 -32.12 -7.24
N GLY A 518 -4.33 -33.38 -6.94
CA GLY A 518 -5.25 -34.18 -6.16
C GLY A 518 -4.75 -34.49 -4.77
N LEU A 519 -4.11 -33.51 -4.14
CA LEU A 519 -3.54 -33.68 -2.80
C LEU A 519 -4.38 -32.92 -1.79
N ARG A 520 -4.72 -33.58 -0.68
CA ARG A 520 -5.43 -32.97 0.43
C ARG A 520 -4.55 -33.02 1.66
N PHE A 521 -4.41 -31.88 2.34
CA PHE A 521 -3.55 -31.76 3.51
C PHE A 521 -4.37 -31.65 4.78
N TYR A 522 -3.72 -31.93 5.90
CA TYR A 522 -4.29 -31.68 7.22
C TYR A 522 -3.99 -30.26 7.66
N ARG A 523 -4.57 -29.87 8.79
CA ARG A 523 -4.33 -28.54 9.33
C ARG A 523 -2.85 -28.39 9.70
N GLU A 524 -2.25 -27.28 9.28
CA GLU A 524 -0.85 -27.02 9.58
C GLU A 524 -0.68 -25.66 10.24
N PHE A 525 -1.57 -24.72 9.92
CA PHE A 525 -1.55 -23.39 10.50
C PHE A 525 -2.80 -23.20 11.36
N ARG A 526 -2.66 -22.38 12.40
CA ARG A 526 -3.70 -22.21 13.40
C ARG A 526 -4.37 -20.86 13.25
N LEU A 527 -5.70 -20.87 13.24
CA LEU A 527 -6.47 -19.63 13.27
C LEU A 527 -6.39 -19.01 14.65
N PRO A 528 -6.14 -17.70 14.75
CA PRO A 528 -6.14 -17.06 16.08
C PRO A 528 -7.53 -17.08 16.69
N LYS A 529 -7.62 -17.53 17.94
CA LYS A 529 -8.91 -17.64 18.60
C LYS A 529 -9.44 -16.29 19.06
N LYS A 530 -8.57 -15.39 19.49
CA LYS A 530 -8.98 -14.07 19.95
C LYS A 530 -8.73 -13.04 18.86
N VAL A 531 -9.72 -12.18 18.64
CA VAL A 531 -9.64 -11.19 17.56
C VAL A 531 -8.53 -10.20 17.85
N ASP A 532 -7.82 -9.78 16.80
CA ASP A 532 -6.68 -8.88 16.93
C ASP A 532 -7.16 -7.46 16.67
N LEU A 533 -7.30 -6.68 17.75
CA LEU A 533 -7.89 -5.35 17.65
C LEU A 533 -7.01 -4.39 16.86
N GLU A 534 -5.68 -4.59 16.87
CA GLU A 534 -4.81 -3.70 16.12
C GLU A 534 -5.10 -3.78 14.62
N MET A 535 -5.29 -4.98 14.10
CA MET A 535 -5.59 -5.18 12.69
C MET A 535 -7.07 -5.13 12.36
N ILE A 536 -7.94 -5.11 13.36
CA ILE A 536 -9.38 -4.92 13.11
C ILE A 536 -9.78 -3.45 13.13
N ILE A 537 -9.37 -2.71 14.18
CA ILE A 537 -9.83 -1.35 14.37
C ILE A 537 -9.19 -0.42 13.33
N ASN A 538 -10.00 0.49 12.79
CA ASN A 538 -9.50 1.50 11.87
C ASN A 538 -10.44 2.70 11.92
N ASP A 539 -9.99 3.80 11.33
CA ASP A 539 -10.78 5.02 11.25
C ASP A 539 -11.58 5.11 9.95
N LYS A 540 -11.58 4.06 9.15
CA LYS A 540 -12.24 4.07 7.86
C LYS A 540 -13.75 3.88 8.03
N ALA A 541 -14.46 3.69 6.92
CA ALA A 541 -15.90 3.53 6.94
C ALA A 541 -16.30 2.14 6.47
N ILE A 542 -17.50 1.72 6.86
CA ILE A 542 -18.05 0.43 6.45
C ILE A 542 -19.44 0.67 5.87
N SER A 543 -19.86 -0.26 5.03
CA SER A 543 -21.20 -0.19 4.47
C SER A 543 -22.23 -0.66 5.51
N PRO A 544 -23.40 -0.05 5.54
CA PRO A 544 -24.47 -0.53 6.42
C PRO A 544 -25.00 -1.86 5.94
N PRO A 545 -25.77 -2.57 6.74
CA PRO A 545 -26.35 -3.85 6.30
C PRO A 545 -27.24 -3.67 5.07
N LYS A 546 -27.65 -4.80 4.51
CA LYS A 546 -28.47 -4.77 3.31
C LYS A 546 -29.81 -4.10 3.58
N ASN A 547 -30.42 -4.38 4.74
CA ASN A 547 -31.68 -3.74 5.09
C ASN A 547 -31.53 -2.27 5.44
N LEU A 548 -30.30 -1.81 5.69
CA LEU A 548 -30.05 -0.41 6.01
C LEU A 548 -29.21 0.29 4.95
N ILE A 549 -29.10 -0.27 3.76
CA ILE A 549 -28.29 0.35 2.70
C ILE A 549 -28.85 1.70 2.30
N TRP A 550 -30.15 1.93 2.52
CA TRP A 550 -30.75 3.23 2.21
C TRP A 550 -30.35 4.31 3.21
N THR A 551 -29.64 3.98 4.26
CA THR A 551 -29.33 4.99 5.22
C THR A 551 -28.18 5.85 4.77
N SER A 552 -27.36 5.43 3.82
CA SER A 552 -26.33 6.29 3.26
C SER A 552 -26.93 7.42 2.41
N PHE A 553 -27.93 7.10 1.59
CA PHE A 553 -28.51 8.11 0.72
C PHE A 553 -29.28 9.14 1.54
N PRO A 554 -29.35 10.38 1.06
CA PRO A 554 -30.12 11.40 1.78
C PRO A 554 -31.61 11.11 1.75
N ARG A 555 -32.32 11.71 2.67
CA ARG A 555 -33.72 11.41 2.71
C ARG A 555 -34.39 11.93 1.50
N ASN A 556 -34.10 13.14 1.14
CA ASN A 556 -34.82 13.76 0.04
C ASN A 556 -34.80 12.87 -1.20
N TYR A 557 -33.65 12.25 -1.49
CA TYR A 557 -33.54 11.42 -2.69
C TYR A 557 -34.35 10.15 -2.57
N MET A 558 -34.39 9.56 -1.37
CA MET A 558 -35.14 8.33 -1.17
C MET A 558 -36.65 8.61 -1.22
N PRO A 559 -37.44 7.67 -1.71
CA PRO A 559 -38.89 7.84 -1.70
C PRO A 559 -39.45 7.78 -0.29
N SER A 560 -40.69 8.27 -0.16
CA SER A 560 -41.33 8.33 1.15
C SER A 560 -41.50 6.95 1.75
N HIS A 561 -41.85 5.96 0.93
CA HIS A 561 -42.01 4.60 1.45
C HIS A 561 -40.68 4.03 1.92
N ILE A 562 -39.59 4.33 1.19
CA ILE A 562 -38.27 3.91 1.66
C ILE A 562 -37.91 4.59 2.97
N GLN A 563 -38.23 5.87 3.11
CA GLN A 563 -37.95 6.57 4.37
C GLN A 563 -38.73 5.95 5.52
N ASN A 564 -40.01 5.65 5.31
CA ASN A 564 -40.81 5.02 6.35
C ASN A 564 -40.27 3.64 6.70
N TYR A 565 -39.90 2.86 5.68
CA TYR A 565 -39.36 1.53 5.92
C TYR A 565 -38.05 1.60 6.71
N ILE A 566 -37.18 2.53 6.37
CA ILE A 566 -35.90 2.63 7.07
C ILE A 566 -36.11 3.14 8.50
N GLU A 567 -37.12 3.99 8.71
CA GLU A 567 -37.43 4.42 10.07
C GLU A 567 -37.97 3.28 10.90
N HIS A 568 -38.79 2.41 10.31
CA HIS A 568 -39.31 1.27 11.04
C HIS A 568 -38.23 0.22 11.29
N GLU A 569 -37.30 0.06 10.35
CA GLU A 569 -36.26 -0.95 10.46
C GLU A 569 -35.06 -0.49 11.27
N LYS A 570 -34.93 0.76 11.56
CA LYS A 570 -33.77 1.11 12.30
C LYS A 570 -33.92 0.45 13.64
N LEU A 571 -35.00 0.70 14.34
CA LEU A 571 -35.12 0.15 15.68
C LEU A 571 -34.96 -1.36 15.72
N LYS A 572 -35.04 -2.03 14.57
CA LYS A 572 -34.87 -3.48 14.50
C LYS A 572 -33.41 -3.90 14.39
N PHE A 573 -32.48 -2.95 14.35
CA PHE A 573 -31.06 -3.24 14.27
C PHE A 573 -30.35 -2.67 15.49
N SER A 574 -29.22 -3.28 15.83
CA SER A 574 -28.45 -2.83 16.98
C SER A 574 -27.81 -1.47 16.70
N GLU A 575 -27.19 -0.91 17.74
CA GLU A 575 -26.52 0.37 17.59
C GLU A 575 -25.19 0.24 16.85
N SER A 576 -24.51 -0.90 16.99
CA SER A 576 -23.20 -1.06 16.37
C SER A 576 -23.31 -1.09 14.85
N ASP A 577 -24.19 -1.92 14.31
CA ASP A 577 -24.32 -2.05 12.86
C ASP A 577 -25.13 -0.92 12.25
N LYS A 578 -25.75 -0.06 13.05
CA LYS A 578 -26.45 1.11 12.55
C LYS A 578 -25.49 2.24 12.18
N SER A 579 -24.22 2.13 12.56
CA SER A 579 -23.23 3.14 12.26
C SER A 579 -22.59 2.91 10.90
N ARG A 580 -21.79 3.89 10.45
CA ARG A 580 -21.13 3.82 9.17
C ARG A 580 -19.61 3.89 9.24
N ARG A 581 -19.03 4.02 10.43
CA ARG A 581 -17.59 4.08 10.60
C ARG A 581 -17.12 2.86 11.37
N VAL A 582 -15.86 2.46 11.12
CA VAL A 582 -15.30 1.29 11.78
C VAL A 582 -15.21 1.51 13.29
N LEU A 583 -14.69 2.68 13.69
CA LEU A 583 -14.52 2.97 15.11
C LEU A 583 -15.86 2.98 15.84
N GLU A 584 -16.86 3.65 15.25
CA GLU A 584 -18.18 3.68 15.87
C GLU A 584 -18.79 2.29 15.91
N TYR A 585 -18.60 1.51 14.85
CA TYR A 585 -19.15 0.16 14.77
C TYR A 585 -18.61 -0.71 15.89
N TYR A 586 -17.32 -0.61 16.17
CA TYR A 586 -16.74 -1.48 17.19
C TYR A 586 -16.90 -0.91 18.60
N LEU A 587 -17.00 0.41 18.74
CA LEU A 587 -17.22 1.00 20.06
C LEU A 587 -18.66 0.86 20.52
N ARG A 588 -19.61 0.79 19.59
CA ARG A 588 -21.01 0.67 19.94
C ARG A 588 -21.47 -0.76 20.12
N ASP A 589 -20.56 -1.74 20.01
CA ASP A 589 -20.91 -3.15 20.14
C ASP A 589 -20.94 -3.51 21.61
N ASN A 590 -22.11 -3.38 22.23
CA ASN A 590 -22.26 -3.74 23.64
C ASN A 590 -22.06 -5.23 23.84
N LYS A 591 -22.60 -6.06 22.94
CA LYS A 591 -22.45 -7.51 23.02
C LYS A 591 -21.23 -7.99 22.23
N PHE A 592 -20.07 -7.40 22.52
CA PHE A 592 -18.84 -7.78 21.84
C PHE A 592 -18.25 -9.04 22.46
N ASN A 593 -17.42 -9.72 21.68
CA ASN A 593 -16.75 -10.93 22.12
C ASN A 593 -15.43 -11.08 21.37
N GLU A 594 -14.36 -11.35 22.11
CA GLU A 594 -13.07 -11.58 21.47
C GLU A 594 -13.11 -12.82 20.59
N CYS A 595 -13.75 -13.89 21.07
CA CYS A 595 -13.91 -15.12 20.29
C CYS A 595 -15.22 -15.09 19.50
N ASP A 596 -15.43 -14.02 18.74
CA ASP A 596 -16.59 -13.88 17.87
C ASP A 596 -16.23 -14.03 16.40
N LEU A 597 -15.15 -13.40 15.95
CA LEU A 597 -14.70 -13.59 14.58
C LEU A 597 -14.29 -15.04 14.33
N TYR A 598 -13.59 -15.65 15.30
CA TYR A 598 -13.20 -17.05 15.16
C TYR A 598 -14.42 -17.95 15.08
N ASN A 599 -15.42 -17.71 15.94
CA ASN A 599 -16.64 -18.51 15.90
C ASN A 599 -17.37 -18.34 14.59
N CYS A 600 -17.46 -17.11 14.09
CA CYS A 600 -18.12 -16.87 12.81
C CYS A 600 -17.39 -17.57 11.67
N VAL A 601 -16.06 -17.52 11.66
CA VAL A 601 -15.30 -18.16 10.60
C VAL A 601 -15.47 -19.68 10.67
N VAL A 602 -15.43 -20.24 11.87
CA VAL A 602 -15.58 -21.68 12.03
C VAL A 602 -16.97 -22.14 11.59
N ASN A 603 -18.01 -21.41 12.00
CA ASN A 603 -19.38 -21.80 11.70
C ASN A 603 -19.84 -21.35 10.32
N GLN A 604 -19.00 -20.61 9.58
CA GLN A 604 -19.35 -20.11 8.25
C GLN A 604 -20.62 -19.27 8.29
N SER A 605 -20.67 -18.34 9.26
CA SER A 605 -21.85 -17.50 9.43
C SER A 605 -22.01 -16.52 8.28
N TYR A 606 -20.92 -16.14 7.62
CA TYR A 606 -21.02 -15.21 6.50
C TYR A 606 -21.74 -15.82 5.30
N LEU A 607 -21.77 -17.14 5.19
CA LEU A 607 -22.45 -17.79 4.08
C LEU A 607 -23.95 -17.58 4.19
N ASN A 608 -24.57 -17.17 3.09
CA ASN A 608 -26.03 -16.99 3.00
C ASN A 608 -26.55 -16.02 4.06
N ASN A 609 -25.77 -14.99 4.37
CA ASN A 609 -26.18 -14.02 5.38
C ASN A 609 -27.12 -13.00 4.76
N PRO A 610 -28.35 -12.86 5.27
CA PRO A 610 -29.30 -11.92 4.63
C PRO A 610 -28.87 -10.47 4.66
N ASN A 611 -27.97 -10.08 5.56
CA ASN A 611 -27.55 -8.68 5.70
C ASN A 611 -26.19 -8.42 5.08
N HIS A 612 -25.91 -9.04 3.93
CA HIS A 612 -24.66 -8.85 3.21
C HIS A 612 -24.91 -7.98 1.98
N VAL A 613 -24.10 -6.94 1.82
CA VAL A 613 -24.17 -6.04 0.68
C VAL A 613 -22.76 -5.55 0.36
N VAL A 614 -22.57 -5.17 -0.90
CA VAL A 614 -21.28 -4.67 -1.37
C VAL A 614 -21.52 -3.28 -1.97
N SER A 615 -21.03 -2.26 -1.27
CA SER A 615 -21.09 -0.90 -1.77
C SER A 615 -20.00 -0.67 -2.81
N LEU A 616 -20.05 0.50 -3.45
CA LEU A 616 -19.02 0.89 -4.41
C LEU A 616 -18.94 2.40 -4.47
N THR A 617 -17.73 2.93 -4.63
CA THR A 617 -17.49 4.36 -4.70
C THR A 617 -16.21 4.59 -5.49
N GLY A 618 -16.19 5.68 -6.26
CA GLY A 618 -15.05 5.97 -7.10
C GLY A 618 -13.79 6.22 -6.30
N LYS A 619 -12.66 5.80 -6.88
CA LYS A 619 -11.38 5.97 -6.21
C LYS A 619 -10.93 7.43 -6.22
N GLU A 620 -10.31 7.82 -5.12
CA GLU A 620 -9.89 9.20 -4.97
C GLU A 620 -8.57 9.53 -5.63
N ARG A 621 -8.52 10.68 -6.26
CA ARG A 621 -7.28 11.18 -6.87
C ARG A 621 -6.70 10.17 -7.87
N GLU A 622 -7.57 9.60 -8.71
CA GLU A 622 -7.17 8.62 -9.70
C GLU A 622 -7.60 9.12 -11.08
N LEU A 623 -6.66 9.08 -12.04
CA LEU A 623 -6.96 9.51 -13.40
C LEU A 623 -7.78 8.49 -14.17
N SER A 624 -7.84 7.25 -13.70
CA SER A 624 -8.66 6.22 -14.33
C SER A 624 -10.03 6.20 -13.66
N VAL A 625 -11.07 6.54 -14.41
CA VAL A 625 -12.41 6.58 -13.85
C VAL A 625 -12.93 5.20 -13.50
N GLY A 626 -12.35 4.14 -14.09
CA GLY A 626 -12.83 2.79 -13.85
C GLY A 626 -12.27 2.16 -12.59
N ARG A 627 -11.87 2.98 -11.62
CA ARG A 627 -11.35 2.50 -10.35
C ARG A 627 -12.42 2.69 -9.29
N MET A 628 -13.03 1.59 -8.85
CA MET A 628 -14.09 1.60 -7.86
C MET A 628 -13.64 0.81 -6.65
N PHE A 629 -13.86 1.36 -5.46
CA PHE A 629 -13.53 0.67 -4.22
C PHE A 629 -14.81 0.30 -3.49
N ALA A 630 -14.79 -0.87 -2.85
CA ALA A 630 -15.98 -1.47 -2.28
C ALA A 630 -15.90 -1.57 -0.77
N MET A 631 -17.06 -1.56 -0.12
CA MET A 631 -17.17 -1.66 1.33
C MET A 631 -18.15 -2.76 1.69
N GLN A 632 -18.00 -3.29 2.89
CA GLN A 632 -18.81 -4.38 3.40
C GLN A 632 -19.21 -4.10 4.84
N PRO A 633 -20.25 -4.77 5.35
CA PRO A 633 -20.57 -4.66 6.77
C PRO A 633 -19.45 -5.17 7.66
N GLY A 634 -19.60 -5.00 8.98
CA GLY A 634 -18.50 -5.25 9.89
C GLY A 634 -18.03 -6.70 9.88
N MET A 635 -18.97 -7.64 9.90
CA MET A 635 -18.60 -9.05 9.98
C MET A 635 -17.86 -9.51 8.74
N PHE A 636 -18.36 -9.13 7.55
CA PHE A 636 -17.70 -9.54 6.32
C PHE A 636 -16.36 -8.84 6.15
N ARG A 637 -16.27 -7.57 6.60
CA ARG A 637 -14.97 -6.91 6.60
C ARG A 637 -13.99 -7.63 7.51
N GLN A 638 -14.45 -8.08 8.68
CA GLN A 638 -13.60 -8.86 9.57
C GLN A 638 -13.12 -10.12 8.88
N VAL A 639 -14.04 -10.82 8.20
CA VAL A 639 -13.67 -12.09 7.56
C VAL A 639 -12.62 -11.86 6.47
N GLN A 640 -12.84 -10.85 5.64
CA GLN A 640 -11.92 -10.57 4.55
C GLN A 640 -10.56 -10.13 5.06
N ILE A 641 -10.54 -9.22 6.02
CA ILE A 641 -9.28 -8.77 6.61
C ILE A 641 -8.54 -9.96 7.23
N LEU A 642 -9.27 -10.85 7.91
CA LEU A 642 -8.62 -12.01 8.51
C LEU A 642 -8.03 -12.93 7.46
N ALA A 643 -8.77 -13.19 6.37
CA ALA A 643 -8.25 -14.06 5.32
C ALA A 643 -6.98 -13.46 4.71
N GLU A 644 -7.00 -12.16 4.42
CA GLU A 644 -5.82 -11.52 3.87
C GLU A 644 -4.66 -11.58 4.86
N LYS A 645 -4.95 -11.40 6.15
CA LYS A 645 -3.89 -11.41 7.15
C LYS A 645 -3.24 -12.78 7.27
N MET A 646 -4.03 -13.85 7.31
CA MET A 646 -3.43 -15.18 7.36
C MET A 646 -2.68 -15.52 6.09
N ILE A 647 -3.20 -15.11 4.93
CA ILE A 647 -2.44 -15.33 3.69
C ILE A 647 -1.10 -14.63 3.77
N ALA A 648 -1.08 -13.39 4.29
CA ALA A 648 0.17 -12.65 4.40
C ALA A 648 1.14 -13.32 5.37
N GLU A 649 0.65 -13.74 6.54
CA GLU A 649 1.56 -14.28 7.55
C GLU A 649 2.10 -15.65 7.15
N ASN A 650 1.22 -16.56 6.72
CA ASN A 650 1.63 -17.94 6.53
C ASN A 650 1.95 -18.29 5.08
N ILE A 651 1.04 -17.99 4.16
CA ILE A 651 1.21 -18.45 2.79
C ILE A 651 2.12 -17.53 1.98
N LEU A 652 2.09 -16.22 2.28
CA LEU A 652 2.80 -15.26 1.44
C LEU A 652 4.31 -15.47 1.49
N GLN A 653 4.81 -16.02 2.59
CA GLN A 653 6.26 -16.25 2.69
C GLN A 653 6.71 -17.49 1.93
N PHE A 654 5.79 -18.27 1.38
CA PHE A 654 6.15 -19.27 0.39
C PHE A 654 6.34 -18.69 -1.01
N PHE A 655 5.96 -17.43 -1.21
CA PHE A 655 6.01 -16.77 -2.51
C PHE A 655 6.82 -15.49 -2.36
N PRO A 656 8.14 -15.58 -2.42
CA PRO A 656 8.98 -14.38 -2.30
C PRO A 656 8.80 -13.39 -3.44
N GLU A 657 8.20 -13.79 -4.55
CA GLU A 657 8.04 -12.91 -5.70
C GLU A 657 7.03 -11.79 -5.46
N SER A 658 6.36 -11.82 -4.34
CA SER A 658 5.36 -10.82 -4.07
C SER A 658 5.84 -9.78 -3.13
N LEU A 659 6.12 -8.59 -3.65
CA LEU A 659 6.66 -7.51 -2.85
C LEU A 659 5.61 -6.68 -2.17
N THR A 660 5.33 -6.98 -0.92
CA THR A 660 4.44 -6.16 -0.14
C THR A 660 5.42 -5.67 0.87
N ARG A 661 6.68 -6.07 0.71
CA ARG A 661 7.74 -5.61 1.59
C ARG A 661 8.05 -4.12 1.33
N GLU A 666 12.80 1.73 -0.59
CA GLU A 666 13.78 0.71 -0.88
C GLU A 666 13.63 0.23 -2.30
N LEU A 667 12.74 0.86 -3.05
CA LEU A 667 12.48 0.36 -4.38
C LEU A 667 13.79 0.23 -5.15
N GLN A 668 14.76 1.04 -4.83
CA GLN A 668 16.03 0.97 -5.49
C GLN A 668 16.70 -0.36 -5.22
N LYS A 669 16.62 -0.81 -3.97
CA LYS A 669 17.21 -2.08 -3.64
C LYS A 669 16.58 -3.12 -4.51
N ILE A 670 15.25 -3.23 -4.44
CA ILE A 670 14.57 -4.27 -5.19
C ILE A 670 14.99 -4.25 -6.62
N LEU A 671 15.34 -3.07 -7.11
CA LEU A 671 15.65 -2.96 -8.51
C LEU A 671 17.09 -3.36 -8.79
N GLU A 672 17.89 -3.50 -7.75
CA GLU A 672 19.24 -3.98 -8.01
C GLU A 672 19.13 -5.49 -8.07
N LEU A 673 18.11 -6.02 -7.42
CA LEU A 673 17.92 -7.43 -7.51
C LEU A 673 17.82 -7.73 -8.99
N LYS A 674 17.19 -6.83 -9.74
CA LYS A 674 16.98 -7.07 -11.16
C LYS A 674 18.16 -6.61 -12.00
N ALA A 675 19.08 -5.89 -11.38
CA ALA A 675 20.28 -5.46 -12.09
C ALA A 675 21.24 -6.64 -11.97
N GLY A 676 20.88 -7.80 -12.51
CA GLY A 676 21.82 -8.88 -12.73
C GLY A 676 22.33 -9.62 -11.51
N ASN A 690 24.24 -22.19 -26.66
CA ASN A 690 25.51 -21.52 -26.40
C ASN A 690 25.29 -20.09 -25.94
N TYR A 691 24.12 -19.54 -26.28
CA TYR A 691 23.76 -18.17 -25.92
C TYR A 691 22.51 -18.19 -25.07
N ILE A 692 22.53 -17.44 -23.96
CA ILE A 692 21.38 -17.27 -23.10
C ILE A 692 20.69 -15.96 -23.47
N SER A 693 19.42 -16.04 -23.83
CA SER A 693 18.65 -14.90 -24.29
C SER A 693 17.73 -14.42 -23.17
N LYS A 694 17.81 -13.14 -22.84
CA LYS A 694 17.01 -12.54 -21.80
C LYS A 694 15.95 -11.62 -22.41
N CYS A 695 14.90 -11.36 -21.63
CA CYS A 695 13.76 -10.58 -22.09
C CYS A 695 13.16 -9.84 -20.91
N SER A 696 12.01 -9.20 -21.15
CA SER A 696 11.29 -8.49 -20.10
C SER A 696 9.86 -8.27 -20.56
N ILE A 697 8.91 -8.77 -19.78
CA ILE A 697 7.49 -8.56 -20.03
C ILE A 697 6.89 -7.86 -18.83
N ILE A 698 6.29 -6.69 -19.06
CA ILE A 698 5.66 -5.90 -18.01
C ILE A 698 4.16 -5.87 -18.29
N THR A 699 3.38 -6.42 -17.36
CA THR A 699 1.94 -6.55 -17.52
C THR A 699 1.23 -5.75 -16.45
N ASP A 700 0.21 -4.99 -16.85
CA ASP A 700 -0.62 -4.24 -15.92
C ASP A 700 -1.78 -5.12 -15.47
N LEU A 701 -2.00 -5.17 -14.16
CA LEU A 701 -3.02 -6.03 -13.57
C LEU A 701 -4.15 -5.21 -12.92
N SER A 702 -4.55 -4.11 -13.57
CA SER A 702 -5.62 -3.30 -13.03
C SER A 702 -6.96 -4.02 -13.09
N LYS A 703 -7.26 -4.64 -14.23
CA LYS A 703 -8.50 -5.39 -14.41
C LYS A 703 -8.33 -6.88 -14.14
N PHE A 704 -7.15 -7.29 -13.65
CA PHE A 704 -6.89 -8.69 -13.38
C PHE A 704 -7.74 -9.24 -12.24
N ASN A 705 -8.36 -8.37 -11.45
CA ASN A 705 -9.18 -8.83 -10.33
C ASN A 705 -10.49 -9.44 -10.82
N GLN A 706 -11.06 -8.87 -11.88
CA GLN A 706 -12.41 -9.23 -12.31
C GLN A 706 -12.46 -10.48 -13.17
N ALA A 707 -11.34 -11.03 -13.58
CA ALA A 707 -11.31 -12.21 -14.43
C ALA A 707 -11.35 -13.51 -13.64
N PHE A 708 -11.46 -13.44 -12.32
CA PHE A 708 -11.41 -14.62 -11.46
C PHE A 708 -12.82 -15.06 -11.10
N ARG A 709 -13.01 -16.38 -11.07
CA ARG A 709 -14.25 -17.00 -10.61
C ARG A 709 -13.90 -18.06 -9.57
N TYR A 710 -14.94 -18.73 -9.05
CA TYR A 710 -14.71 -19.81 -8.10
C TYR A 710 -13.92 -20.95 -8.75
N GLU A 711 -14.22 -21.26 -10.01
CA GLU A 711 -13.55 -22.35 -10.69
C GLU A 711 -12.07 -22.08 -10.92
N THR A 712 -11.61 -20.85 -10.74
CA THR A 712 -10.21 -20.50 -10.98
C THR A 712 -9.52 -20.00 -9.72
N SER A 713 -10.13 -19.08 -8.98
CA SER A 713 -9.49 -18.46 -7.83
C SER A 713 -9.72 -19.23 -6.54
N CYS A 714 -10.54 -20.28 -6.55
CA CYS A 714 -10.81 -21.04 -5.33
C CYS A 714 -10.29 -22.47 -5.37
N ILE A 715 -9.92 -22.98 -6.54
CA ILE A 715 -9.23 -24.27 -6.59
C ILE A 715 -7.91 -24.19 -5.86
N CYS A 716 -7.29 -23.01 -5.85
CA CYS A 716 -6.06 -22.79 -5.09
C CYS A 716 -6.31 -22.32 -3.67
N SER A 717 -7.42 -21.61 -3.43
CA SER A 717 -7.75 -21.20 -2.07
C SER A 717 -8.23 -22.36 -1.21
N ASP A 718 -8.74 -23.43 -1.83
CA ASP A 718 -9.07 -24.62 -1.07
C ASP A 718 -7.84 -25.22 -0.41
N VAL A 719 -6.68 -25.08 -1.06
CA VAL A 719 -5.44 -25.53 -0.45
C VAL A 719 -5.16 -24.76 0.84
N LEU A 720 -5.34 -23.45 0.81
CA LEU A 720 -5.15 -22.64 2.02
C LEU A 720 -6.17 -22.99 3.09
N ASP A 721 -7.43 -23.23 2.69
CA ASP A 721 -8.44 -23.63 3.66
C ASP A 721 -8.08 -24.95 4.33
N GLU A 722 -7.59 -25.91 3.55
CA GLU A 722 -7.17 -27.19 4.11
C GLU A 722 -5.97 -27.04 5.01
N LEU A 723 -5.01 -26.20 4.61
CA LEU A 723 -3.81 -25.98 5.43
C LEU A 723 -4.17 -25.35 6.77
N HIS A 724 -5.11 -24.41 6.77
CA HIS A 724 -5.56 -23.79 8.01
C HIS A 724 -6.62 -24.61 8.73
N GLY A 725 -7.04 -25.74 8.17
CA GLY A 725 -8.05 -26.56 8.82
C GLY A 725 -9.42 -25.93 8.86
N VAL A 726 -9.69 -24.96 8.00
CA VAL A 726 -10.92 -24.19 8.02
C VAL A 726 -11.66 -24.43 6.72
N GLN A 727 -12.95 -24.10 6.72
CA GLN A 727 -13.81 -24.25 5.56
C GLN A 727 -14.28 -22.87 5.09
N SER A 728 -14.06 -22.58 3.81
CA SER A 728 -14.63 -21.41 3.14
C SER A 728 -14.20 -20.10 3.81
N LEU A 729 -12.92 -20.02 4.20
CA LEU A 729 -12.41 -18.75 4.71
C LEU A 729 -11.69 -17.97 3.63
N PHE A 730 -10.80 -18.62 2.88
CA PHE A 730 -10.09 -17.98 1.78
C PHE A 730 -10.90 -18.00 0.48
N SER A 731 -12.02 -18.70 0.45
CA SER A 731 -12.92 -18.73 -0.70
C SER A 731 -14.25 -18.04 -0.41
N TRP A 732 -14.30 -17.19 0.60
CA TRP A 732 -15.54 -16.53 0.98
C TRP A 732 -16.07 -15.65 -0.14
N LEU A 733 -15.18 -15.08 -0.96
CA LEU A 733 -15.55 -14.12 -1.99
C LEU A 733 -16.48 -14.77 -3.01
N HIS A 734 -15.97 -15.74 -3.75
CA HIS A 734 -16.82 -16.43 -4.72
C HIS A 734 -17.65 -17.53 -4.07
N LEU A 735 -18.20 -17.22 -2.91
CA LEU A 735 -19.28 -17.97 -2.27
C LEU A 735 -20.34 -17.06 -1.67
N THR A 736 -20.00 -15.82 -1.35
CA THR A 736 -20.96 -14.85 -0.82
C THR A 736 -21.27 -13.71 -1.77
N ILE A 737 -20.25 -13.18 -2.47
CA ILE A 737 -20.48 -12.04 -3.36
C ILE A 737 -21.50 -12.34 -4.45
N PRO A 738 -21.49 -13.51 -5.11
CA PRO A 738 -22.49 -13.75 -6.17
C PRO A 738 -23.93 -13.66 -5.69
N HIS A 739 -24.21 -13.92 -4.42
CA HIS A 739 -25.56 -13.95 -3.91
C HIS A 739 -26.04 -12.60 -3.37
N VAL A 740 -25.23 -11.56 -3.46
CA VAL A 740 -25.61 -10.26 -2.93
C VAL A 740 -25.72 -9.25 -4.06
N THR A 741 -26.14 -8.03 -3.73
CA THR A 741 -26.36 -6.98 -4.72
C THR A 741 -25.22 -5.96 -4.66
N ILE A 742 -24.60 -5.70 -5.80
CA ILE A 742 -23.57 -4.68 -5.91
C ILE A 742 -24.24 -3.36 -6.24
N ILE A 743 -24.15 -2.40 -5.32
CA ILE A 743 -24.86 -1.14 -5.44
C ILE A 743 -23.88 0.01 -5.31
N CYS A 744 -24.07 1.05 -6.12
CA CYS A 744 -23.31 2.29 -5.99
C CYS A 744 -23.82 3.05 -4.79
N THR A 745 -23.06 3.01 -3.69
CA THR A 745 -23.43 3.69 -2.45
C THR A 745 -22.71 5.03 -2.42
N TYR A 746 -23.33 6.03 -3.03
CA TYR A 746 -22.85 7.41 -2.95
C TYR A 746 -24.03 8.32 -2.65
N ARG A 747 -23.75 9.45 -2.01
CA ARG A 747 -24.81 10.34 -1.56
C ARG A 747 -25.62 10.87 -2.73
N HIS A 748 -24.95 11.25 -3.82
CA HIS A 748 -25.61 11.90 -4.94
C HIS A 748 -25.88 10.97 -6.10
N ALA A 749 -25.76 9.66 -5.89
CA ALA A 749 -26.04 8.66 -6.92
C ALA A 749 -27.00 7.62 -6.38
N PRO A 750 -28.27 7.98 -6.22
CA PRO A 750 -29.25 7.03 -5.68
C PRO A 750 -29.92 6.24 -6.79
N PRO A 751 -30.24 4.97 -6.55
CA PRO A 751 -30.97 4.18 -7.54
C PRO A 751 -32.45 4.52 -7.55
N TYR A 752 -33.11 4.09 -8.62
CA TYR A 752 -34.56 4.25 -8.75
C TYR A 752 -35.23 3.02 -8.16
N ILE A 753 -35.93 3.21 -7.04
CA ILE A 753 -36.51 2.07 -6.32
C ILE A 753 -37.87 1.70 -6.91
N GLY A 754 -38.74 2.68 -7.09
CA GLY A 754 -40.09 2.42 -7.57
C GLY A 754 -41.10 2.46 -6.43
N ASP A 755 -41.97 1.46 -6.37
CA ASP A 755 -43.00 1.38 -5.35
C ASP A 755 -43.08 -0.04 -4.80
N HIS A 756 -43.37 -0.15 -3.50
CA HIS A 756 -43.62 -1.42 -2.83
C HIS A 756 -42.41 -2.35 -2.89
N ILE A 757 -41.21 -1.79 -3.00
CA ILE A 757 -39.97 -2.55 -2.93
C ILE A 757 -39.09 -1.90 -1.87
N VAL A 758 -38.66 -2.69 -0.88
CA VAL A 758 -37.92 -2.14 0.25
C VAL A 758 -36.64 -2.93 0.51
N ASP A 759 -36.18 -3.69 -0.48
CA ASP A 759 -34.93 -4.43 -0.31
C ASP A 759 -34.19 -4.53 -1.64
N LEU A 760 -32.87 -4.65 -1.53
CA LEU A 760 -32.01 -4.64 -2.71
C LEU A 760 -32.24 -5.88 -3.57
N ASN A 761 -32.48 -7.03 -2.94
CA ASN A 761 -32.66 -8.27 -3.71
C ASN A 761 -33.89 -8.24 -4.59
N ASN A 762 -34.84 -7.33 -4.34
CA ASN A 762 -35.99 -7.16 -5.21
C ASN A 762 -35.95 -5.87 -6.00
N VAL A 763 -35.13 -4.89 -5.61
CA VAL A 763 -34.98 -3.69 -6.42
C VAL A 763 -34.42 -4.06 -7.78
N ASP A 764 -35.06 -3.56 -8.84
CA ASP A 764 -34.62 -3.87 -10.19
C ASP A 764 -33.22 -3.35 -10.43
N GLU A 765 -32.51 -4.00 -11.35
CA GLU A 765 -31.12 -3.66 -11.62
C GLU A 765 -31.05 -2.71 -12.82
N GLN A 766 -30.31 -1.61 -12.65
CA GLN A 766 -30.10 -0.63 -13.70
C GLN A 766 -28.64 -0.18 -13.61
N SER A 767 -28.32 0.95 -14.22
CA SER A 767 -26.98 1.49 -14.12
C SER A 767 -26.59 1.77 -12.67
N GLY A 768 -27.56 1.94 -11.78
CA GLY A 768 -27.29 2.24 -10.38
C GLY A 768 -26.97 1.05 -9.50
N LEU A 769 -27.24 -0.18 -9.95
CA LEU A 769 -26.95 -1.36 -9.16
C LEU A 769 -27.18 -2.60 -10.01
N TYR A 770 -26.49 -3.69 -9.67
CA TYR A 770 -26.63 -4.94 -10.39
C TYR A 770 -26.37 -6.10 -9.44
N ARG A 771 -26.79 -7.29 -9.86
CA ARG A 771 -26.67 -8.50 -9.07
C ARG A 771 -25.85 -9.54 -9.84
N TYR A 772 -25.55 -10.64 -9.15
CA TYR A 772 -24.76 -11.75 -9.71
C TYR A 772 -23.42 -11.24 -10.25
N HIS A 773 -22.60 -10.75 -9.31
CA HIS A 773 -21.31 -10.20 -9.67
C HIS A 773 -20.44 -11.24 -10.39
N MET A 774 -20.27 -12.41 -9.77
CA MET A 774 -19.50 -13.51 -10.34
C MET A 774 -18.12 -13.04 -10.79
N GLY A 775 -17.33 -12.60 -9.82
CA GLY A 775 -15.99 -12.12 -10.12
C GLY A 775 -15.34 -11.58 -8.88
N GLY A 776 -14.10 -11.13 -9.06
CA GLY A 776 -13.36 -10.59 -7.94
C GLY A 776 -13.64 -9.12 -7.70
N ILE A 777 -13.37 -8.69 -6.48
CA ILE A 777 -13.46 -7.29 -6.09
C ILE A 777 -12.05 -6.80 -5.78
N GLU A 778 -11.71 -5.66 -6.35
CA GLU A 778 -10.37 -5.12 -6.18
C GLU A 778 -9.99 -4.99 -4.74
N GLY A 779 -8.75 -5.29 -4.42
CA GLY A 779 -8.26 -5.15 -3.07
C GLY A 779 -8.43 -6.41 -2.23
N TRP A 780 -9.66 -6.90 -2.11
CA TRP A 780 -9.90 -8.11 -1.34
C TRP A 780 -9.28 -9.31 -2.03
N CYS A 781 -8.64 -10.17 -1.25
CA CYS A 781 -7.96 -11.36 -1.77
C CYS A 781 -6.88 -11.00 -2.78
N GLN A 782 -6.32 -9.79 -2.66
CA GLN A 782 -5.26 -9.37 -3.57
C GLN A 782 -4.03 -10.25 -3.42
N LYS A 783 -3.67 -10.59 -2.19
CA LYS A 783 -2.52 -11.47 -1.97
C LYS A 783 -2.77 -12.86 -2.54
N LEU A 784 -4.00 -13.37 -2.39
CA LEU A 784 -4.34 -14.65 -2.98
C LEU A 784 -4.21 -14.61 -4.50
N TRP A 785 -4.69 -13.53 -5.12
CA TRP A 785 -4.60 -13.43 -6.57
C TRP A 785 -3.15 -13.28 -7.02
N THR A 786 -2.33 -12.57 -6.24
CA THR A 786 -0.92 -12.44 -6.61
C THR A 786 -0.20 -13.78 -6.50
N ILE A 787 -0.46 -14.57 -5.46
CA ILE A 787 0.19 -15.87 -5.37
C ILE A 787 -0.32 -16.81 -6.45
N GLU A 788 -1.60 -16.71 -6.82
CA GLU A 788 -2.11 -17.50 -7.94
C GLU A 788 -1.44 -17.08 -9.24
N ALA A 789 -1.22 -15.79 -9.44
CA ALA A 789 -0.51 -15.33 -10.63
C ALA A 789 0.93 -15.83 -10.63
N ILE A 790 1.58 -15.87 -9.47
CA ILE A 790 2.94 -16.40 -9.38
C ILE A 790 2.95 -17.89 -9.75
N SER A 791 1.96 -18.64 -9.26
CA SER A 791 1.86 -20.05 -9.63
C SER A 791 1.64 -20.22 -11.13
N LEU A 792 0.78 -19.38 -11.71
CA LEU A 792 0.55 -19.42 -13.15
C LEU A 792 1.82 -19.10 -13.93
N LEU A 793 2.60 -18.14 -13.44
CA LEU A 793 3.85 -17.78 -14.12
C LEU A 793 4.87 -18.90 -14.02
N ASP A 794 4.91 -19.59 -12.87
CA ASP A 794 5.79 -20.74 -12.75
C ASP A 794 5.38 -21.84 -13.72
N LEU A 795 4.08 -22.07 -13.86
CA LEU A 795 3.58 -23.03 -14.84
C LEU A 795 3.95 -22.61 -16.26
N ILE A 796 3.86 -21.31 -16.55
CA ILE A 796 4.23 -20.81 -17.87
C ILE A 796 5.71 -21.05 -18.13
N SER A 797 6.54 -20.81 -17.12
CA SER A 797 7.98 -21.10 -17.25
C SER A 797 8.21 -22.58 -17.53
N LEU A 798 7.49 -23.45 -16.83
CA LEU A 798 7.64 -24.88 -17.07
C LEU A 798 7.23 -25.25 -18.49
N LYS A 799 6.12 -24.70 -18.98
CA LYS A 799 5.63 -25.05 -20.31
C LYS A 799 6.38 -24.37 -21.44
N GLY A 800 7.16 -23.33 -21.15
CA GLY A 800 7.94 -22.69 -22.17
C GLY A 800 9.42 -22.99 -22.09
N LYS A 801 9.82 -23.71 -21.05
CA LYS A 801 11.22 -24.12 -20.84
C LYS A 801 12.15 -22.92 -20.76
N PHE A 802 11.69 -21.85 -20.11
CA PHE A 802 12.52 -20.69 -19.83
C PHE A 802 12.37 -20.30 -18.37
N SER A 803 13.47 -19.78 -17.80
CA SER A 803 13.45 -19.32 -16.42
C SER A 803 12.73 -17.99 -16.32
N ILE A 804 11.95 -17.82 -15.25
CA ILE A 804 11.19 -16.60 -15.01
C ILE A 804 11.60 -16.05 -13.65
N THR A 805 11.88 -14.75 -13.60
CA THR A 805 12.29 -14.08 -12.37
C THR A 805 11.23 -13.00 -12.12
N ALA A 806 9.97 -13.39 -12.16
CA ALA A 806 8.88 -12.46 -11.98
C ALA A 806 8.96 -11.77 -10.63
N LEU A 807 8.60 -10.49 -10.60
CA LEU A 807 8.70 -9.65 -9.41
C LEU A 807 7.40 -8.86 -9.22
N ILE A 808 6.28 -9.58 -9.23
CA ILE A 808 4.97 -8.95 -9.10
C ILE A 808 4.92 -8.09 -7.84
N ASN A 809 4.34 -6.90 -7.97
CA ASN A 809 4.23 -5.93 -6.88
C ASN A 809 2.88 -5.20 -7.03
N GLY A 810 1.86 -5.71 -6.36
CA GLY A 810 0.56 -5.06 -6.40
C GLY A 810 -0.11 -5.07 -7.76
N ASP A 811 -0.28 -3.89 -8.35
CA ASP A 811 -1.04 -3.75 -9.58
C ASP A 811 -0.20 -3.88 -10.85
N ASN A 812 1.12 -3.99 -10.73
CA ASN A 812 1.99 -4.14 -11.88
C ASN A 812 3.02 -5.23 -11.60
N GLN A 813 3.39 -5.97 -12.65
CA GLN A 813 4.34 -7.06 -12.53
C GLN A 813 5.37 -6.97 -13.66
N SER A 814 6.59 -7.41 -13.36
CA SER A 814 7.68 -7.46 -14.32
C SER A 814 8.23 -8.86 -14.38
N ILE A 815 8.49 -9.35 -15.60
CA ILE A 815 8.90 -10.72 -15.83
C ILE A 815 10.26 -10.72 -16.50
N ASP A 816 11.19 -11.48 -15.94
CA ASP A 816 12.53 -11.64 -16.51
C ASP A 816 12.64 -13.05 -17.06
N ILE A 817 12.53 -13.19 -18.37
CA ILE A 817 12.55 -14.49 -19.04
C ILE A 817 13.96 -14.73 -19.55
N SER A 818 14.54 -15.86 -19.15
CA SER A 818 15.87 -16.26 -19.59
C SER A 818 15.79 -17.66 -20.18
N LYS A 819 16.36 -17.84 -21.37
CA LYS A 819 16.34 -19.14 -22.03
C LYS A 819 17.59 -19.33 -22.88
N PRO A 820 18.42 -20.32 -22.55
CA PRO A 820 19.57 -20.61 -23.42
C PRO A 820 19.12 -21.10 -24.79
N ILE A 821 19.77 -20.58 -25.82
CA ILE A 821 19.42 -20.90 -27.21
C ILE A 821 20.71 -21.13 -27.99
N ARG A 822 20.56 -21.80 -29.13
CA ARG A 822 21.64 -22.00 -30.08
C ARG A 822 21.47 -21.02 -31.23
N LEU A 823 22.43 -20.10 -31.37
CA LEU A 823 22.30 -19.03 -32.34
C LEU A 823 22.37 -19.58 -33.77
N MET A 824 21.53 -19.04 -34.64
CA MET A 824 21.48 -19.44 -36.03
C MET A 824 22.44 -18.60 -36.86
N GLU A 825 22.68 -19.05 -38.09
CA GLU A 825 23.53 -18.30 -39.00
C GLU A 825 22.86 -17.00 -39.41
N GLY A 826 23.65 -15.93 -39.42
CA GLY A 826 23.12 -14.62 -39.79
C GLY A 826 22.27 -13.96 -38.73
N GLN A 827 22.25 -14.48 -37.52
CA GLN A 827 21.46 -13.92 -36.42
C GLN A 827 22.40 -13.46 -35.31
N THR A 828 22.22 -12.23 -34.85
CA THR A 828 23.04 -11.67 -33.80
C THR A 828 22.37 -11.90 -32.45
N HIS A 829 22.93 -11.30 -31.39
CA HIS A 829 22.29 -11.37 -30.09
C HIS A 829 20.93 -10.69 -30.10
N ALA A 830 20.84 -9.55 -30.77
CA ALA A 830 19.55 -8.92 -31.01
C ALA A 830 18.75 -9.74 -32.03
N GLN A 831 17.47 -9.39 -32.15
CA GLN A 831 16.50 -10.01 -33.06
C GLN A 831 16.30 -11.49 -32.75
N ALA A 832 17.00 -11.99 -31.73
CA ALA A 832 16.73 -13.28 -31.11
C ALA A 832 16.08 -13.14 -29.75
N ASP A 833 16.51 -12.13 -28.98
CA ASP A 833 15.76 -11.73 -27.80
C ASP A 833 14.34 -11.32 -28.18
N TYR A 834 14.19 -10.68 -29.34
CA TYR A 834 12.86 -10.32 -29.82
C TYR A 834 12.03 -11.56 -30.14
N LEU A 835 12.66 -12.57 -30.74
CA LEU A 835 11.95 -13.82 -31.03
C LEU A 835 11.52 -14.51 -29.75
N LEU A 836 12.42 -14.56 -28.77
CA LEU A 836 12.06 -15.12 -27.47
C LEU A 836 10.92 -14.34 -26.83
N ALA A 837 10.97 -13.01 -26.93
CA ALA A 837 9.92 -12.17 -26.39
C ALA A 837 8.58 -12.46 -27.05
N LEU A 838 8.57 -12.60 -28.37
CA LEU A 838 7.32 -12.89 -29.07
C LEU A 838 6.78 -14.26 -28.68
N ASN A 839 7.64 -15.27 -28.60
CA ASN A 839 7.18 -16.60 -28.22
C ASN A 839 6.64 -16.60 -26.79
N SER A 840 7.34 -15.94 -25.87
CA SER A 840 6.89 -15.88 -24.48
C SER A 840 5.61 -15.07 -24.35
N LEU A 841 5.44 -14.02 -25.14
CA LEU A 841 4.20 -13.26 -25.12
C LEU A 841 3.03 -14.10 -25.64
N LYS A 842 3.27 -14.88 -26.71
CA LYS A 842 2.23 -15.78 -27.20
C LYS A 842 1.84 -16.79 -26.12
N LEU A 843 2.84 -17.37 -25.45
CA LEU A 843 2.56 -18.33 -24.38
C LEU A 843 1.80 -17.67 -23.23
N LEU A 844 2.22 -16.48 -22.83
CA LEU A 844 1.56 -15.77 -21.74
C LEU A 844 0.11 -15.46 -22.09
N TYR A 845 -0.13 -14.97 -23.31
CA TYR A 845 -1.49 -14.69 -23.75
C TYR A 845 -2.34 -15.97 -23.74
N LYS A 846 -1.80 -17.07 -24.27
CA LYS A 846 -2.56 -18.31 -24.32
C LYS A 846 -2.89 -18.82 -22.93
N GLU A 847 -1.93 -18.78 -22.01
CA GLU A 847 -2.16 -19.31 -20.67
C GLU A 847 -3.11 -18.43 -19.87
N TYR A 848 -3.00 -17.11 -20.02
CA TYR A 848 -3.94 -16.24 -19.33
C TYR A 848 -5.34 -16.36 -19.91
N ALA A 849 -5.46 -16.59 -21.23
CA ALA A 849 -6.76 -16.86 -21.81
C ALA A 849 -7.33 -18.17 -21.27
N GLY A 850 -6.48 -19.19 -21.13
CA GLY A 850 -6.94 -20.46 -20.59
C GLY A 850 -7.40 -20.34 -19.15
N ILE A 851 -6.67 -19.58 -18.33
CA ILE A 851 -7.07 -19.43 -16.94
C ILE A 851 -8.30 -18.51 -16.84
N GLY A 852 -8.51 -17.66 -17.84
CA GLY A 852 -9.71 -16.84 -17.86
C GLY A 852 -9.47 -15.35 -17.93
N HIS A 853 -8.26 -14.96 -18.32
CA HIS A 853 -7.88 -13.55 -18.44
C HIS A 853 -7.69 -13.19 -19.90
N LYS A 854 -8.21 -12.04 -20.30
CA LYS A 854 -8.19 -11.62 -21.69
C LYS A 854 -7.34 -10.37 -21.87
N LEU A 855 -6.15 -10.36 -21.27
CA LEU A 855 -5.28 -9.19 -21.34
C LEU A 855 -4.98 -8.83 -22.79
N LYS A 856 -4.97 -7.55 -23.07
CA LYS A 856 -4.77 -7.03 -24.42
C LYS A 856 -3.43 -6.31 -24.49
N GLY A 857 -3.09 -5.84 -25.70
CA GLY A 857 -1.82 -5.17 -25.90
C GLY A 857 -1.70 -3.84 -25.19
N THR A 858 -2.81 -3.27 -24.72
CA THR A 858 -2.75 -2.02 -23.98
C THR A 858 -2.01 -2.20 -22.65
N GLU A 859 -2.33 -3.27 -21.91
CA GLU A 859 -1.76 -3.43 -20.57
C GLU A 859 -0.30 -3.86 -20.63
N THR A 860 0.03 -4.80 -21.50
CA THR A 860 1.34 -5.41 -21.53
C THR A 860 2.19 -4.83 -22.66
N TYR A 861 3.51 -4.88 -22.48
CA TYR A 861 4.43 -4.40 -23.49
C TYR A 861 5.73 -5.18 -23.38
N ILE A 862 6.57 -5.03 -24.40
CA ILE A 862 7.76 -5.86 -24.59
C ILE A 862 9.00 -5.00 -24.39
N SER A 863 10.00 -5.57 -23.71
CA SER A 863 11.25 -4.87 -23.45
C SER A 863 12.37 -5.90 -23.32
N ARG A 864 13.60 -5.41 -23.41
CA ARG A 864 14.78 -6.25 -23.32
C ARG A 864 15.57 -6.03 -22.04
N ASP A 865 15.76 -4.78 -21.62
CA ASP A 865 16.55 -4.48 -20.44
C ASP A 865 15.91 -3.35 -19.62
N MET A 866 14.60 -3.44 -19.39
CA MET A 866 13.88 -2.47 -18.59
C MET A 866 13.60 -3.00 -17.19
N GLN A 867 13.86 -2.15 -16.20
CA GLN A 867 13.48 -2.39 -14.81
C GLN A 867 12.57 -1.24 -14.41
N PHE A 868 11.26 -1.42 -14.61
CA PHE A 868 10.27 -0.40 -14.33
C PHE A 868 9.28 -0.94 -13.31
N MET A 869 9.19 -0.25 -12.16
CA MET A 869 8.19 -0.59 -11.17
C MET A 869 7.92 0.61 -10.29
N SER A 870 6.64 0.81 -9.95
CA SER A 870 6.20 1.93 -9.12
C SER A 870 6.65 3.26 -9.72
N LYS A 871 6.57 3.35 -11.05
CA LYS A 871 6.92 4.55 -11.80
C LYS A 871 8.37 4.97 -11.51
N THR A 872 9.28 4.01 -11.67
CA THR A 872 10.71 4.25 -11.51
C THR A 872 11.43 3.77 -12.75
N ILE A 873 12.41 4.56 -13.20
CA ILE A 873 13.19 4.27 -14.39
C ILE A 873 14.62 3.98 -13.98
N GLN A 874 15.13 2.84 -14.44
CA GLN A 874 16.49 2.42 -14.08
C GLN A 874 16.99 1.46 -15.13
N HIS A 875 18.09 1.79 -15.80
CA HIS A 875 18.76 0.86 -16.69
C HIS A 875 20.25 1.20 -16.71
N ASN A 876 21.05 0.20 -17.11
CA ASN A 876 22.51 0.30 -17.10
C ASN A 876 23.06 0.57 -15.70
N GLY A 877 22.28 0.28 -14.66
CA GLY A 877 22.68 0.51 -13.30
C GLY A 877 22.39 1.88 -12.75
N VAL A 878 22.06 2.84 -13.61
CA VAL A 878 21.81 4.22 -13.17
C VAL A 878 20.32 4.40 -12.95
N TYR A 879 19.95 4.96 -11.80
CA TYR A 879 18.57 5.18 -11.44
C TYR A 879 18.19 6.63 -11.74
N TYR A 880 17.17 6.80 -12.58
CA TYR A 880 16.69 8.13 -12.95
C TYR A 880 15.41 8.42 -12.19
N PRO A 881 15.40 9.37 -11.26
CA PRO A 881 14.25 9.53 -10.36
C PRO A 881 13.17 10.44 -10.93
N ALA A 882 12.09 10.59 -10.16
CA ALA A 882 10.96 11.47 -10.46
C ALA A 882 10.59 12.29 -9.24
N SER A 883 11.60 12.92 -8.63
CA SER A 883 11.40 13.60 -7.35
C SER A 883 10.39 14.74 -7.44
N ILE A 884 10.36 15.46 -8.57
CA ILE A 884 9.43 16.58 -8.72
C ILE A 884 7.99 16.08 -8.66
N LYS A 885 7.74 14.84 -9.07
CA LYS A 885 6.38 14.31 -9.03
C LYS A 885 5.85 14.23 -7.60
N LYS A 886 6.70 13.81 -6.66
CA LYS A 886 6.27 13.59 -5.29
C LYS A 886 6.52 14.79 -4.38
N VAL A 887 7.39 15.72 -4.77
CA VAL A 887 7.56 16.96 -4.03
C VAL A 887 6.63 18.00 -4.66
N LEU A 888 5.73 17.54 -5.52
CA LEU A 888 4.92 18.43 -6.33
C LEU A 888 3.95 19.26 -5.49
N ARG A 889 3.20 18.61 -4.61
CA ARG A 889 2.14 19.27 -3.84
C ARG A 889 2.68 19.59 -2.45
N VAL A 890 3.47 20.66 -2.37
CA VAL A 890 4.03 21.15 -1.12
C VAL A 890 3.47 22.55 -0.89
N GLY A 891 2.82 22.75 0.25
CA GLY A 891 2.19 24.00 0.55
C GLY A 891 2.19 24.31 2.04
N PRO A 892 1.35 25.25 2.46
CA PRO A 892 1.35 25.68 3.87
C PRO A 892 0.95 24.59 4.85
N TRP A 893 -0.23 24.02 4.69
CA TRP A 893 -0.76 23.02 5.63
C TRP A 893 -1.01 21.72 4.87
N ILE A 894 0.01 20.88 4.79
CA ILE A 894 -0.03 19.64 4.03
C ILE A 894 0.06 18.46 4.99
N ASN A 895 -0.77 17.44 4.75
CA ASN A 895 -0.78 16.21 5.52
C ASN A 895 -0.91 16.50 7.01
N THR A 896 -1.82 17.41 7.35
CA THR A 896 -1.99 17.87 8.72
C THR A 896 -3.45 17.74 9.13
N ILE A 897 -3.66 17.60 10.43
CA ILE A 897 -5.00 17.49 11.02
C ILE A 897 -5.21 18.69 11.93
N LEU A 898 -6.36 19.35 11.78
CA LEU A 898 -6.68 20.58 12.50
C LEU A 898 -5.69 21.69 12.17
N ASP A 899 -5.11 21.64 10.98
CA ASP A 899 -4.10 22.62 10.53
C ASP A 899 -2.97 22.74 11.54
N ASP A 900 -2.48 21.58 11.99
CA ASP A 900 -1.37 21.56 12.94
C ASP A 900 -0.13 22.18 12.33
N PHE A 901 0.59 22.95 13.14
CA PHE A 901 1.74 23.70 12.65
C PHE A 901 2.99 22.83 12.59
N LYS A 902 3.32 22.17 13.70
CA LYS A 902 4.51 21.34 13.75
C LYS A 902 4.42 20.19 12.75
N VAL A 903 3.25 19.55 12.67
CA VAL A 903 3.06 18.46 11.71
C VAL A 903 3.21 18.97 10.29
N SER A 904 2.74 20.19 10.02
CA SER A 904 2.91 20.78 8.70
C SER A 904 4.39 20.99 8.39
N LEU A 905 5.16 21.46 9.37
CA LEU A 905 6.59 21.65 9.14
C LEU A 905 7.30 20.32 8.88
N GLU A 906 6.97 19.28 9.66
CA GLU A 906 7.57 17.97 9.40
C GLU A 906 7.19 17.46 8.01
N SER A 907 5.94 17.64 7.60
CA SER A 907 5.51 17.19 6.28
C SER A 907 6.27 17.93 5.18
N ILE A 908 6.41 19.25 5.32
CA ILE A 908 7.13 20.03 4.32
C ILE A 908 8.58 19.56 4.24
N GLY A 909 9.23 19.37 5.40
CA GLY A 909 10.60 18.93 5.40
C GLY A 909 10.78 17.55 4.78
N SER A 910 9.90 16.62 5.13
CA SER A 910 9.99 15.26 4.60
C SER A 910 9.77 15.25 3.09
N LEU A 911 8.78 16.01 2.61
CA LEU A 911 8.52 16.04 1.17
C LEU A 911 9.67 16.68 0.41
N THR A 912 10.23 17.78 0.94
CA THR A 912 11.35 18.42 0.26
C THR A 912 12.64 17.63 0.37
N GLN A 913 12.74 16.73 1.35
CA GLN A 913 13.90 15.84 1.42
C GLN A 913 13.97 14.86 0.26
N GLU A 914 12.85 14.64 -0.43
CA GLU A 914 12.84 13.73 -1.57
C GLU A 914 13.74 14.24 -2.69
N LEU A 915 13.76 15.56 -2.90
CA LEU A 915 14.64 16.14 -3.90
C LEU A 915 16.09 15.78 -3.63
N GLU A 916 16.54 15.96 -2.39
CA GLU A 916 17.92 15.66 -2.05
C GLU A 916 18.19 14.16 -2.12
N TYR A 917 17.25 13.34 -1.65
CA TYR A 917 17.48 11.91 -1.57
C TYR A 917 17.44 11.21 -2.93
N ARG A 918 16.69 11.75 -3.90
CA ARG A 918 16.53 11.11 -5.19
C ARG A 918 17.17 11.88 -6.33
N GLY A 919 16.91 13.17 -6.44
CA GLY A 919 17.50 13.96 -7.51
C GLY A 919 18.93 14.38 -7.30
N GLU A 920 19.51 14.07 -6.14
CA GLU A 920 20.91 14.37 -5.82
C GLU A 920 21.19 15.87 -5.94
N SER A 921 20.46 16.65 -5.13
CA SER A 921 20.69 18.08 -5.09
C SER A 921 20.38 18.56 -3.67
N LEU A 922 21.43 18.67 -2.85
CA LEU A 922 21.25 19.18 -1.49
C LEU A 922 20.78 20.62 -1.50
N LEU A 923 21.39 21.45 -2.35
CA LEU A 923 21.12 22.88 -2.29
C LEU A 923 19.78 23.24 -2.90
N CYS A 924 19.39 22.57 -3.99
CA CYS A 924 18.06 22.82 -4.55
C CYS A 924 16.96 22.45 -3.57
N SER A 925 17.09 21.28 -2.93
CA SER A 925 16.13 20.88 -1.93
C SER A 925 16.10 21.85 -0.76
N LEU A 926 17.28 22.31 -0.33
CA LEU A 926 17.36 23.28 0.76
C LEU A 926 16.64 24.58 0.39
N ILE A 927 16.87 25.08 -0.82
CA ILE A 927 16.23 26.33 -1.24
C ILE A 927 14.72 26.18 -1.33
N PHE A 928 14.25 25.07 -1.91
CA PHE A 928 12.81 24.84 -2.02
C PHE A 928 12.17 24.73 -0.63
N ARG A 929 12.81 23.96 0.26
CA ARG A 929 12.28 23.79 1.60
C ARG A 929 12.24 25.12 2.34
N ASN A 930 13.29 25.94 2.19
CA ASN A 930 13.30 27.23 2.88
C ASN A 930 12.27 28.19 2.28
N VAL A 931 12.05 28.12 0.97
CA VAL A 931 10.99 28.93 0.36
C VAL A 931 9.66 28.62 1.01
N TRP A 932 9.32 27.33 1.09
CA TRP A 932 8.00 26.99 1.60
C TRP A 932 7.92 27.13 3.11
N LEU A 933 9.02 26.93 3.83
CA LEU A 933 9.04 27.18 5.27
C LEU A 933 8.82 28.65 5.58
N TYR A 934 9.51 29.54 4.85
CA TYR A 934 9.30 30.97 5.05
C TYR A 934 7.88 31.37 4.69
N ASN A 935 7.33 30.81 3.61
CA ASN A 935 5.94 31.08 3.27
C ASN A 935 5.01 30.67 4.41
N GLN A 936 5.19 29.46 4.93
CA GLN A 936 4.33 28.97 6.01
C GLN A 936 4.47 29.82 7.26
N ILE A 937 5.69 30.26 7.57
CA ILE A 937 5.92 31.02 8.81
C ILE A 937 5.38 32.43 8.69
N ALA A 938 5.90 33.20 7.74
CA ALA A 938 5.64 34.63 7.68
C ALA A 938 4.52 35.01 6.73
N LEU A 939 3.83 34.06 6.13
CA LEU A 939 2.75 34.43 5.21
C LEU A 939 1.41 33.81 5.57
N GLN A 940 1.39 32.57 6.01
CA GLN A 940 0.15 31.85 6.26
C GLN A 940 -0.16 31.65 7.74
N LEU A 941 0.76 31.98 8.65
CA LEU A 941 0.48 31.80 10.06
C LEU A 941 -0.55 32.80 10.56
N LYS A 942 -0.54 34.03 10.04
CA LYS A 942 -1.55 35.01 10.43
C LYS A 942 -2.92 34.71 9.84
N ASN A 943 -3.03 33.75 8.93
CA ASN A 943 -4.29 33.38 8.31
C ASN A 943 -4.77 32.01 8.76
N HIS A 944 -4.31 31.53 9.91
CA HIS A 944 -4.72 30.23 10.41
C HIS A 944 -6.23 30.22 10.68
N ALA A 945 -6.89 29.12 10.28
CA ALA A 945 -8.34 29.07 10.33
C ALA A 945 -8.85 29.03 11.77
N LEU A 946 -8.27 28.15 12.60
CA LEU A 946 -8.78 27.97 13.95
C LEU A 946 -8.43 29.17 14.84
N CYS A 947 -7.14 29.42 15.02
CA CYS A 947 -6.67 30.59 15.77
C CYS A 947 -6.30 31.68 14.76
N ASN A 948 -6.96 32.83 14.88
CA ASN A 948 -6.82 33.86 13.85
C ASN A 948 -5.41 34.44 13.82
N ASN A 949 -4.89 34.85 14.97
CA ASN A 949 -3.59 35.52 15.00
C ASN A 949 -2.72 35.10 16.18
N LYS A 950 -3.18 34.17 17.01
CA LYS A 950 -2.42 33.80 18.21
C LYS A 950 -1.09 33.17 17.83
N LEU A 951 -1.06 32.33 16.80
CA LEU A 951 0.18 31.70 16.39
C LEU A 951 1.19 32.74 15.91
N TYR A 952 0.74 33.73 15.15
CA TYR A 952 1.65 34.76 14.67
C TYR A 952 2.15 35.63 15.82
N LEU A 953 1.28 35.95 16.78
CA LEU A 953 1.74 36.70 17.96
C LEU A 953 2.77 35.91 18.74
N ASP A 954 2.56 34.60 18.90
CA ASP A 954 3.54 33.77 19.60
C ASP A 954 4.85 33.70 18.83
N ILE A 955 4.79 33.62 17.51
CA ILE A 955 6.02 33.62 16.71
C ILE A 955 6.76 34.93 16.87
N LEU A 956 6.05 36.06 16.87
CA LEU A 956 6.69 37.35 17.09
C LEU A 956 7.34 37.41 18.47
N LYS A 957 6.65 36.89 19.50
CA LYS A 957 7.23 36.84 20.83
C LYS A 957 8.51 36.01 20.85
N VAL A 958 8.49 34.86 20.17
CA VAL A 958 9.66 33.99 20.13
C VAL A 958 10.81 34.67 19.41
N LEU A 959 10.52 35.38 18.31
CA LEU A 959 11.56 36.09 17.58
C LEU A 959 12.17 37.20 18.42
N LYS A 960 11.33 37.95 19.15
CA LYS A 960 11.85 38.98 20.03
C LYS A 960 12.70 38.37 21.14
N HIS A 961 12.27 37.23 21.67
CA HIS A 961 13.06 36.54 22.69
C HIS A 961 14.41 36.12 22.14
N LEU A 962 14.45 35.58 20.92
CA LEU A 962 15.72 35.18 20.32
C LEU A 962 16.62 36.39 20.08
N LYS A 963 16.04 37.50 19.61
CA LYS A 963 16.82 38.70 19.38
C LYS A 963 17.42 39.23 20.68
N THR A 964 16.64 39.20 21.76
CA THR A 964 17.17 39.62 23.06
C THR A 964 18.24 38.66 23.56
N PHE A 965 18.02 37.36 23.37
CA PHE A 965 18.97 36.35 23.88
C PHE A 965 20.33 36.49 23.18
N PHE A 966 20.32 36.51 21.84
CA PHE A 966 21.55 36.64 21.09
C PHE A 966 21.85 38.11 20.84
N ASN A 967 22.90 38.38 20.05
CA ASN A 967 23.26 39.74 19.67
C ASN A 967 22.68 40.13 18.32
N LEU A 968 21.57 39.50 17.93
CA LEU A 968 20.94 39.80 16.65
C LEU A 968 20.39 41.22 16.64
N ASP A 969 20.62 41.92 15.54
CA ASP A 969 20.21 43.31 15.39
C ASP A 969 18.97 43.47 14.53
N ASN A 970 18.35 42.38 14.11
CA ASN A 970 17.20 42.46 13.21
C ASN A 970 16.24 41.32 13.48
N ILE A 971 14.94 41.64 13.42
CA ILE A 971 13.92 40.60 13.55
C ILE A 971 14.00 39.63 12.37
N ASP A 972 14.48 40.09 11.22
CA ASP A 972 14.72 39.19 10.10
C ASP A 972 15.83 38.19 10.43
N THR A 973 16.90 38.65 11.07
CA THR A 973 17.95 37.74 11.51
C THR A 973 17.42 36.76 12.57
N ALA A 974 16.56 37.25 13.46
CA ALA A 974 15.94 36.36 14.43
C ALA A 974 15.10 35.29 13.75
N LEU A 975 14.34 35.68 12.73
CA LEU A 975 13.53 34.71 11.99
C LEU A 975 14.41 33.69 11.29
N THR A 976 15.52 34.14 10.70
CA THR A 976 16.45 33.21 10.05
C THR A 976 17.00 32.20 11.05
N LEU A 977 17.42 32.69 12.22
CA LEU A 977 17.96 31.80 13.24
C LEU A 977 16.90 30.81 13.73
N TYR A 978 15.66 31.29 13.93
CA TYR A 978 14.59 30.39 14.33
C TYR A 978 14.32 29.34 13.27
N MET A 979 14.31 29.73 12.00
CA MET A 979 14.12 28.78 10.91
C MET A 979 15.25 27.77 10.87
N ASN A 980 16.44 28.14 11.32
CA ASN A 980 17.59 27.26 11.28
C ASN A 980 17.84 26.55 12.60
N LEU A 981 16.98 26.71 13.58
CA LEU A 981 17.19 25.97 14.83
C LEU A 981 16.42 24.66 14.81
N PRO A 982 16.95 23.60 15.41
CA PRO A 982 16.25 22.32 15.40
C PRO A 982 14.92 22.40 16.12
N MET A 983 13.92 21.69 15.58
CA MET A 983 12.59 21.73 16.17
C MET A 983 12.49 20.91 17.45
N LEU A 984 13.53 20.15 17.80
CA LEU A 984 13.54 19.47 19.09
C LEU A 984 13.52 20.48 20.24
N PHE A 985 14.31 21.54 20.13
CA PHE A 985 14.27 22.63 21.10
C PHE A 985 13.32 23.74 20.65
N GLY A 986 12.10 23.36 20.26
CA GLY A 986 11.10 24.33 19.86
C GLY A 986 11.51 25.23 18.71
N GLY A 987 12.26 24.69 17.75
CA GLY A 987 12.77 25.45 16.64
C GLY A 987 11.88 25.40 15.42
N GLY A 988 12.48 25.66 14.26
CA GLY A 988 11.74 25.70 13.02
C GLY A 988 12.35 24.90 11.89
N ASP A 989 13.50 24.27 12.13
CA ASP A 989 14.17 23.48 11.11
C ASP A 989 13.69 22.03 11.21
N PRO A 990 12.98 21.51 10.22
CA PRO A 990 12.48 20.13 10.33
C PRO A 990 13.53 19.09 9.98
N ASN A 991 14.48 19.46 9.13
CA ASN A 991 15.52 18.55 8.66
C ASN A 991 16.86 19.01 9.23
N LEU A 992 17.42 18.22 10.15
CA LEU A 992 18.71 18.55 10.72
C LEU A 992 19.82 18.17 9.74
N LEU A 993 21.04 18.60 10.09
CA LEU A 993 22.16 18.44 9.16
C LEU A 993 22.54 16.98 8.95
N TYR A 994 22.25 16.11 9.92
CA TYR A 994 22.63 14.71 9.73
C TYR A 994 21.81 14.05 8.64
N ARG A 995 20.55 14.47 8.49
CA ARG A 995 19.69 13.93 7.43
C ARG A 995 20.31 14.15 6.06
N SER A 996 21.07 15.24 5.90
CA SER A 996 21.75 15.50 4.65
C SER A 996 22.87 14.52 4.36
N PHE A 997 23.32 13.76 5.36
CA PHE A 997 24.43 12.83 5.17
C PHE A 997 24.08 11.39 5.47
N TYR A 998 23.35 11.12 6.56
CA TYR A 998 22.90 9.76 6.85
C TYR A 998 21.47 9.82 7.36
N ARG A 999 20.64 8.90 6.87
CA ARG A 999 19.20 8.98 7.09
C ARG A 999 18.84 8.74 8.54
N ARG A 1000 19.40 7.69 9.15
CA ARG A 1000 19.02 7.28 10.49
C ARG A 1000 20.17 7.48 11.46
N THR A 1001 19.84 7.88 12.69
CA THR A 1001 20.81 8.11 13.74
C THR A 1001 20.37 7.41 15.02
N PRO A 1002 21.33 6.92 15.82
CA PRO A 1002 20.95 6.25 17.07
C PRO A 1002 20.18 7.14 18.04
N ASP A 1003 20.52 8.42 18.13
CA ASP A 1003 19.84 9.33 19.05
C ASP A 1003 19.67 10.68 18.40
N PHE A 1004 18.61 11.38 18.81
CA PHE A 1004 18.25 12.66 18.22
C PHE A 1004 18.73 13.87 19.02
N LEU A 1005 18.91 13.72 20.34
CA LEU A 1005 19.35 14.84 21.15
C LEU A 1005 20.76 15.29 20.77
N THR A 1006 21.68 14.33 20.60
CA THR A 1006 23.05 14.68 20.23
C THR A 1006 23.10 15.33 18.86
N GLU A 1007 22.33 14.79 17.90
CA GLU A 1007 22.29 15.37 16.57
C GLU A 1007 21.69 16.78 16.60
N ALA A 1008 20.67 16.99 17.43
CA ALA A 1008 20.08 18.33 17.56
C ALA A 1008 21.08 19.30 18.16
N ILE A 1009 21.84 18.86 19.16
CA ILE A 1009 22.85 19.73 19.76
C ILE A 1009 23.93 20.08 18.75
N VAL A 1010 24.38 19.09 17.98
CA VAL A 1010 25.40 19.33 16.97
C VAL A 1010 24.87 20.28 15.90
N HIS A 1011 23.62 20.11 15.48
CA HIS A 1011 23.02 21.01 14.51
C HIS A 1011 22.94 22.43 15.05
N SER A 1012 22.56 22.58 16.33
CA SER A 1012 22.50 23.89 16.93
C SER A 1012 23.88 24.55 16.97
N VAL A 1013 24.91 23.78 17.32
CA VAL A 1013 26.27 24.31 17.34
C VAL A 1013 26.70 24.74 15.95
N PHE A 1014 26.43 23.92 14.95
CA PHE A 1014 26.81 24.24 13.58
C PHE A 1014 26.10 25.50 13.10
N ILE A 1015 24.82 25.65 13.43
CA ILE A 1015 24.08 26.83 13.04
C ILE A 1015 24.62 28.07 13.75
N LEU A 1016 24.88 27.95 15.06
CA LEU A 1016 25.42 29.09 15.81
C LEU A 1016 26.83 29.45 15.37
N SER A 1017 27.52 28.54 14.68
CA SER A 1017 28.80 28.90 14.07
C SER A 1017 28.65 29.91 12.95
N TYR A 1018 27.43 30.16 12.47
CA TYR A 1018 27.22 31.19 11.46
C TYR A 1018 27.36 32.58 12.04
N TYR A 1019 26.76 32.82 13.21
CA TYR A 1019 26.81 34.14 13.83
C TYR A 1019 28.10 34.33 14.63
N THR A 1020 28.48 33.32 15.41
CA THR A 1020 29.75 33.34 16.13
C THR A 1020 30.82 32.75 15.23
N ASN A 1021 31.89 33.52 14.98
CA ASN A 1021 32.89 33.13 14.01
C ASN A 1021 33.75 31.97 14.52
N HIS A 1022 33.15 30.80 14.69
CA HIS A 1022 33.88 29.61 15.07
C HIS A 1022 34.43 28.91 13.83
N ASP A 1023 35.18 27.84 14.05
CA ASP A 1023 35.76 27.05 12.96
C ASP A 1023 35.54 25.59 13.25
N LEU A 1024 34.78 24.91 12.39
CA LEU A 1024 34.49 23.50 12.55
C LEU A 1024 35.57 22.59 11.97
N LYS A 1025 36.56 23.16 11.28
CA LYS A 1025 37.65 22.35 10.75
C LYS A 1025 38.47 21.73 11.88
N ASP A 1026 38.75 22.49 12.92
CA ASP A 1026 39.53 22.04 14.06
C ASP A 1026 38.59 21.69 15.23
N LYS A 1027 39.18 21.39 16.38
CA LYS A 1027 38.38 21.11 17.56
C LYS A 1027 37.68 22.38 18.06
N LEU A 1028 36.55 22.18 18.72
CA LEU A 1028 35.77 23.31 19.24
C LEU A 1028 36.55 24.00 20.35
N GLN A 1029 36.61 25.33 20.28
CA GLN A 1029 37.35 26.14 21.23
C GLN A 1029 36.42 27.17 21.88
N ASP A 1030 37.01 28.04 22.70
CA ASP A 1030 36.30 29.10 23.39
C ASP A 1030 36.80 30.44 22.88
N LEU A 1031 35.87 31.31 22.47
CA LEU A 1031 36.18 32.63 21.95
C LEU A 1031 35.46 33.69 22.78
N SER A 1032 35.71 34.96 22.44
CA SER A 1032 35.09 36.07 23.16
C SER A 1032 33.57 36.06 22.96
N ASP A 1033 33.11 35.78 21.74
CA ASP A 1033 31.68 35.71 21.46
C ASP A 1033 31.16 34.40 22.04
N ASP A 1034 30.44 34.49 23.15
CA ASP A 1034 29.99 33.32 23.90
C ASP A 1034 28.49 33.08 23.74
N ARG A 1035 27.95 33.36 22.55
CA ARG A 1035 26.56 33.01 22.29
C ARG A 1035 26.38 31.49 22.28
N LEU A 1036 27.32 30.77 21.67
CA LEU A 1036 27.26 29.31 21.71
C LEU A 1036 27.39 28.79 23.14
N ASN A 1037 28.28 29.40 23.93
CA ASN A 1037 28.41 29.02 25.33
C ASN A 1037 27.10 29.26 26.08
N LYS A 1038 26.46 30.40 25.84
CA LYS A 1038 25.19 30.71 26.50
C LYS A 1038 24.11 29.71 26.12
N PHE A 1039 24.05 29.34 24.84
CA PHE A 1039 23.07 28.35 24.39
C PHE A 1039 23.32 27.00 25.06
N LEU A 1040 24.57 26.53 25.01
CA LEU A 1040 24.92 25.24 25.60
C LEU A 1040 24.78 25.23 27.11
N THR A 1041 24.84 26.39 27.77
CA THR A 1041 24.54 26.51 29.18
C THR A 1041 23.05 26.48 29.48
N CYS A 1042 22.25 27.23 28.73
CA CYS A 1042 20.81 27.20 28.90
C CYS A 1042 20.21 25.84 28.60
N ILE A 1043 20.85 25.05 27.74
CA ILE A 1043 20.33 23.69 27.50
C ILE A 1043 20.88 22.66 28.47
N ILE A 1044 21.93 22.97 29.22
CA ILE A 1044 22.48 21.99 30.16
C ILE A 1044 21.91 22.21 31.56
N THR A 1045 21.60 23.45 31.93
CA THR A 1045 21.02 23.74 33.24
C THR A 1045 19.55 24.11 33.08
N PHE A 1046 18.71 23.58 33.97
CA PHE A 1046 17.28 23.86 34.00
C PHE A 1046 16.73 23.23 35.27
N ASP A 1047 15.52 23.64 35.63
CA ASP A 1047 14.83 23.03 36.75
C ASP A 1047 14.36 21.61 36.40
N LYS A 1048 14.31 20.76 37.41
CA LYS A 1048 13.93 19.36 37.23
C LYS A 1048 12.56 19.14 37.87
N ASN A 1049 11.56 18.90 37.03
CA ASN A 1049 10.21 18.57 37.48
C ASN A 1049 9.65 17.37 36.73
N PRO A 1050 10.27 16.21 36.85
CA PRO A 1050 9.85 15.05 36.08
C PRO A 1050 8.76 14.23 36.77
N ASN A 1051 7.90 13.64 35.94
CA ASN A 1051 6.88 12.72 36.42
C ASN A 1051 6.59 11.69 35.35
N ALA A 1052 6.18 10.50 35.80
CA ALA A 1052 5.91 9.38 34.89
C ALA A 1052 7.11 9.08 34.01
N GLU A 1053 8.30 9.19 34.60
CA GLU A 1053 9.53 9.12 33.82
C GLU A 1053 9.70 7.74 33.18
N PHE A 1054 9.44 6.68 33.93
CA PHE A 1054 9.71 5.34 33.41
C PHE A 1054 8.72 4.95 32.33
N VAL A 1055 7.43 5.23 32.53
CA VAL A 1055 6.46 4.91 31.49
C VAL A 1055 6.68 5.79 30.26
N THR A 1056 7.10 7.04 30.46
CA THR A 1056 7.40 7.90 29.31
C THR A 1056 8.59 7.37 28.52
N LEU A 1057 9.62 6.89 29.23
CA LEU A 1057 10.76 6.29 28.55
C LEU A 1057 10.37 4.99 27.85
N MET A 1058 9.45 4.23 28.45
CA MET A 1058 8.95 3.03 27.80
C MET A 1058 8.24 3.37 26.51
N ARG A 1059 7.45 4.44 26.51
CA ARG A 1059 6.76 4.86 25.30
C ARG A 1059 7.73 5.36 24.25
N ASP A 1060 8.64 6.25 24.63
CA ASP A 1060 9.65 6.80 23.73
C ASP A 1060 11.00 6.72 24.42
N PRO A 1061 11.88 5.80 23.98
CA PRO A 1061 13.19 5.67 24.65
C PRO A 1061 14.06 6.91 24.56
N GLN A 1062 13.82 7.79 23.59
CA GLN A 1062 14.61 9.00 23.41
C GLN A 1062 13.94 10.24 23.97
N ALA A 1063 12.85 10.08 24.73
CA ALA A 1063 12.16 11.23 25.30
C ALA A 1063 13.04 11.95 26.31
N LEU A 1064 12.91 13.27 26.36
CA LEU A 1064 13.70 14.08 27.28
C LEU A 1064 12.97 14.31 28.61
N GLY A 1065 11.74 14.80 28.55
CA GLY A 1065 10.95 14.97 29.76
C GLY A 1065 11.27 16.25 30.50
N SER A 1066 10.50 16.49 31.56
CA SER A 1066 10.60 17.70 32.39
C SER A 1066 10.45 18.95 31.53
N GLU A 1067 9.54 18.90 30.56
CA GLU A 1067 9.21 20.04 29.70
C GLU A 1067 10.42 20.57 28.94
N ARG A 1068 11.37 19.69 28.61
CA ARG A 1068 12.50 20.05 27.78
C ARG A 1068 12.31 19.64 26.33
N GLN A 1069 11.13 19.13 25.97
CA GLN A 1069 10.86 18.63 24.64
C GLN A 1069 9.45 19.02 24.23
N ALA A 1070 9.23 19.10 22.93
CA ALA A 1070 7.90 19.42 22.41
C ALA A 1070 6.94 18.26 22.65
N LYS A 1071 5.66 18.58 22.70
CA LYS A 1071 4.61 17.60 22.99
C LYS A 1071 3.96 17.14 21.70
N ILE A 1072 3.84 15.83 21.54
CA ILE A 1072 3.18 15.25 20.38
C ILE A 1072 1.67 15.27 20.62
N THR A 1073 0.90 15.33 19.52
CA THR A 1073 -0.55 15.41 19.63
C THR A 1073 -1.11 14.25 20.43
N SER A 1074 -0.52 13.06 20.29
CA SER A 1074 -0.98 11.90 21.05
C SER A 1074 -0.82 12.11 22.54
N GLU A 1075 0.26 12.79 22.96
CA GLU A 1075 0.52 12.99 24.38
C GLU A 1075 -0.60 13.79 25.05
N ILE A 1076 -1.26 14.67 24.32
CA ILE A 1076 -2.32 15.48 24.91
C ILE A 1076 -3.67 14.85 24.64
N ASN A 1077 -3.77 14.10 23.54
CA ASN A 1077 -5.04 13.49 23.18
C ASN A 1077 -5.29 12.17 23.88
N ARG A 1078 -4.29 11.61 24.56
CA ARG A 1078 -4.49 10.34 25.26
C ARG A 1078 -5.56 10.45 26.33
N LEU A 1079 -5.53 11.52 27.12
CA LEU A 1079 -6.54 11.69 28.17
C LEU A 1079 -7.93 11.82 27.58
N ALA A 1080 -8.07 12.61 26.51
CA ALA A 1080 -9.38 12.75 25.88
C ALA A 1080 -9.87 11.44 25.30
N VAL A 1081 -8.98 10.67 24.68
CA VAL A 1081 -9.37 9.39 24.10
C VAL A 1081 -9.81 8.43 25.19
N THR A 1082 -9.08 8.39 26.30
CA THR A 1082 -9.48 7.52 27.41
C THR A 1082 -10.81 7.94 27.99
N GLU A 1083 -11.04 9.26 28.12
CA GLU A 1083 -12.32 9.74 28.63
C GLU A 1083 -13.47 9.36 27.70
N VAL A 1084 -13.23 9.42 26.39
CA VAL A 1084 -14.26 9.04 25.42
C VAL A 1084 -14.54 7.54 25.52
N LEU A 1085 -13.49 6.72 25.51
CA LEU A 1085 -13.66 5.28 25.53
C LEU A 1085 -14.24 4.77 26.84
N SER A 1086 -14.08 5.53 27.93
CA SER A 1086 -14.68 5.13 29.20
C SER A 1086 -16.20 5.07 29.09
N THR A 1087 -16.80 6.06 28.43
CA THR A 1087 -18.24 6.08 28.22
C THR A 1087 -18.57 5.53 26.83
N ALA A 1088 -18.28 4.24 26.66
CA ALA A 1088 -18.54 3.55 25.41
C ALA A 1088 -19.30 2.27 25.67
N PRO A 1089 -20.23 1.90 24.77
CA PRO A 1089 -20.97 0.65 24.96
C PRO A 1089 -20.07 -0.59 24.97
N ASN A 1090 -18.96 -0.57 24.25
CA ASN A 1090 -18.08 -1.73 24.19
C ASN A 1090 -17.41 -1.95 25.54
N LYS A 1091 -17.67 -3.10 26.15
CA LYS A 1091 -17.14 -3.36 27.49
C LYS A 1091 -15.63 -3.44 27.48
N ILE A 1092 -15.04 -4.01 26.42
CA ILE A 1092 -13.59 -4.15 26.35
C ILE A 1092 -12.92 -2.78 26.42
N PHE A 1093 -13.27 -1.90 25.49
CA PHE A 1093 -12.67 -0.57 25.45
C PHE A 1093 -13.03 0.24 26.68
N SER A 1094 -14.26 0.07 27.19
CA SER A 1094 -14.67 0.81 28.37
C SER A 1094 -13.80 0.44 29.58
N LYS A 1095 -13.60 -0.85 29.82
CA LYS A 1095 -12.76 -1.28 30.92
C LYS A 1095 -11.31 -0.87 30.71
N SER A 1096 -10.82 -0.98 29.47
CA SER A 1096 -9.45 -0.58 29.20
C SER A 1096 -9.22 0.90 29.49
N ALA A 1097 -10.18 1.75 29.11
CA ALA A 1097 -10.04 3.18 29.36
C ALA A 1097 -10.23 3.51 30.84
N GLN A 1098 -11.14 2.82 31.53
CA GLN A 1098 -11.35 3.08 32.94
C GLN A 1098 -10.13 2.69 33.77
N HIS A 1099 -9.47 1.60 33.39
CA HIS A 1099 -8.27 1.14 34.08
C HIS A 1099 -6.99 1.61 33.40
N TYR A 1100 -7.01 2.81 32.82
CA TYR A 1100 -5.87 3.31 32.05
C TYR A 1100 -4.87 4.07 32.94
N THR A 1101 -5.34 5.07 33.68
CA THR A 1101 -4.43 5.86 34.51
C THR A 1101 -3.78 4.99 35.59
N THR A 1102 -4.56 4.11 36.21
CA THR A 1102 -3.98 3.18 37.17
C THR A 1102 -2.96 2.27 36.50
N THR A 1103 -3.25 1.84 35.27
CA THR A 1103 -2.28 1.05 34.52
C THR A 1103 -1.02 1.86 34.24
N GLU A 1104 -1.16 3.14 33.94
CA GLU A 1104 0.01 4.00 33.73
C GLU A 1104 0.86 4.07 35.00
N ILE A 1105 0.21 4.27 36.15
CA ILE A 1105 0.94 4.36 37.41
C ILE A 1105 1.66 3.05 37.70
N ASP A 1106 0.95 1.92 37.52
CA ASP A 1106 1.56 0.62 37.79
C ASP A 1106 2.73 0.36 36.84
N LEU A 1107 2.58 0.72 35.56
CA LEU A 1107 3.66 0.55 34.59
C LEU A 1107 4.87 1.39 34.98
N ASN A 1108 4.64 2.61 35.45
CA ASN A 1108 5.75 3.43 35.93
C ASN A 1108 6.42 2.78 37.14
N ASP A 1109 5.63 2.18 38.02
CA ASP A 1109 6.17 1.61 39.26
C ASP A 1109 6.81 0.24 39.09
N ILE A 1110 6.58 -0.46 37.97
CA ILE A 1110 7.13 -1.80 37.81
C ILE A 1110 8.65 -1.79 37.93
N MET A 1111 9.32 -0.90 37.20
CA MET A 1111 10.76 -0.95 37.06
C MET A 1111 11.38 0.39 37.44
N GLN A 1112 10.95 0.95 38.57
CA GLN A 1112 11.54 2.17 39.08
C GLN A 1112 12.67 1.91 40.06
N ASN A 1113 12.94 0.66 40.41
CA ASN A 1113 13.96 0.31 41.38
C ASN A 1113 15.23 -0.23 40.73
N ILE A 1114 15.31 -0.24 39.41
CA ILE A 1114 16.51 -0.69 38.71
C ILE A 1114 17.49 0.47 38.64
N GLU A 1115 18.74 0.23 39.11
CA GLU A 1115 19.70 1.32 39.17
C GLU A 1115 20.13 1.80 37.79
N PRO A 1116 20.65 0.95 36.88
CA PRO A 1116 20.99 1.43 35.54
C PRO A 1116 19.77 1.39 34.63
N THR A 1117 19.31 2.56 34.21
CA THR A 1117 18.10 2.67 33.39
C THR A 1117 18.44 2.40 31.93
N TYR A 1118 17.79 1.42 31.33
CA TYR A 1118 17.94 1.11 29.92
C TYR A 1118 16.64 1.43 29.19
N PRO A 1119 16.55 2.55 28.47
CA PRO A 1119 15.28 2.87 27.79
C PRO A 1119 14.84 1.83 26.79
N HIS A 1120 15.79 1.19 26.09
CA HIS A 1120 15.41 0.17 25.12
C HIS A 1120 14.91 -1.10 25.80
N GLY A 1121 15.52 -1.47 26.93
CA GLY A 1121 14.97 -2.57 27.71
C GLY A 1121 13.58 -2.26 28.25
N LEU A 1122 13.36 -1.01 28.66
CA LEU A 1122 12.04 -0.59 29.09
C LEU A 1122 11.05 -0.68 27.93
N ARG A 1123 11.49 -0.32 26.72
CA ARG A 1123 10.64 -0.45 25.54
C ARG A 1123 10.31 -1.92 25.26
N VAL A 1124 11.28 -2.81 25.47
CA VAL A 1124 11.02 -4.24 25.30
C VAL A 1124 9.96 -4.71 26.29
N VAL A 1125 10.08 -4.26 27.54
CA VAL A 1125 9.07 -4.59 28.56
C VAL A 1125 7.70 -4.07 28.12
N TYR A 1126 7.68 -2.84 27.61
CA TYR A 1126 6.42 -2.22 27.16
C TYR A 1126 5.79 -3.02 26.03
N GLU A 1127 6.59 -3.46 25.07
CA GLU A 1127 6.07 -4.25 23.96
C GLU A 1127 5.57 -5.61 24.46
N SER A 1128 6.31 -6.23 25.38
CA SER A 1128 5.88 -7.54 25.89
C SER A 1128 4.57 -7.45 26.65
N LEU A 1129 4.39 -6.41 27.46
CA LEU A 1129 3.20 -6.30 28.27
C LEU A 1129 1.98 -5.99 27.40
N PRO A 1130 0.78 -6.38 27.86
CA PRO A 1130 -0.43 -6.19 27.03
C PRO A 1130 -0.88 -4.74 26.91
N PHE A 1131 -0.33 -3.83 27.71
CA PHE A 1131 -0.71 -2.43 27.61
C PHE A 1131 -0.31 -1.83 26.27
N TYR A 1132 0.62 -2.45 25.57
CA TYR A 1132 1.08 -1.94 24.28
C TYR A 1132 -0.06 -1.87 23.27
N LYS A 1133 -0.86 -2.94 23.19
CA LYS A 1133 -1.97 -2.95 22.23
C LYS A 1133 -3.02 -1.89 22.58
N ALA A 1134 -3.37 -1.77 23.85
CA ALA A 1134 -4.37 -0.80 24.26
C ALA A 1134 -3.90 0.62 23.96
N GLU A 1135 -2.64 0.93 24.27
CA GLU A 1135 -2.15 2.28 24.01
C GLU A 1135 -1.96 2.52 22.52
N LYS A 1136 -1.65 1.49 21.74
CA LYS A 1136 -1.59 1.66 20.29
C LYS A 1136 -2.96 1.98 19.72
N ILE A 1137 -4.00 1.31 20.21
CA ILE A 1137 -5.36 1.64 19.78
C ILE A 1137 -5.72 3.06 20.20
N VAL A 1138 -5.34 3.44 21.42
CA VAL A 1138 -5.62 4.81 21.89
C VAL A 1138 -4.93 5.83 21.00
N ASN A 1139 -3.67 5.58 20.63
CA ASN A 1139 -2.94 6.49 19.77
C ASN A 1139 -3.58 6.57 18.38
N LEU A 1140 -4.03 5.43 17.85
CA LEU A 1140 -4.70 5.44 16.56
C LEU A 1140 -5.98 6.25 16.62
N ILE A 1141 -6.73 6.13 17.71
CA ILE A 1141 -7.95 6.92 17.88
C ILE A 1141 -7.60 8.41 18.01
N SER A 1142 -6.48 8.71 18.66
CA SER A 1142 -6.09 10.10 18.87
C SER A 1142 -5.85 10.86 17.57
N GLY A 1143 -5.58 10.16 16.49
CA GLY A 1143 -5.36 10.79 15.20
C GLY A 1143 -6.61 11.12 14.43
N THR A 1144 -7.79 10.89 14.99
CA THR A 1144 -9.03 11.18 14.29
C THR A 1144 -9.23 12.68 14.15
N LYS A 1145 -10.17 13.05 13.28
CA LYS A 1145 -10.44 14.47 13.04
C LYS A 1145 -10.96 15.15 14.29
N SER A 1146 -11.86 14.51 15.02
CA SER A 1146 -12.48 15.10 16.20
C SER A 1146 -12.74 14.02 17.23
N ILE A 1147 -12.04 14.10 18.37
CA ILE A 1147 -12.30 13.26 19.53
C ILE A 1147 -13.50 13.87 20.25
N THR A 1148 -14.04 13.17 21.25
CA THR A 1148 -15.22 13.58 22.01
C THR A 1148 -16.44 13.80 21.13
N ASN A 1149 -16.40 13.33 19.88
CA ASN A 1149 -17.52 13.48 18.96
C ASN A 1149 -17.71 12.21 18.14
N ILE A 1150 -16.94 11.16 18.43
CA ILE A 1150 -17.08 9.90 17.69
C ILE A 1150 -18.45 9.28 17.94
N LEU A 1151 -18.88 9.30 19.20
CA LEU A 1151 -20.15 8.69 19.59
C LEU A 1151 -21.31 9.70 19.61
N GLU A 1152 -21.24 10.71 18.76
CA GLU A 1152 -22.28 11.74 18.71
C GLU A 1152 -22.89 11.92 17.33
N LYS A 1153 -22.47 11.14 16.34
CA LYS A 1153 -23.01 11.20 14.98
C LYS A 1153 -22.91 12.60 14.40
N THR A 1154 -21.68 13.12 14.37
CA THR A 1154 -21.41 14.44 13.82
C THR A 1154 -20.01 14.46 13.23
N SER A 1155 -19.84 15.18 12.15
CA SER A 1155 -18.56 15.19 11.48
C SER A 1155 -17.84 16.46 11.77
N ALA A 1156 -18.41 17.30 12.61
CA ALA A 1156 -17.80 18.56 12.98
C ALA A 1156 -16.73 18.32 14.05
N ILE A 1157 -16.13 19.39 14.54
CA ILE A 1157 -15.07 19.32 15.54
C ILE A 1157 -15.51 20.11 16.76
N ASP A 1158 -15.34 19.53 17.95
CA ASP A 1158 -15.80 20.15 19.17
C ASP A 1158 -14.92 21.34 19.55
N LEU A 1159 -15.55 22.32 20.22
CA LEU A 1159 -14.80 23.48 20.71
C LEU A 1159 -13.73 23.08 21.71
N THR A 1160 -13.97 22.02 22.48
CA THR A 1160 -12.93 21.51 23.37
C THR A 1160 -11.72 21.02 22.59
N ASP A 1161 -11.96 20.31 21.48
CA ASP A 1161 -10.87 19.88 20.63
C ASP A 1161 -10.12 21.07 20.04
N ILE A 1162 -10.86 22.08 19.58
CA ILE A 1162 -10.24 23.25 18.99
C ILE A 1162 -9.36 23.96 20.02
N ASP A 1163 -9.88 24.13 21.24
CA ASP A 1163 -9.12 24.80 22.28
C ASP A 1163 -7.89 24.00 22.68
N ARG A 1164 -8.01 22.68 22.80
CA ARG A 1164 -6.86 21.85 23.15
C ARG A 1164 -5.79 21.93 22.08
N ALA A 1165 -6.18 21.84 20.81
CA ALA A 1165 -5.20 21.94 19.73
C ALA A 1165 -4.54 23.32 19.69
N THR A 1166 -5.33 24.37 19.92
CA THR A 1166 -4.78 25.72 19.92
C THR A 1166 -3.78 25.90 21.07
N GLU A 1167 -4.11 25.39 22.25
CA GLU A 1167 -3.19 25.47 23.38
C GLU A 1167 -1.92 24.70 23.11
N MET A 1168 -2.04 23.51 22.50
CA MET A 1168 -0.85 22.74 22.16
C MET A 1168 0.04 23.49 21.19
N MET A 1169 -0.56 24.07 20.14
CA MET A 1169 0.23 24.81 19.16
C MET A 1169 0.89 26.02 19.78
N ARG A 1170 0.17 26.76 20.64
CA ARG A 1170 0.76 27.93 21.27
C ARG A 1170 1.92 27.55 22.18
N LYS A 1171 1.76 26.46 22.95
CA LYS A 1171 2.84 26.01 23.81
C LYS A 1171 4.04 25.55 23.00
N ASN A 1172 3.79 24.87 21.87
CA ASN A 1172 4.89 24.43 21.02
C ASN A 1172 5.63 25.60 20.40
N ILE A 1173 4.90 26.63 19.97
CA ILE A 1173 5.56 27.83 19.44
C ILE A 1173 6.40 28.49 20.53
N THR A 1174 5.80 28.72 21.70
CA THR A 1174 6.52 29.40 22.77
C THR A 1174 7.32 28.41 23.60
N LEU A 1175 8.16 27.61 22.93
CA LEU A 1175 9.04 26.67 23.62
C LEU A 1175 10.47 27.17 23.73
N LEU A 1176 10.96 27.89 22.72
CA LEU A 1176 12.29 28.49 22.81
C LEU A 1176 12.40 29.44 23.98
N ILE A 1177 11.30 30.07 24.38
CA ILE A 1177 11.30 30.96 25.53
C ILE A 1177 11.69 30.19 26.79
N ARG A 1178 11.10 29.01 26.98
CA ARG A 1178 11.40 28.20 28.15
C ARG A 1178 12.77 27.53 28.05
N ILE A 1179 13.12 27.03 26.86
CA ILE A 1179 14.39 26.33 26.69
C ILE A 1179 15.56 27.27 26.85
N LEU A 1180 15.42 28.53 26.42
CA LEU A 1180 16.51 29.51 26.43
C LEU A 1180 16.06 30.73 27.22
N PRO A 1181 16.11 30.67 28.55
CA PRO A 1181 15.74 31.83 29.36
C PRO A 1181 16.76 32.94 29.25
N LEU A 1182 16.31 34.15 29.58
CA LEU A 1182 17.15 35.35 29.44
C LEU A 1182 17.98 35.58 30.71
N ASP A 1183 18.05 34.54 31.53
CA ASP A 1183 18.86 34.59 32.76
C ASP A 1183 19.70 33.32 32.88
N CYS A 1184 19.55 32.41 31.93
CA CYS A 1184 20.29 31.15 31.87
C CYS A 1184 20.01 30.26 33.08
N ASN A 1185 19.06 30.67 33.93
CA ASN A 1185 18.62 29.90 35.09
C ASN A 1185 19.77 29.49 36.00
N ARG A 1186 20.90 30.21 35.88
CA ARG A 1186 22.10 29.91 36.66
C ARG A 1186 22.66 31.16 37.34
N ASP A 1187 21.78 32.07 37.76
CA ASP A 1187 22.16 33.29 38.46
C ASP A 1187 23.06 34.19 37.61
N LYS A 1188 22.80 34.20 36.31
CA LYS A 1188 23.46 35.11 35.37
C LYS A 1188 24.98 34.96 35.41
N ARG A 1189 25.45 33.75 35.66
CA ARG A 1189 26.87 33.50 35.83
C ARG A 1189 27.10 31.99 35.67
N GLU A 1190 28.37 31.59 35.76
CA GLU A 1190 28.80 30.20 35.60
C GLU A 1190 28.41 29.66 34.24
N ILE A 1191 28.96 30.25 33.18
CA ILE A 1191 28.75 29.80 31.81
C ILE A 1191 29.76 28.71 31.49
N LEU A 1192 29.29 27.61 30.91
CA LEU A 1192 30.11 26.44 30.65
C LEU A 1192 31.29 26.75 29.74
N SER A 1193 32.49 26.34 30.15
CA SER A 1193 33.68 26.52 29.33
C SER A 1193 33.64 25.58 28.12
N MET A 1194 33.97 26.12 26.95
CA MET A 1194 33.91 25.34 25.72
C MET A 1194 35.12 24.44 25.54
N GLU A 1195 36.23 24.74 26.19
CA GLU A 1195 37.44 23.94 26.02
C GLU A 1195 37.26 22.55 26.62
N ASN A 1196 37.72 21.54 25.87
CA ASN A 1196 37.66 20.15 26.31
C ASN A 1196 36.22 19.75 26.67
N LEU A 1197 35.31 19.95 25.73
CA LEU A 1197 33.91 19.65 25.90
C LEU A 1197 33.52 18.51 24.98
N SER A 1198 32.80 17.53 25.52
CA SER A 1198 32.29 16.41 24.73
C SER A 1198 30.80 16.60 24.51
N ILE A 1199 30.38 16.63 23.24
CA ILE A 1199 28.97 16.79 22.92
C ILE A 1199 28.18 15.58 23.42
N THR A 1200 28.76 14.39 23.29
CA THR A 1200 28.08 13.20 23.80
C THR A 1200 27.90 13.26 25.31
N GLU A 1201 28.94 13.68 26.03
CA GLU A 1201 28.82 13.83 27.48
C GLU A 1201 27.77 14.87 27.84
N LEU A 1202 27.77 16.00 27.13
CA LEU A 1202 26.79 17.05 27.42
C LEU A 1202 25.37 16.56 27.19
N SER A 1203 25.13 15.87 26.06
CA SER A 1203 23.80 15.36 25.76
C SER A 1203 23.36 14.32 26.78
N LYS A 1204 24.27 13.42 27.16
CA LYS A 1204 23.95 12.43 28.18
C LYS A 1204 23.58 13.09 29.50
N TYR A 1205 24.35 14.11 29.90
CA TYR A 1205 24.05 14.79 31.16
C TYR A 1205 22.72 15.53 31.07
N VAL A 1206 22.41 16.14 29.92
CA VAL A 1206 21.11 16.78 29.76
C VAL A 1206 19.99 15.78 29.90
N ARG A 1207 20.12 14.60 29.28
CA ARG A 1207 19.08 13.59 29.39
C ARG A 1207 18.91 13.12 30.83
N GLU A 1208 20.02 12.84 31.52
CA GLU A 1208 19.93 12.38 32.90
C GLU A 1208 19.35 13.45 33.81
N ARG A 1209 19.74 14.71 33.62
CA ARG A 1209 19.19 15.79 34.44
C ARG A 1209 17.70 15.97 34.17
N SER A 1210 17.29 15.87 32.91
CA SER A 1210 15.88 16.02 32.57
C SER A 1210 15.05 14.92 33.21
N TRP A 1211 15.55 13.68 33.19
CA TRP A 1211 14.79 12.58 33.75
C TRP A 1211 15.05 12.36 35.25
N SER A 1212 15.93 13.16 35.85
CA SER A 1212 16.29 13.02 37.27
C SER A 1212 16.74 11.60 37.58
N LEU A 1213 17.52 11.02 36.67
CA LEU A 1213 18.02 9.66 36.80
C LEU A 1213 19.53 9.67 36.98
N SER A 1214 20.03 8.81 37.86
CA SER A 1214 21.45 8.80 38.16
C SER A 1214 22.27 8.39 36.93
N ASN A 1215 21.80 7.42 36.17
CA ASN A 1215 22.55 6.93 35.03
C ASN A 1215 21.59 6.37 33.99
N ILE A 1216 21.63 6.92 32.78
CA ILE A 1216 20.90 6.39 31.64
C ILE A 1216 21.93 5.95 30.61
N VAL A 1217 21.88 4.67 30.24
CA VAL A 1217 22.88 4.08 29.37
C VAL A 1217 22.19 3.37 28.22
N GLY A 1218 22.91 3.22 27.11
CA GLY A 1218 22.40 2.50 25.96
C GLY A 1218 21.54 3.31 25.02
N VAL A 1219 21.41 4.62 25.24
CA VAL A 1219 20.59 5.46 24.38
C VAL A 1219 21.39 6.56 23.70
N THR A 1220 22.50 7.02 24.27
CA THR A 1220 23.28 8.09 23.68
C THR A 1220 24.37 7.52 22.80
N SER A 1221 24.69 8.24 21.72
CA SER A 1221 25.71 7.82 20.77
C SER A 1221 26.30 9.08 20.15
N PRO A 1222 27.63 9.11 19.93
CA PRO A 1222 28.24 10.31 19.37
C PRO A 1222 27.72 10.61 17.97
N SER A 1223 27.60 11.89 17.67
CA SER A 1223 27.18 12.32 16.34
C SER A 1223 28.32 12.09 15.36
N ILE A 1224 28.05 11.32 14.31
CA ILE A 1224 29.09 10.99 13.34
C ILE A 1224 29.53 12.24 12.58
N MET A 1225 28.58 13.11 12.25
CA MET A 1225 28.92 14.32 11.51
C MET A 1225 29.88 15.20 12.31
N TYR A 1226 29.65 15.35 13.60
CA TYR A 1226 30.54 16.16 14.44
C TYR A 1226 31.85 15.43 14.73
N THR A 1227 31.80 14.11 14.92
CA THR A 1227 33.00 13.37 15.32
C THR A 1227 33.99 13.24 14.18
N MET A 1228 33.50 12.93 12.97
CA MET A 1228 34.39 12.65 11.85
C MET A 1228 35.00 13.95 11.33
N ASP A 1229 36.29 14.14 11.61
CA ASP A 1229 37.02 15.23 10.99
C ASP A 1229 37.32 14.90 9.53
N ILE A 1230 37.38 15.93 8.69
CA ILE A 1230 37.44 15.76 7.24
C ILE A 1230 38.74 16.35 6.72
N LYS A 1231 39.58 15.51 6.14
CA LYS A 1231 40.73 15.94 5.36
C LYS A 1231 40.84 15.09 4.11
N TYR A 1232 41.15 15.74 2.99
CA TYR A 1232 41.14 15.10 1.68
C TYR A 1232 42.49 14.52 1.28
N THR A 1233 43.50 14.60 2.13
CA THR A 1233 44.83 14.09 1.81
C THR A 1233 45.35 13.26 2.97
N THR A 1234 46.22 12.31 2.65
CA THR A 1234 46.80 11.42 3.64
C THR A 1234 48.06 12.03 4.23
N SER A 1235 48.40 11.58 5.44
CA SER A 1235 49.58 12.05 6.15
C SER A 1235 49.99 10.98 7.16
N THR A 1236 50.93 11.32 8.04
CA THR A 1236 51.37 10.39 9.07
C THR A 1236 50.29 10.10 10.09
N ILE A 1237 49.29 10.95 10.20
CA ILE A 1237 48.19 10.74 11.13
C ILE A 1237 46.93 10.22 10.42
N SER A 1238 47.10 9.59 9.25
CA SER A 1238 45.97 9.09 8.49
C SER A 1238 45.39 7.85 9.15
N SER A 1239 44.78 8.01 10.32
CA SER A 1239 44.16 6.93 11.07
C SER A 1239 42.64 7.00 10.97
N GLY A 1240 42.13 7.41 9.81
CA GLY A 1240 40.72 7.58 9.61
C GLY A 1240 40.13 6.55 8.64
N ILE A 1241 38.84 6.75 8.35
CA ILE A 1241 38.16 5.91 7.37
C ILE A 1241 38.73 6.19 5.99
N ILE A 1242 39.10 5.13 5.28
CA ILE A 1242 39.68 5.24 3.94
C ILE A 1242 38.52 5.09 2.96
N ILE A 1243 38.05 6.22 2.43
CA ILE A 1243 36.98 6.23 1.42
C ILE A 1243 37.54 6.87 0.16
N GLU A 1244 37.48 6.13 -0.95
CA GLU A 1244 37.99 6.60 -2.22
C GLU A 1244 37.05 6.15 -3.33
N LYS A 1245 37.08 6.89 -4.43
CA LYS A 1245 36.28 6.57 -5.61
C LYS A 1245 37.03 5.59 -6.50
N TYR A 1246 36.28 4.71 -7.16
CA TYR A 1246 36.87 3.74 -8.06
C TYR A 1246 36.62 4.06 -9.53
N ASN A 1247 35.65 4.91 -9.83
CA ASN A 1247 35.40 5.32 -11.20
C ASN A 1247 36.46 6.32 -11.64
N VAL A 1248 37.06 6.07 -12.81
CA VAL A 1248 38.15 6.93 -13.31
C VAL A 1248 37.49 8.03 -14.12
N ASN A 1249 37.05 9.07 -13.40
CA ASN A 1249 36.43 10.24 -14.00
C ASN A 1249 36.34 11.32 -12.91
N SER A 1250 35.98 12.53 -13.32
CA SER A 1250 35.87 13.64 -12.39
C SER A 1250 34.48 13.77 -11.79
N LEU A 1251 33.44 13.50 -12.58
CA LEU A 1251 32.06 13.55 -12.13
C LEU A 1251 31.48 12.14 -12.17
N THR A 1252 30.94 11.68 -11.04
CA THR A 1252 30.39 10.32 -10.95
C THR A 1252 28.92 10.33 -10.58
N ARG A 1253 28.22 11.45 -10.78
CA ARG A 1253 26.78 11.50 -10.56
C ARG A 1253 26.07 10.91 -11.77
N GLY A 1254 25.13 10.00 -11.52
CA GLY A 1254 24.43 9.35 -12.60
C GLY A 1254 25.23 8.29 -13.32
N GLU A 1255 26.20 7.67 -12.63
CA GLU A 1255 27.00 6.62 -13.23
C GLU A 1255 27.13 5.47 -12.22
N ARG A 1256 27.33 4.27 -12.75
CA ARG A 1256 27.42 3.06 -11.93
C ARG A 1256 28.86 2.63 -11.77
N GLY A 1257 29.21 2.21 -10.56
CA GLY A 1257 30.55 1.76 -10.26
C GLY A 1257 30.62 0.24 -10.17
N PRO A 1258 31.80 -0.28 -9.85
CA PRO A 1258 32.00 -1.74 -9.80
C PRO A 1258 31.74 -2.39 -8.45
N THR A 1259 31.46 -1.61 -7.41
CA THR A 1259 31.26 -2.17 -6.08
C THR A 1259 29.78 -2.45 -5.82
N LYS A 1260 29.53 -3.24 -4.78
CA LYS A 1260 28.17 -3.58 -4.42
C LYS A 1260 27.48 -2.39 -3.76
N PRO A 1261 26.16 -2.29 -3.89
CA PRO A 1261 25.43 -1.18 -3.25
C PRO A 1261 25.58 -1.22 -1.74
N TRP A 1262 25.69 -0.03 -1.14
CA TRP A 1262 25.83 0.12 0.30
C TRP A 1262 24.45 0.16 0.92
N VAL A 1263 23.97 -1.00 1.38
CA VAL A 1263 22.66 -1.07 2.00
C VAL A 1263 22.69 -0.47 3.40
N GLY A 1264 23.85 -0.49 4.06
CA GLY A 1264 23.95 0.06 5.40
C GLY A 1264 23.29 -0.79 6.47
N SER A 1265 23.15 -2.09 6.25
CA SER A 1265 22.50 -2.95 7.22
C SER A 1265 23.32 -3.06 8.49
N SER A 1266 22.64 -3.08 9.63
CA SER A 1266 23.31 -3.21 10.92
C SER A 1266 23.78 -4.65 11.13
N THR A 1267 24.65 -4.83 12.12
CA THR A 1267 25.19 -6.15 12.42
C THR A 1267 24.10 -7.06 12.97
N GLN A 1268 23.97 -8.24 12.38
CA GLN A 1268 22.97 -9.19 12.82
C GLN A 1268 23.34 -9.79 14.18
N GLU A 1269 22.37 -9.88 15.07
CA GLU A 1269 22.60 -10.50 16.37
C GLU A 1269 22.67 -12.01 16.22
N LYS A 1270 23.36 -12.65 17.16
CA LYS A 1270 23.55 -14.10 17.13
C LYS A 1270 22.47 -14.77 17.96
N LYS A 1271 21.73 -15.70 17.34
CA LYS A 1271 20.65 -16.41 17.99
C LYS A 1271 20.78 -17.90 17.72
N THR A 1272 20.19 -18.70 18.61
CA THR A 1272 20.15 -20.15 18.48
C THR A 1272 18.69 -20.57 18.66
N MET A 1273 17.94 -20.58 17.57
CA MET A 1273 16.53 -20.95 17.63
C MET A 1273 16.38 -22.42 17.99
N PRO A 1274 15.60 -22.75 19.00
CA PRO A 1274 15.41 -24.16 19.35
C PRO A 1274 14.63 -24.91 18.27
N VAL A 1275 14.88 -26.21 18.20
CA VAL A 1275 14.26 -27.06 17.19
C VAL A 1275 12.87 -27.46 17.70
N TYR A 1276 11.84 -26.80 17.18
CA TYR A 1276 10.47 -27.12 17.55
C TYR A 1276 9.54 -26.65 16.44
N ASN A 1277 8.32 -27.17 16.44
CA ASN A 1277 7.35 -26.82 15.42
C ASN A 1277 6.85 -25.39 15.62
N ARG A 1278 6.90 -24.59 14.56
CA ARG A 1278 6.51 -23.19 14.62
C ARG A 1278 5.22 -22.88 13.89
N GLN A 1279 4.78 -23.77 12.98
CA GLN A 1279 3.54 -23.50 12.25
C GLN A 1279 2.32 -23.55 13.16
N VAL A 1280 2.37 -24.39 14.21
CA VAL A 1280 1.23 -24.50 15.11
C VAL A 1280 1.13 -23.30 16.05
N LEU A 1281 2.16 -22.47 16.12
CA LEU A 1281 2.11 -21.25 16.92
C LEU A 1281 1.76 -20.07 16.03
N THR A 1282 0.88 -19.21 16.51
CA THR A 1282 0.48 -18.05 15.73
C THR A 1282 1.56 -16.97 15.78
N LYS A 1283 1.41 -15.99 14.89
CA LYS A 1283 2.42 -14.94 14.78
C LYS A 1283 2.51 -14.12 16.06
N LYS A 1284 1.38 -13.82 16.69
CA LYS A 1284 1.40 -13.08 17.94
C LYS A 1284 2.11 -13.86 19.04
N GLN A 1285 1.86 -15.17 19.12
CA GLN A 1285 2.55 -15.99 20.11
C GLN A 1285 4.05 -16.03 19.85
N ARG A 1286 4.45 -16.15 18.59
CA ARG A 1286 5.88 -16.14 18.27
C ARG A 1286 6.52 -14.80 18.63
N ASP A 1287 5.83 -13.70 18.35
CA ASP A 1287 6.35 -12.39 18.70
C ASP A 1287 6.49 -12.24 20.21
N GLN A 1288 5.50 -12.71 20.97
CA GLN A 1288 5.58 -12.65 22.42
C GLN A 1288 6.73 -13.50 22.94
N ILE A 1289 6.94 -14.68 22.36
CA ILE A 1289 8.05 -15.53 22.77
C ILE A 1289 9.38 -14.85 22.49
N ASP A 1290 9.51 -14.21 21.32
CA ASP A 1290 10.74 -13.51 20.99
C ASP A 1290 10.98 -12.33 21.93
N LEU A 1291 9.93 -11.59 22.28
CA LEU A 1291 10.07 -10.49 23.22
C LEU A 1291 10.49 -11.00 24.59
N LEU A 1292 9.91 -12.10 25.04
CA LEU A 1292 10.30 -12.67 26.33
C LEU A 1292 11.74 -13.15 26.31
N ALA A 1293 12.18 -13.72 25.19
CA ALA A 1293 13.58 -14.13 25.07
C ALA A 1293 14.51 -12.93 25.13
N LYS A 1294 14.12 -11.83 24.46
CA LYS A 1294 14.90 -10.60 24.55
C LYS A 1294 14.97 -10.10 25.99
N LEU A 1295 13.85 -10.18 26.71
CA LEU A 1295 13.83 -9.75 28.10
C LEU A 1295 14.75 -10.61 28.96
N ASP A 1296 14.71 -11.93 28.75
CA ASP A 1296 15.59 -12.82 29.50
C ASP A 1296 17.06 -12.53 29.20
N TRP A 1297 17.38 -12.25 27.94
CA TRP A 1297 18.75 -11.93 27.58
C TRP A 1297 19.20 -10.61 28.18
N VAL A 1298 18.35 -9.59 28.13
CA VAL A 1298 18.76 -8.25 28.57
C VAL A 1298 18.85 -8.18 30.08
N TYR A 1299 17.81 -8.66 30.77
CA TYR A 1299 17.70 -8.53 32.22
C TYR A 1299 18.03 -9.83 32.94
N ALA A 1300 19.01 -10.58 32.43
CA ALA A 1300 19.43 -11.80 33.10
C ALA A 1300 20.01 -11.51 34.48
N SER A 1301 20.80 -10.43 34.59
CA SER A 1301 21.42 -10.06 35.86
C SER A 1301 20.46 -9.17 36.66
N ILE A 1302 19.37 -9.80 37.10
CA ILE A 1302 18.34 -9.14 37.91
C ILE A 1302 18.10 -10.00 39.14
N ASP A 1303 18.10 -9.38 40.31
CA ASP A 1303 17.90 -10.13 41.56
C ASP A 1303 16.53 -10.78 41.61
N ASN A 1304 15.55 -10.20 40.93
CA ASN A 1304 14.18 -10.67 40.94
C ASN A 1304 13.83 -11.44 39.66
N LYS A 1305 14.84 -11.80 38.87
CA LYS A 1305 14.62 -12.26 37.50
C LYS A 1305 13.81 -13.55 37.47
N ASP A 1306 14.08 -14.49 38.38
CA ASP A 1306 13.45 -15.81 38.31
C ASP A 1306 11.93 -15.69 38.34
N GLU A 1307 11.39 -15.20 39.46
CA GLU A 1307 9.94 -15.08 39.56
C GLU A 1307 9.40 -13.97 38.69
N PHE A 1308 10.21 -12.97 38.34
CA PHE A 1308 9.75 -11.95 37.39
C PHE A 1308 9.41 -12.59 36.05
N MET A 1309 10.34 -13.37 35.49
CA MET A 1309 10.09 -14.04 34.22
C MET A 1309 9.01 -15.10 34.36
N GLU A 1310 8.97 -15.79 35.52
CA GLU A 1310 7.93 -16.80 35.73
C GLU A 1310 6.54 -16.16 35.67
N GLU A 1311 6.34 -15.06 36.38
CA GLU A 1311 5.04 -14.40 36.37
C GLU A 1311 4.74 -13.80 35.01
N LEU A 1312 5.75 -13.23 34.34
CA LEU A 1312 5.52 -12.68 33.01
C LEU A 1312 5.07 -13.75 32.03
N SER A 1313 5.72 -14.91 32.05
CA SER A 1313 5.33 -16.01 31.17
C SER A 1313 3.94 -16.52 31.52
N ILE A 1314 3.65 -16.68 32.82
CA ILE A 1314 2.35 -17.18 33.23
C ILE A 1314 1.24 -16.23 32.80
N GLY A 1315 1.52 -14.92 32.87
CA GLY A 1315 0.49 -13.96 32.49
C GLY A 1315 0.31 -13.88 30.98
N THR A 1316 1.40 -13.66 30.24
CA THR A 1316 1.28 -13.45 28.80
C THR A 1316 0.89 -14.73 28.08
N LEU A 1317 1.56 -15.83 28.38
CA LEU A 1317 1.31 -17.12 27.75
C LEU A 1317 0.69 -18.09 28.76
N GLY A 1318 0.23 -19.22 28.26
CA GLY A 1318 -0.31 -20.24 29.13
C GLY A 1318 0.70 -21.16 29.79
N LEU A 1319 1.98 -20.93 29.54
CA LEU A 1319 3.04 -21.79 30.02
C LEU A 1319 3.76 -21.19 31.22
N THR A 1320 4.53 -22.02 31.89
CA THR A 1320 5.39 -21.57 32.98
C THR A 1320 6.76 -21.18 32.42
N TYR A 1321 7.64 -20.71 33.30
CA TYR A 1321 8.96 -20.27 32.86
C TYR A 1321 9.77 -21.43 32.29
N GLU A 1322 9.72 -22.59 32.95
CA GLU A 1322 10.49 -23.73 32.47
C GLU A 1322 10.01 -24.20 31.10
N LYS A 1323 8.69 -24.24 30.91
CA LYS A 1323 8.15 -24.64 29.60
C LYS A 1323 8.48 -23.61 28.53
N ALA A 1324 8.39 -22.32 28.87
CA ALA A 1324 8.66 -21.28 27.89
C ALA A 1324 10.12 -21.19 27.52
N LYS A 1325 11.02 -21.58 28.44
CA LYS A 1325 12.45 -21.51 28.15
C LYS A 1325 12.84 -22.42 27.00
N LYS A 1326 12.08 -23.50 26.78
CA LYS A 1326 12.37 -24.40 25.67
C LYS A 1326 12.13 -23.74 24.32
N LEU A 1327 11.31 -22.69 24.27
CA LEU A 1327 11.01 -21.99 23.03
C LEU A 1327 11.79 -20.70 22.88
N PHE A 1328 12.65 -20.36 23.83
CA PHE A 1328 13.35 -19.08 23.79
C PHE A 1328 14.55 -19.16 22.85
N PRO A 1329 14.65 -18.29 21.85
CA PRO A 1329 15.87 -18.23 21.04
C PRO A 1329 17.03 -17.58 21.79
N GLN A 1330 17.77 -18.36 22.56
CA GLN A 1330 18.85 -17.82 23.37
C GLN A 1330 19.88 -17.09 22.50
N TYR A 1331 20.35 -15.96 23.00
CA TYR A 1331 21.24 -15.06 22.27
C TYR A 1331 22.68 -15.30 22.68
N LEU A 1332 23.56 -15.46 21.69
CA LEU A 1332 24.97 -15.70 21.96
C LEU A 1332 25.78 -14.42 22.10
N SER A 1333 25.20 -13.26 21.82
CA SER A 1333 25.93 -12.01 21.93
C SER A 1333 26.09 -11.62 23.39
N VAL A 1334 27.32 -11.29 23.79
CA VAL A 1334 27.57 -10.90 25.17
C VAL A 1334 26.93 -9.55 25.47
N ASN A 1335 27.02 -8.61 24.53
CA ASN A 1335 26.53 -7.25 24.73
C ASN A 1335 25.14 -7.10 24.15
N TYR A 1336 24.23 -6.53 24.93
CA TYR A 1336 22.90 -6.21 24.47
C TYR A 1336 22.71 -4.72 24.19
N LEU A 1337 23.69 -3.88 24.53
CA LEU A 1337 23.62 -2.47 24.15
C LEU A 1337 24.05 -2.22 22.72
N HIS A 1338 24.64 -3.21 22.06
CA HIS A 1338 25.10 -3.07 20.68
C HIS A 1338 24.35 -3.95 19.69
N ARG A 1339 23.76 -5.05 20.14
CA ARG A 1339 23.14 -6.02 19.24
C ARG A 1339 21.65 -6.18 19.47
N LEU A 1340 21.04 -5.37 20.32
CA LEU A 1340 19.62 -5.50 20.58
C LEU A 1340 18.81 -4.96 19.40
N THR A 1341 17.62 -5.53 19.21
CA THR A 1341 16.83 -5.32 18.01
C THR A 1341 15.43 -4.81 18.36
N VAL A 1342 15.37 -3.76 19.19
CA VAL A 1342 14.10 -3.14 19.50
C VAL A 1342 13.54 -2.45 18.27
N SER A 1343 12.21 -2.35 18.20
CA SER A 1343 11.56 -1.58 17.14
C SER A 1343 11.91 -0.10 17.22
N SER A 1344 12.37 0.37 18.39
CA SER A 1344 12.77 1.76 18.55
C SER A 1344 14.22 2.01 18.15
N ARG A 1345 14.96 0.97 17.81
CA ARG A 1345 16.34 1.12 17.36
C ARG A 1345 16.42 0.87 15.86
N PRO A 1346 17.16 1.69 15.12
CA PRO A 1346 17.25 1.51 13.67
C PRO A 1346 17.88 0.16 13.32
N CYS A 1347 17.34 -0.47 12.27
CA CYS A 1347 17.87 -1.74 11.78
C CYS A 1347 18.87 -1.57 10.65
N GLU A 1348 18.90 -0.41 10.01
CA GLU A 1348 19.86 -0.13 8.95
C GLU A 1348 20.13 1.37 8.94
N PHE A 1349 21.30 1.73 8.39
CA PHE A 1349 21.75 3.12 8.35
C PHE A 1349 22.18 3.48 6.93
N PRO A 1350 21.21 3.64 6.02
CA PRO A 1350 21.56 3.98 4.63
C PRO A 1350 22.01 5.43 4.52
N ALA A 1351 22.75 5.69 3.45
CA ALA A 1351 23.24 7.03 3.17
C ALA A 1351 22.14 7.89 2.55
N SER A 1352 22.38 9.20 2.51
CA SER A 1352 21.42 10.12 1.90
C SER A 1352 21.32 9.87 0.40
N ILE A 1353 22.44 9.60 -0.26
CA ILE A 1353 22.47 9.33 -1.69
C ILE A 1353 21.80 7.99 -1.94
N PRO A 1354 21.24 7.75 -3.12
CA PRO A 1354 20.55 6.48 -3.38
C PRO A 1354 21.52 5.30 -3.50
N ALA A 1355 20.97 4.10 -3.68
CA ALA A 1355 21.78 2.89 -3.65
C ALA A 1355 22.79 2.86 -4.80
N TYR A 1356 22.37 3.30 -6.00
CA TYR A 1356 23.23 3.18 -7.16
C TYR A 1356 24.50 4.04 -7.02
N ARG A 1357 24.37 5.22 -6.42
CA ARG A 1357 25.51 6.12 -6.31
C ARG A 1357 26.59 5.54 -5.39
N THR A 1358 26.19 4.81 -4.35
CA THR A 1358 27.17 4.25 -3.43
C THR A 1358 28.06 3.19 -4.09
N THR A 1359 27.65 2.66 -5.23
CA THR A 1359 28.44 1.66 -5.94
C THR A 1359 29.72 2.24 -6.54
N ASN A 1360 29.86 3.56 -6.58
CA ASN A 1360 31.01 4.20 -7.22
C ASN A 1360 32.22 4.31 -6.30
N TYR A 1361 32.10 3.92 -5.03
CA TYR A 1361 33.16 4.18 -4.06
C TYR A 1361 33.44 2.93 -3.24
N HIS A 1362 34.63 2.92 -2.63
CA HIS A 1362 35.06 1.86 -1.74
C HIS A 1362 35.45 2.44 -0.39
N PHE A 1363 35.13 1.73 0.68
CA PHE A 1363 35.37 2.22 2.04
C PHE A 1363 36.22 1.21 2.80
N ASP A 1364 37.00 1.73 3.75
CA ASP A 1364 37.86 0.91 4.60
C ASP A 1364 37.72 1.37 6.05
N THR A 1365 38.03 0.47 6.98
CA THR A 1365 37.87 0.74 8.39
C THR A 1365 39.08 0.30 9.21
N SER A 1366 40.12 -0.25 8.58
CA SER A 1366 41.26 -0.77 9.33
C SER A 1366 41.97 0.28 10.18
N PRO A 1367 42.25 1.51 9.72
CA PRO A 1367 42.86 2.48 10.64
C PRO A 1367 42.00 2.78 11.85
N ILE A 1368 40.67 2.84 11.64
CA ILE A 1368 39.75 3.08 12.76
C ILE A 1368 39.79 1.93 13.75
N ASN A 1369 39.78 0.69 13.26
CA ASN A 1369 39.82 -0.43 14.19
C ASN A 1369 41.16 -0.48 14.92
N ARG A 1370 42.25 -0.11 14.24
CA ARG A 1370 43.55 -0.05 14.91
C ARG A 1370 43.55 0.98 16.03
N ILE A 1371 43.05 2.18 15.75
CA ILE A 1371 43.06 3.22 16.79
C ILE A 1371 42.09 2.89 17.91
N LEU A 1372 40.96 2.24 17.60
CA LEU A 1372 39.99 1.86 18.62
C LEU A 1372 40.36 0.58 19.35
N THR A 1373 41.38 -0.12 18.89
CA THR A 1373 42.01 -1.16 19.69
C THR A 1373 43.13 -0.62 20.55
N GLU A 1374 43.84 0.41 20.05
CA GLU A 1374 44.84 1.09 20.87
C GLU A 1374 44.18 1.79 22.05
N LYS A 1375 43.05 2.45 21.83
CA LYS A 1375 42.27 3.08 22.89
C LYS A 1375 40.90 2.43 22.95
N TYR A 1376 40.45 2.10 24.16
CA TYR A 1376 39.24 1.31 24.37
C TYR A 1376 39.37 -0.06 23.69
N GLY A 1377 40.51 -0.70 23.89
CA GLY A 1377 40.79 -1.95 23.21
C GLY A 1377 40.02 -3.12 23.83
N ASP A 1378 39.68 -4.09 22.97
CA ASP A 1378 39.03 -5.33 23.37
C ASP A 1378 37.74 -5.05 24.15
N GLU A 1379 36.95 -4.10 23.66
CA GLU A 1379 35.67 -3.78 24.27
C GLU A 1379 34.78 -3.12 23.23
N ASP A 1380 33.48 -3.35 23.37
CA ASP A 1380 32.52 -2.79 22.43
C ASP A 1380 32.47 -1.26 22.56
N ILE A 1381 32.08 -0.61 21.47
CA ILE A 1381 32.08 0.83 21.36
C ILE A 1381 30.67 1.32 21.05
N ASP A 1382 30.33 2.51 21.55
CA ASP A 1382 28.99 3.04 21.36
C ASP A 1382 28.77 3.59 19.95
N ILE A 1383 29.84 4.03 19.29
CA ILE A 1383 29.69 4.58 17.93
C ILE A 1383 29.31 3.47 16.97
N VAL A 1384 28.63 3.84 15.89
CA VAL A 1384 28.19 2.91 14.85
C VAL A 1384 28.95 3.23 13.58
N PHE A 1385 29.53 2.19 12.96
CA PHE A 1385 30.38 2.37 11.79
C PHE A 1385 29.59 2.44 10.49
N GLN A 1386 28.40 1.84 10.44
CA GLN A 1386 27.57 1.96 9.26
C GLN A 1386 27.21 3.42 8.99
N ASN A 1387 26.86 4.15 10.04
CA ASN A 1387 26.60 5.58 9.90
C ASN A 1387 27.85 6.32 9.45
N CYS A 1388 29.02 5.90 9.93
CA CYS A 1388 30.26 6.54 9.50
C CYS A 1388 30.49 6.35 8.00
N ILE A 1389 30.29 5.13 7.51
CA ILE A 1389 30.48 4.86 6.08
C ILE A 1389 29.47 5.64 5.25
N SER A 1390 28.20 5.64 5.68
CA SER A 1390 27.18 6.40 4.96
C SER A 1390 27.50 7.89 4.95
N PHE A 1391 27.95 8.41 6.10
CA PHE A 1391 28.32 9.81 6.19
C PHE A 1391 29.47 10.13 5.25
N GLY A 1392 30.47 9.26 5.17
CA GLY A 1392 31.57 9.50 4.24
C GLY A 1392 31.13 9.49 2.79
N LEU A 1393 30.31 8.51 2.41
CA LEU A 1393 29.84 8.43 1.03
C LEU A 1393 29.05 9.68 0.65
N SER A 1394 28.03 10.02 1.45
CA SER A 1394 27.25 11.22 1.19
C SER A 1394 28.09 12.47 1.30
N LEU A 1395 29.14 12.44 2.14
CA LEU A 1395 30.04 13.57 2.28
C LEU A 1395 30.76 13.85 0.97
N MET A 1396 31.32 12.81 0.36
CA MET A 1396 32.04 13.03 -0.89
C MET A 1396 31.09 13.33 -2.03
N SER A 1397 29.86 12.81 -1.98
CA SER A 1397 28.85 13.22 -2.95
C SER A 1397 28.54 14.71 -2.83
N VAL A 1398 28.38 15.21 -1.61
CA VAL A 1398 28.11 16.63 -1.40
C VAL A 1398 29.32 17.46 -1.82
N VAL A 1399 30.53 16.95 -1.58
CA VAL A 1399 31.74 17.67 -1.96
C VAL A 1399 31.81 17.83 -3.47
N GLU A 1400 31.53 16.76 -4.22
CA GLU A 1400 31.54 16.90 -5.66
C GLU A 1400 30.39 17.77 -6.15
N GLN A 1401 29.25 17.73 -5.46
CA GLN A 1401 28.14 18.63 -5.80
C GLN A 1401 28.57 20.09 -5.67
N PHE A 1402 29.27 20.43 -4.59
CA PHE A 1402 29.61 21.81 -4.31
C PHE A 1402 30.87 22.28 -5.02
N THR A 1403 31.71 21.36 -5.51
CA THR A 1403 32.98 21.74 -6.11
C THR A 1403 33.13 21.32 -7.57
N ASN A 1404 32.12 20.67 -8.16
CA ASN A 1404 32.16 20.23 -9.56
C ASN A 1404 33.32 19.28 -9.83
N VAL A 1405 33.83 18.61 -8.80
CA VAL A 1405 34.90 17.63 -8.98
C VAL A 1405 34.90 16.68 -7.80
N CYS A 1406 35.02 15.39 -8.08
CA CYS A 1406 35.05 14.39 -7.02
C CYS A 1406 36.46 14.19 -6.51
N PRO A 1407 36.71 14.31 -5.21
CA PRO A 1407 38.05 14.05 -4.68
C PRO A 1407 38.42 12.59 -4.87
N ASN A 1408 39.72 12.35 -5.02
CA ASN A 1408 40.21 10.99 -5.16
C ASN A 1408 39.90 10.18 -3.91
N ARG A 1409 40.06 10.78 -2.73
CA ARG A 1409 39.73 10.11 -1.48
C ARG A 1409 39.47 11.15 -0.40
N ILE A 1410 38.68 10.76 0.58
CA ILE A 1410 38.43 11.56 1.77
C ILE A 1410 38.69 10.70 3.00
N ILE A 1411 39.19 11.34 4.06
CA ILE A 1411 39.63 10.64 5.25
C ILE A 1411 38.83 11.14 6.44
N LEU A 1412 38.25 10.23 7.20
CA LEU A 1412 37.38 10.56 8.33
C LEU A 1412 38.10 10.24 9.63
N ILE A 1413 38.84 11.21 10.15
CA ILE A 1413 39.53 11.06 11.43
C ILE A 1413 38.54 11.31 12.57
N PRO A 1414 38.40 10.38 13.51
CA PRO A 1414 37.47 10.59 14.61
C PRO A 1414 38.06 11.44 15.72
N LYS A 1415 37.19 12.21 16.37
CA LYS A 1415 37.55 12.93 17.59
C LYS A 1415 37.29 11.99 18.77
N LEU A 1416 38.37 11.53 19.40
CA LEU A 1416 38.26 10.44 20.37
C LEU A 1416 37.58 10.85 21.67
N ASN A 1417 37.39 12.13 21.93
CA ASN A 1417 36.82 12.53 23.21
C ASN A 1417 35.32 12.27 23.29
N GLU A 1418 34.60 12.35 22.17
CA GLU A 1418 33.20 11.94 22.17
C GLU A 1418 33.04 10.43 22.17
N ILE A 1419 34.08 9.69 21.80
CA ILE A 1419 34.02 8.23 21.83
C ILE A 1419 33.90 7.77 23.27
N HIS A 1420 32.94 6.88 23.53
CA HIS A 1420 32.68 6.40 24.86
C HIS A 1420 32.62 4.88 24.88
N LEU A 1421 33.08 4.30 25.98
CA LEU A 1421 32.97 2.86 26.16
C LEU A 1421 31.53 2.50 26.49
N MET A 1422 31.01 1.48 25.82
CA MET A 1422 29.65 1.00 26.03
C MET A 1422 29.73 -0.49 26.35
N LYS A 1423 29.44 -0.83 27.61
CA LYS A 1423 29.53 -2.20 28.09
C LYS A 1423 28.25 -2.59 28.79
N PRO A 1424 27.91 -3.88 28.82
CA PRO A 1424 26.67 -4.32 29.46
C PRO A 1424 26.72 -4.09 30.96
N PRO A 1425 25.83 -3.27 31.50
CA PRO A 1425 25.80 -3.05 32.94
C PRO A 1425 25.18 -4.24 33.67
N ILE A 1426 25.40 -4.27 34.98
CA ILE A 1426 24.82 -5.28 35.85
C ILE A 1426 23.69 -4.60 36.62
N PHE A 1427 22.45 -4.90 36.24
CA PHE A 1427 21.31 -4.28 36.88
C PHE A 1427 21.18 -4.72 38.32
N THR A 1428 20.90 -3.77 39.21
CA THR A 1428 20.73 -4.03 40.64
C THR A 1428 19.36 -3.51 41.05
N GLY A 1429 18.44 -4.41 41.33
CA GLY A 1429 17.11 -4.02 41.75
C GLY A 1429 16.16 -5.19 41.64
N ASP A 1430 14.89 -4.91 41.96
CA ASP A 1430 13.83 -5.89 41.93
C ASP A 1430 12.63 -5.35 41.16
N VAL A 1431 12.07 -6.19 40.31
CA VAL A 1431 10.88 -5.83 39.53
C VAL A 1431 9.66 -6.02 40.40
N ASP A 1432 8.78 -5.01 40.44
CA ASP A 1432 7.63 -5.04 41.31
C ASP A 1432 6.59 -5.99 40.73
N ILE A 1433 6.60 -7.23 41.23
CA ILE A 1433 5.71 -8.27 40.72
C ILE A 1433 4.25 -7.91 40.96
N HIS A 1434 3.95 -7.23 42.07
CA HIS A 1434 2.58 -6.82 42.33
C HIS A 1434 2.07 -5.88 41.24
N LYS A 1435 2.88 -4.89 40.87
CA LYS A 1435 2.47 -3.97 39.82
C LYS A 1435 2.42 -4.66 38.46
N LEU A 1436 3.35 -5.60 38.21
CA LEU A 1436 3.29 -6.36 36.97
C LEU A 1436 2.00 -7.15 36.86
N LYS A 1437 1.61 -7.84 37.95
CA LYS A 1437 0.37 -8.59 37.97
C LYS A 1437 -0.84 -7.67 37.81
N GLN A 1438 -0.78 -6.50 38.44
CA GLN A 1438 -1.88 -5.55 38.29
C GLN A 1438 -2.04 -5.09 36.85
N VAL A 1439 -0.92 -4.81 36.17
CA VAL A 1439 -0.99 -4.42 34.76
C VAL A 1439 -1.56 -5.56 33.93
N ILE A 1440 -1.09 -6.79 34.17
CA ILE A 1440 -1.56 -7.94 33.40
C ILE A 1440 -3.07 -8.13 33.60
N GLN A 1441 -3.53 -8.02 34.84
CA GLN A 1441 -4.95 -8.24 35.13
C GLN A 1441 -5.82 -7.11 34.56
N LYS A 1442 -5.36 -5.86 34.66
CA LYS A 1442 -6.16 -4.75 34.13
C LYS A 1442 -6.24 -4.81 32.62
N GLN A 1443 -5.12 -5.02 31.95
CA GLN A 1443 -5.12 -5.18 30.49
C GLN A 1443 -5.17 -6.64 30.10
N HIS A 1444 -6.14 -7.36 30.65
CA HIS A 1444 -6.29 -8.79 30.38
C HIS A 1444 -7.03 -9.07 29.07
N MET A 1445 -7.64 -8.05 28.47
CA MET A 1445 -8.40 -8.23 27.24
C MET A 1445 -7.57 -7.97 25.98
N PHE A 1446 -6.28 -7.64 26.14
CA PHE A 1446 -5.40 -7.41 25.00
C PHE A 1446 -4.26 -8.42 24.94
N LEU A 1447 -4.27 -9.44 25.80
CA LEU A 1447 -3.24 -10.45 25.77
C LEU A 1447 -3.37 -11.30 24.49
N PRO A 1448 -2.26 -11.81 23.98
CA PRO A 1448 -2.33 -12.71 22.82
C PRO A 1448 -2.94 -14.06 23.20
N ASP A 1449 -3.13 -14.93 22.21
CA ASP A 1449 -3.67 -16.25 22.49
C ASP A 1449 -2.74 -17.03 23.41
N LYS A 1450 -3.31 -17.62 24.46
CA LYS A 1450 -2.52 -18.41 25.38
C LYS A 1450 -2.14 -19.74 24.74
N ILE A 1451 -0.90 -20.17 24.96
CA ILE A 1451 -0.42 -21.45 24.44
C ILE A 1451 -1.03 -22.54 25.31
N SER A 1452 -2.11 -23.15 24.82
CA SER A 1452 -2.80 -24.18 25.58
C SER A 1452 -1.97 -25.46 25.65
N LEU A 1453 -2.41 -26.38 26.49
CA LEU A 1453 -1.73 -27.67 26.60
C LEU A 1453 -1.82 -28.46 25.31
N THR A 1454 -2.99 -28.43 24.66
CA THR A 1454 -3.16 -29.16 23.40
C THR A 1454 -2.33 -28.56 22.27
N GLN A 1455 -1.91 -27.32 22.39
CA GLN A 1455 -1.00 -26.72 21.42
C GLN A 1455 0.46 -26.92 21.81
N TYR A 1456 0.75 -26.96 23.11
CA TYR A 1456 2.12 -27.17 23.55
C TYR A 1456 2.57 -28.61 23.35
N VAL A 1457 1.61 -29.56 23.35
CA VAL A 1457 1.99 -30.97 23.24
C VAL A 1457 2.63 -31.27 21.90
N GLU A 1458 2.17 -30.63 20.82
CA GLU A 1458 2.70 -30.88 19.49
C GLU A 1458 3.84 -29.95 19.11
N LEU A 1459 4.34 -29.15 20.06
CA LEU A 1459 5.49 -28.30 19.76
C LEU A 1459 6.75 -29.11 19.48
N PHE A 1460 6.82 -30.33 20.00
CA PHE A 1460 8.02 -31.15 19.89
C PHE A 1460 7.71 -32.54 19.33
N LEU A 1461 6.85 -32.61 18.32
CA LEU A 1461 6.52 -33.87 17.65
C LEU A 1461 7.15 -33.88 16.26
N SER A 1462 7.94 -34.91 15.97
CA SER A 1462 8.62 -35.00 14.69
C SER A 1462 7.96 -36.06 13.80
N ASP B 129 9.54 -58.20 -14.93
CA ASP B 129 9.65 -56.75 -14.72
C ASP B 129 8.64 -55.99 -15.58
N ASN B 130 8.22 -56.61 -16.68
CA ASN B 130 7.24 -55.97 -17.56
C ASN B 130 5.92 -55.75 -16.84
N ILE B 131 5.46 -56.74 -16.07
CA ILE B 131 4.21 -56.61 -15.34
C ILE B 131 4.30 -55.46 -14.34
N THR B 132 5.43 -55.38 -13.61
CA THR B 132 5.61 -54.30 -12.64
C THR B 132 5.67 -52.94 -13.33
N ALA B 133 6.35 -52.85 -14.47
CA ALA B 133 6.46 -51.57 -15.17
C ALA B 133 5.10 -51.10 -15.68
N ARG B 134 4.31 -52.00 -16.27
CA ARG B 134 3.01 -51.57 -16.77
C ARG B 134 2.02 -51.33 -15.64
N LEU B 135 2.18 -52.03 -14.51
CA LEU B 135 1.40 -51.70 -13.33
C LEU B 135 1.74 -50.30 -12.83
N ASP B 136 3.03 -49.94 -12.86
CA ASP B 136 3.44 -48.59 -12.47
C ASP B 136 2.86 -47.54 -13.43
N ARG B 137 2.85 -47.84 -14.72
CA ARG B 137 2.24 -46.92 -15.68
C ARG B 137 0.74 -46.75 -15.41
N ILE B 138 0.05 -47.86 -15.13
CA ILE B 138 -1.36 -47.79 -14.78
C ILE B 138 -1.55 -46.96 -13.51
N ASP B 139 -0.66 -47.13 -12.54
CA ASP B 139 -0.74 -46.35 -11.30
C ASP B 139 -0.55 -44.86 -11.58
N GLU B 140 0.38 -44.52 -12.46
CA GLU B 140 0.61 -43.11 -12.80
C GLU B 140 -0.61 -42.51 -13.49
N LYS B 141 -1.22 -43.26 -14.41
CA LYS B 141 -2.45 -42.78 -15.05
C LYS B 141 -3.59 -42.68 -14.05
N LEU B 142 -3.63 -43.57 -13.06
CA LEU B 142 -4.63 -43.46 -12.01
C LEU B 142 -4.42 -42.20 -11.18
N SER B 143 -3.16 -41.86 -10.90
CA SER B 143 -2.88 -40.61 -10.21
C SER B 143 -3.31 -39.41 -11.04
N GLU B 144 -3.10 -39.49 -12.36
CA GLU B 144 -3.63 -38.48 -13.28
C GLU B 144 -5.13 -38.30 -13.07
N ILE B 145 -5.85 -39.43 -13.05
CA ILE B 145 -7.30 -39.41 -12.90
C ILE B 145 -7.69 -38.81 -11.56
N LEU B 146 -7.02 -39.20 -10.48
CA LEU B 146 -7.31 -38.64 -9.17
C LEU B 146 -7.11 -37.14 -9.15
N GLY B 147 -6.01 -36.66 -9.73
CA GLY B 147 -5.78 -35.21 -9.73
C GLY B 147 -6.85 -34.46 -10.48
N MET B 148 -7.19 -34.92 -11.68
CA MET B 148 -8.20 -34.22 -12.46
C MET B 148 -9.57 -34.29 -11.80
N LEU B 149 -9.93 -35.45 -11.23
CA LEU B 149 -11.22 -35.56 -10.59
C LEU B 149 -11.29 -34.72 -9.32
N HIS B 150 -10.19 -34.62 -8.57
CA HIS B 150 -10.21 -33.81 -7.36
C HIS B 150 -10.30 -32.33 -7.68
N THR B 151 -9.58 -31.86 -8.71
CA THR B 151 -9.73 -30.46 -9.07
C THR B 151 -11.13 -30.19 -9.63
N LEU B 152 -11.74 -31.18 -10.29
CA LEU B 152 -13.14 -31.03 -10.69
C LEU B 152 -14.05 -30.95 -9.48
N VAL B 153 -13.77 -31.74 -8.44
CA VAL B 153 -14.57 -31.68 -7.21
C VAL B 153 -14.48 -30.28 -6.62
N VAL B 154 -13.27 -29.74 -6.52
CA VAL B 154 -13.08 -28.44 -5.91
C VAL B 154 -13.76 -27.35 -6.73
N ALA B 155 -13.60 -27.38 -8.05
CA ALA B 155 -14.19 -26.35 -8.89
C ALA B 155 -15.69 -26.51 -9.05
N SER B 156 -16.24 -27.68 -8.74
CA SER B 156 -17.66 -27.96 -8.97
C SER B 156 -18.56 -27.49 -7.83
N ALA B 157 -17.99 -27.12 -6.68
CA ALA B 157 -18.82 -26.65 -5.57
C ALA B 157 -19.46 -25.31 -5.88
N GLY B 158 -18.64 -24.28 -6.04
CA GLY B 158 -19.11 -22.97 -6.45
C GLY B 158 -20.05 -22.33 -5.45
N PRO B 159 -20.48 -21.11 -5.74
CA PRO B 159 -21.47 -20.45 -4.88
C PRO B 159 -22.80 -21.18 -4.85
N THR B 160 -23.10 -22.00 -5.84
CA THR B 160 -24.35 -22.75 -5.85
C THR B 160 -24.41 -23.77 -4.70
N SER B 161 -23.28 -24.40 -4.40
CA SER B 161 -23.25 -25.32 -3.26
C SER B 161 -23.34 -24.58 -1.94
N ALA B 162 -22.84 -23.35 -1.88
CA ALA B 162 -22.89 -22.59 -0.64
C ALA B 162 -24.33 -22.27 -0.24
N ARG B 163 -25.16 -21.89 -1.20
CA ARG B 163 -26.55 -21.54 -0.88
C ARG B 163 -27.38 -22.78 -0.56
N ASP B 164 -26.99 -23.94 -1.11
CA ASP B 164 -27.72 -25.18 -0.87
C ASP B 164 -27.18 -25.94 0.34
N GLY B 165 -26.11 -25.46 0.96
CA GLY B 165 -25.55 -26.13 2.12
C GLY B 165 -25.01 -27.53 1.83
N ILE B 166 -24.44 -27.73 0.65
CA ILE B 166 -23.85 -29.02 0.28
C ILE B 166 -22.36 -28.93 0.03
N ARG B 167 -21.77 -27.73 0.12
CA ARG B 167 -20.34 -27.60 -0.09
C ARG B 167 -19.55 -28.32 0.99
N ASP B 168 -20.08 -28.38 2.22
CA ASP B 168 -19.41 -29.13 3.27
C ASP B 168 -19.33 -30.61 2.91
N ALA B 169 -20.40 -31.16 2.33
CA ALA B 169 -20.34 -32.53 1.84
C ALA B 169 -19.40 -32.66 0.65
N MET B 170 -19.34 -31.65 -0.21
CA MET B 170 -18.50 -31.72 -1.40
C MET B 170 -17.02 -31.75 -1.04
N VAL B 171 -16.61 -30.94 -0.06
CA VAL B 171 -15.20 -30.82 0.31
C VAL B 171 -14.87 -31.54 1.60
N GLY B 172 -15.87 -32.06 2.31
CA GLY B 172 -15.61 -32.82 3.51
C GLY B 172 -15.46 -31.97 4.76
N LEU B 173 -15.22 -32.67 5.86
CA LEU B 173 -15.03 -32.05 7.17
C LEU B 173 -13.62 -31.53 7.33
N ARG B 174 -13.46 -30.53 8.20
CA ARG B 174 -12.17 -29.92 8.47
C ARG B 174 -11.96 -29.81 9.98
N GLU B 175 -10.68 -29.59 10.35
CA GLU B 175 -10.26 -29.75 11.74
C GLU B 175 -10.97 -28.77 12.67
N GLU B 176 -11.10 -27.51 12.26
CA GLU B 176 -11.63 -26.50 13.18
C GLU B 176 -13.08 -26.80 13.56
N MET B 177 -13.94 -27.03 12.56
CA MET B 177 -15.33 -27.30 12.90
C MET B 177 -15.55 -28.71 13.42
N ILE B 178 -14.65 -29.65 13.13
CA ILE B 178 -14.70 -30.94 13.82
C ILE B 178 -14.42 -30.75 15.31
N GLU B 179 -13.43 -29.90 15.63
CA GLU B 179 -13.17 -29.58 17.03
C GLU B 179 -14.35 -28.87 17.67
N LYS B 180 -15.03 -28.01 16.90
CA LYS B 180 -16.23 -27.37 17.41
C LYS B 180 -17.31 -28.41 17.74
N ILE B 181 -17.50 -29.39 16.86
CA ILE B 181 -18.46 -30.46 17.13
C ILE B 181 -18.05 -31.26 18.35
N ARG B 182 -16.74 -31.53 18.49
CA ARG B 182 -16.24 -32.28 19.63
C ARG B 182 -16.52 -31.55 20.94
N THR B 183 -16.22 -30.25 20.98
CA THR B 183 -16.43 -29.50 22.22
C THR B 183 -17.92 -29.31 22.50
N GLU B 184 -18.76 -29.26 21.47
CA GLU B 184 -20.20 -29.22 21.70
C GLU B 184 -20.69 -30.55 22.26
N ALA B 185 -20.14 -31.67 21.77
CA ALA B 185 -20.53 -32.98 22.29
C ALA B 185 -20.11 -33.13 23.75
N LEU B 186 -18.89 -32.72 24.09
CA LEU B 186 -18.46 -32.78 25.48
C LEU B 186 -19.28 -31.83 26.35
N MET B 187 -19.60 -30.65 25.85
CA MET B 187 -20.41 -29.70 26.60
C MET B 187 -21.89 -30.10 26.57
N ASN C 128 4.80 -61.10 -6.57
CA ASN C 128 5.33 -61.23 -5.21
C ASN C 128 4.74 -60.16 -4.30
N ASP C 129 5.52 -59.76 -3.29
CA ASP C 129 5.06 -58.73 -2.37
C ASP C 129 4.84 -57.40 -3.07
N ASN C 130 5.72 -57.06 -4.01
CA ASN C 130 5.59 -55.80 -4.74
C ASN C 130 4.29 -55.76 -5.54
N ILE C 131 3.95 -56.86 -6.21
CA ILE C 131 2.72 -56.91 -7.01
C ILE C 131 1.50 -56.79 -6.09
N THR C 132 1.52 -57.50 -4.96
CA THR C 132 0.40 -57.43 -4.04
C THR C 132 0.22 -56.02 -3.50
N ALA C 133 1.32 -55.35 -3.15
CA ALA C 133 1.23 -53.98 -2.68
C ALA C 133 0.71 -53.05 -3.76
N ARG C 134 1.18 -53.23 -5.00
CA ARG C 134 0.73 -52.38 -6.09
C ARG C 134 -0.76 -52.52 -6.33
N LEU C 135 -1.27 -53.76 -6.30
CA LEU C 135 -2.71 -53.96 -6.44
C LEU C 135 -3.47 -53.41 -5.23
N ASP C 136 -2.90 -53.54 -4.03
CA ASP C 136 -3.55 -53.02 -2.83
C ASP C 136 -3.58 -51.50 -2.79
N ARG C 137 -2.74 -50.84 -3.58
CA ARG C 137 -2.88 -49.40 -3.76
C ARG C 137 -3.80 -49.06 -4.93
N ILE C 138 -3.76 -49.86 -5.98
CA ILE C 138 -4.57 -49.59 -7.16
C ILE C 138 -6.05 -49.70 -6.83
N ASP C 139 -6.44 -50.72 -6.08
CA ASP C 139 -7.85 -50.87 -5.73
C ASP C 139 -8.33 -49.73 -4.85
N GLU C 140 -7.48 -49.24 -3.94
CA GLU C 140 -7.83 -48.07 -3.14
C GLU C 140 -8.00 -46.84 -4.02
N LYS C 141 -7.12 -46.67 -5.01
CA LYS C 141 -7.26 -45.55 -5.94
C LYS C 141 -8.56 -45.64 -6.71
N LEU C 142 -8.93 -46.84 -7.16
CA LEU C 142 -10.20 -47.03 -7.85
C LEU C 142 -11.38 -46.71 -6.93
N SER C 143 -11.29 -47.10 -5.66
CA SER C 143 -12.35 -46.78 -4.71
C SER C 143 -12.49 -45.27 -4.53
N GLU C 144 -11.36 -44.56 -4.45
CA GLU C 144 -11.42 -43.10 -4.33
C GLU C 144 -12.02 -42.47 -5.59
N ILE C 145 -11.67 -43.01 -6.76
CA ILE C 145 -12.25 -42.51 -8.00
C ILE C 145 -13.76 -42.71 -8.00
N LEU C 146 -14.20 -43.89 -7.57
CA LEU C 146 -15.64 -44.16 -7.50
C LEU C 146 -16.33 -43.21 -6.54
N GLY C 147 -15.68 -42.90 -5.41
CA GLY C 147 -16.26 -41.93 -4.48
C GLY C 147 -16.39 -40.55 -5.09
N MET C 148 -15.36 -40.11 -5.82
CA MET C 148 -15.42 -38.81 -6.48
C MET C 148 -16.53 -38.78 -7.54
N LEU C 149 -16.64 -39.83 -8.34
CA LEU C 149 -17.73 -39.88 -9.30
C LEU C 149 -19.09 -39.89 -8.59
N HIS C 150 -19.19 -40.56 -7.45
CA HIS C 150 -20.42 -40.55 -6.69
C HIS C 150 -20.80 -39.14 -6.28
N THR C 151 -19.83 -38.39 -5.73
CA THR C 151 -20.17 -37.04 -5.24
C THR C 151 -20.49 -36.10 -6.40
N LEU C 152 -19.79 -36.24 -7.54
CA LEU C 152 -20.15 -35.43 -8.70
C LEU C 152 -21.56 -35.75 -9.20
N VAL C 153 -21.91 -37.04 -9.29
CA VAL C 153 -23.24 -37.39 -9.78
C VAL C 153 -24.31 -36.88 -8.81
N VAL C 154 -24.05 -37.00 -7.50
CA VAL C 154 -25.03 -36.53 -6.52
C VAL C 154 -25.20 -35.02 -6.60
N ALA C 155 -24.09 -34.28 -6.66
CA ALA C 155 -24.18 -32.82 -6.69
C ALA C 155 -24.81 -32.30 -7.97
N SER C 156 -24.43 -32.88 -9.11
CA SER C 156 -24.91 -32.39 -10.39
C SER C 156 -26.39 -32.69 -10.60
N ALA C 157 -26.83 -33.88 -10.21
CA ALA C 157 -28.21 -34.29 -10.43
C ALA C 157 -29.08 -33.86 -9.26
N GLY C 158 -30.39 -34.13 -9.38
CA GLY C 158 -31.34 -33.76 -8.36
C GLY C 158 -31.51 -32.26 -8.22
N PRO C 159 -32.07 -31.61 -9.25
CA PRO C 159 -32.18 -30.15 -9.23
C PRO C 159 -33.16 -29.65 -8.18
N THR C 160 -32.62 -29.00 -7.14
CA THR C 160 -33.36 -28.35 -6.05
C THR C 160 -34.05 -29.37 -5.15
N SER C 161 -34.00 -30.66 -5.47
CA SER C 161 -34.61 -31.70 -4.67
C SER C 161 -33.60 -32.48 -3.86
N ALA C 162 -32.48 -32.87 -4.46
CA ALA C 162 -31.46 -33.63 -3.75
C ALA C 162 -30.68 -32.77 -2.76
N ARG C 163 -30.69 -31.44 -2.93
CA ARG C 163 -29.95 -30.58 -2.01
C ARG C 163 -30.52 -30.65 -0.59
N ASP C 164 -31.85 -30.68 -0.48
CA ASP C 164 -32.47 -30.81 0.85
C ASP C 164 -32.12 -32.15 1.47
N GLY C 165 -32.11 -33.22 0.67
CA GLY C 165 -31.71 -34.52 1.19
C GLY C 165 -30.27 -34.53 1.65
N ILE C 166 -29.38 -33.86 0.90
CA ILE C 166 -27.97 -33.78 1.30
C ILE C 166 -27.84 -33.00 2.61
N ARG C 167 -28.60 -31.91 2.75
CA ARG C 167 -28.57 -31.13 3.98
C ARG C 167 -29.05 -31.97 5.17
N ASP C 168 -30.13 -32.72 4.98
CA ASP C 168 -30.63 -33.59 6.04
C ASP C 168 -29.60 -34.67 6.40
N ALA C 169 -28.95 -35.24 5.38
CA ALA C 169 -27.92 -36.24 5.64
C ALA C 169 -26.75 -35.62 6.40
N MET C 170 -26.41 -34.37 6.09
CA MET C 170 -25.31 -33.70 6.80
C MET C 170 -25.67 -33.44 8.26
N VAL C 171 -26.89 -32.97 8.53
CA VAL C 171 -27.26 -32.73 9.92
C VAL C 171 -27.37 -34.05 10.68
N GLY C 172 -27.83 -35.11 10.02
CA GLY C 172 -27.84 -36.42 10.65
C GLY C 172 -26.44 -36.93 10.94
N LEU C 173 -25.51 -36.71 10.02
CA LEU C 173 -24.11 -37.08 10.25
C LEU C 173 -23.53 -36.31 11.43
N ARG C 174 -23.84 -35.02 11.53
CA ARG C 174 -23.38 -34.24 12.67
C ARG C 174 -23.94 -34.78 13.97
N GLU C 175 -25.24 -35.13 13.98
CA GLU C 175 -25.83 -35.70 15.18
C GLU C 175 -25.18 -37.03 15.54
N GLU C 176 -24.92 -37.87 14.53
CA GLU C 176 -24.27 -39.16 14.80
C GLU C 176 -22.87 -38.97 15.34
N MET C 177 -22.13 -37.99 14.80
CA MET C 177 -20.80 -37.70 15.32
C MET C 177 -20.86 -37.23 16.77
N ILE C 178 -21.84 -36.37 17.09
CA ILE C 178 -22.00 -35.90 18.46
C ILE C 178 -22.28 -37.08 19.40
N GLU C 179 -23.18 -37.97 18.97
CA GLU C 179 -23.51 -39.13 19.80
C GLU C 179 -22.30 -40.04 19.97
N LYS C 180 -21.53 -40.25 18.90
CA LYS C 180 -20.35 -41.12 18.99
C LYS C 180 -19.30 -40.52 19.93
N ILE C 181 -19.10 -39.21 19.84
CA ILE C 181 -18.12 -38.56 20.72
C ILE C 181 -18.59 -38.62 22.18
N ARG C 182 -19.91 -38.45 22.40
CA ARG C 182 -20.44 -38.58 23.76
C ARG C 182 -20.24 -39.99 24.30
N THR C 183 -20.45 -41.00 23.45
CA THR C 183 -20.27 -42.39 23.85
C THR C 183 -18.79 -42.70 24.08
N ASP D 129 -5.00 -67.99 -9.85
CA ASP D 129 -5.49 -66.97 -10.76
C ASP D 129 -5.98 -65.73 -9.99
N ASN D 130 -5.34 -65.48 -8.84
CA ASN D 130 -5.71 -64.32 -8.05
C ASN D 130 -5.39 -63.02 -8.80
N ILE D 131 -4.26 -62.98 -9.49
CA ILE D 131 -3.91 -61.80 -10.29
C ILE D 131 -4.92 -61.60 -11.41
N THR D 132 -5.34 -62.69 -12.05
CA THR D 132 -6.36 -62.59 -13.09
C THR D 132 -7.68 -62.07 -12.54
N ALA D 133 -8.08 -62.56 -11.35
CA ALA D 133 -9.30 -62.07 -10.74
C ALA D 133 -9.20 -60.59 -10.39
N ARG D 134 -8.04 -60.16 -9.88
CA ARG D 134 -7.85 -58.75 -9.56
C ARG D 134 -7.91 -57.89 -10.82
N LEU D 135 -7.28 -58.34 -11.90
CA LEU D 135 -7.35 -57.58 -13.15
C LEU D 135 -8.79 -57.52 -13.67
N ASP D 136 -9.53 -58.62 -13.55
CA ASP D 136 -10.92 -58.62 -13.99
C ASP D 136 -11.76 -57.63 -13.19
N ARG D 137 -11.65 -57.68 -11.85
CA ARG D 137 -12.43 -56.76 -11.04
C ARG D 137 -12.02 -55.31 -11.28
N ILE D 138 -10.75 -55.07 -11.58
CA ILE D 138 -10.33 -53.75 -12.03
C ILE D 138 -11.04 -53.39 -13.33
N ASP D 139 -11.24 -54.38 -14.21
CA ASP D 139 -11.93 -54.11 -15.48
C ASP D 139 -13.38 -53.68 -15.23
N GLU D 140 -14.09 -54.38 -14.34
CA GLU D 140 -15.45 -53.92 -14.05
C GLU D 140 -15.45 -52.58 -13.33
N LYS D 141 -14.44 -52.31 -12.49
CA LYS D 141 -14.34 -51.00 -11.86
C LYS D 141 -14.18 -49.90 -12.91
N LEU D 142 -13.33 -50.15 -13.91
CA LEU D 142 -13.13 -49.18 -14.98
C LEU D 142 -14.40 -49.00 -15.81
N SER D 143 -15.12 -50.09 -16.10
CA SER D 143 -16.37 -49.96 -16.83
C SER D 143 -17.38 -49.14 -16.06
N GLU D 144 -17.46 -49.37 -14.75
CA GLU D 144 -18.33 -48.53 -13.91
C GLU D 144 -17.88 -47.08 -13.93
N ILE D 145 -16.56 -46.85 -13.98
CA ILE D 145 -16.05 -45.49 -14.08
C ILE D 145 -16.55 -44.82 -15.36
N LEU D 146 -16.44 -45.53 -16.48
CA LEU D 146 -16.94 -44.99 -17.75
C LEU D 146 -18.43 -44.68 -17.67
N GLY D 147 -19.22 -45.62 -17.17
CA GLY D 147 -20.66 -45.40 -17.10
C GLY D 147 -21.01 -44.22 -16.22
N MET D 148 -20.37 -44.12 -15.05
CA MET D 148 -20.69 -43.06 -14.11
C MET D 148 -20.24 -41.71 -14.62
N LEU D 149 -19.06 -41.64 -15.25
CA LEU D 149 -18.60 -40.38 -15.80
C LEU D 149 -19.49 -39.93 -16.96
N HIS D 150 -19.92 -40.89 -17.79
CA HIS D 150 -20.82 -40.55 -18.89
C HIS D 150 -22.16 -40.02 -18.37
N THR D 151 -22.72 -40.68 -17.35
CA THR D 151 -23.99 -40.19 -16.83
C THR D 151 -23.82 -38.85 -16.11
N LEU D 152 -22.68 -38.62 -15.46
CA LEU D 152 -22.40 -37.32 -14.88
C LEU D 152 -22.36 -36.24 -15.95
N VAL D 153 -21.67 -36.52 -17.07
CA VAL D 153 -21.55 -35.54 -18.14
C VAL D 153 -22.92 -35.24 -18.74
N VAL D 154 -23.72 -36.28 -19.01
CA VAL D 154 -25.01 -36.03 -19.64
C VAL D 154 -25.95 -35.34 -18.68
N ALA D 155 -25.82 -35.58 -17.37
CA ALA D 155 -26.67 -34.89 -16.40
C ALA D 155 -26.27 -33.42 -16.28
N SER D 156 -24.97 -33.14 -16.28
CA SER D 156 -24.52 -31.76 -16.11
C SER D 156 -24.76 -30.92 -17.35
N ALA D 157 -24.50 -31.48 -18.53
CA ALA D 157 -24.62 -30.74 -19.78
C ALA D 157 -25.99 -30.93 -20.42
N GLY D 158 -26.35 -32.17 -20.73
CA GLY D 158 -27.61 -32.45 -21.39
C GLY D 158 -28.80 -32.41 -20.46
N MET D 170 -29.97 -43.05 -6.94
CA MET D 170 -29.54 -41.74 -6.45
C MET D 170 -29.41 -41.73 -4.93
N VAL D 171 -30.39 -42.34 -4.25
CA VAL D 171 -30.35 -42.41 -2.79
C VAL D 171 -29.14 -43.20 -2.32
N GLY D 172 -28.88 -44.34 -2.97
CA GLY D 172 -27.73 -45.14 -2.59
C GLY D 172 -26.41 -44.43 -2.79
N LEU D 173 -26.30 -43.66 -3.88
CA LEU D 173 -25.07 -42.90 -4.12
C LEU D 173 -24.86 -41.84 -3.05
N ARG D 174 -25.94 -41.14 -2.67
CA ARG D 174 -25.85 -40.17 -1.59
C ARG D 174 -25.46 -40.83 -0.28
N GLU D 175 -26.01 -42.02 -0.01
CA GLU D 175 -25.65 -42.74 1.20
C GLU D 175 -24.18 -43.13 1.20
N GLU D 176 -23.67 -43.58 0.04
CA GLU D 176 -22.26 -43.95 -0.04
C GLU D 176 -21.35 -42.74 0.16
N MET D 177 -21.68 -41.61 -0.47
CA MET D 177 -20.84 -40.43 -0.32
C MET D 177 -20.91 -39.88 1.10
N ILE D 178 -22.08 -40.00 1.75
CA ILE D 178 -22.18 -39.58 3.15
C ILE D 178 -21.36 -40.51 4.04
N GLU D 179 -21.36 -41.81 3.76
CA GLU D 179 -20.55 -42.74 4.53
C GLU D 179 -19.06 -42.42 4.37
N LYS D 180 -18.64 -42.08 3.15
CA LYS D 180 -17.27 -41.61 2.95
C LYS D 180 -16.99 -40.39 3.81
N ILE D 181 -17.73 -39.30 3.57
CA ILE D 181 -17.54 -38.07 4.34
C ILE D 181 -17.46 -38.39 5.83
N ARG D 182 -18.26 -39.34 6.29
CA ARG D 182 -18.21 -39.76 7.69
C ARG D 182 -16.89 -40.43 8.03
N THR D 183 -16.35 -41.26 7.13
CA THR D 183 -15.13 -41.98 7.50
C THR D 183 -13.92 -41.04 7.51
N GLU D 184 -13.86 -40.07 6.60
CA GLU D 184 -12.82 -39.05 6.75
C GLU D 184 -13.03 -38.17 7.98
N ALA D 185 -14.29 -37.83 8.31
CA ALA D 185 -14.54 -37.09 9.54
C ALA D 185 -14.13 -37.87 10.78
N LEU D 186 -14.25 -39.20 10.74
CA LEU D 186 -13.81 -40.06 11.84
C LEU D 186 -12.30 -40.20 11.90
N MET D 187 -11.62 -40.24 10.75
CA MET D 187 -10.16 -40.25 10.76
C MET D 187 -9.61 -38.95 11.34
N THR D 188 -10.17 -37.81 10.93
CA THR D 188 -9.72 -36.53 11.49
C THR D 188 -10.00 -36.47 12.98
N ASN D 189 -11.18 -36.94 13.41
CA ASN D 189 -11.49 -36.97 14.84
C ASN D 189 -10.56 -37.90 15.59
N ASP D 190 -10.15 -39.01 14.97
CA ASP D 190 -9.19 -39.91 15.60
C ASP D 190 -7.84 -39.23 15.79
N ARG D 191 -7.40 -38.48 14.79
CA ARG D 191 -6.16 -37.72 14.95
C ARG D 191 -6.29 -36.70 16.08
N LEU D 192 -7.41 -35.99 16.14
CA LEU D 192 -7.60 -34.98 17.18
C LEU D 192 -7.66 -35.60 18.57
N GLU D 193 -8.34 -36.74 18.71
CA GLU D 193 -8.42 -37.38 20.02
C GLU D 193 -7.08 -38.01 20.40
N ALA D 194 -6.29 -38.45 19.43
CA ALA D 194 -4.92 -38.89 19.73
C ALA D 194 -4.09 -37.72 20.25
N MET D 195 -4.23 -36.55 19.63
CA MET D 195 -3.54 -35.37 20.14
C MET D 195 -4.00 -35.03 21.55
N ALA D 196 -5.31 -35.12 21.81
CA ALA D 196 -5.83 -34.81 23.14
C ALA D 196 -5.32 -35.80 24.19
N ARG D 197 -5.28 -37.09 23.85
CA ARG D 197 -4.82 -38.08 24.81
C ARG D 197 -3.30 -37.99 25.02
N LEU D 198 -2.56 -37.55 24.01
CA LEU D 198 -1.15 -37.26 24.22
C LEU D 198 -0.96 -36.04 25.11
N ARG D 199 -1.85 -35.05 24.98
CA ARG D 199 -1.84 -33.92 25.90
C ARG D 199 -2.10 -34.38 27.33
N ASN D 200 -3.08 -35.25 27.52
CA ASN D 200 -3.41 -35.75 28.85
C ASN D 200 -2.47 -36.89 29.24
N ASP E 129 1.03 -64.87 -20.84
CA ASP E 129 0.57 -63.89 -21.81
C ASP E 129 -0.90 -63.57 -21.61
N ASN E 130 -1.60 -64.46 -20.88
CA ASN E 130 -3.01 -64.23 -20.60
C ASN E 130 -3.22 -62.98 -19.76
N ILE E 131 -2.38 -62.77 -18.75
CA ILE E 131 -2.48 -61.58 -17.91
C ILE E 131 -2.17 -60.33 -18.73
N THR E 132 -1.17 -60.41 -19.61
CA THR E 132 -0.84 -59.27 -20.46
C THR E 132 -1.99 -58.92 -21.38
N ALA E 133 -2.62 -59.93 -22.00
CA ALA E 133 -3.76 -59.67 -22.86
C ALA E 133 -4.95 -59.14 -22.06
N ARG E 134 -5.08 -59.56 -20.80
CA ARG E 134 -6.17 -59.07 -19.96
C ARG E 134 -5.97 -57.62 -19.55
N LEU E 135 -4.72 -57.20 -19.33
CA LEU E 135 -4.47 -55.82 -18.94
C LEU E 135 -4.21 -54.90 -20.12
N ASP E 136 -4.09 -55.43 -21.34
CA ASP E 136 -4.03 -54.56 -22.51
C ASP E 136 -5.31 -53.76 -22.67
N ARG E 137 -6.47 -54.41 -22.48
CA ARG E 137 -7.73 -53.67 -22.54
C ARG E 137 -7.85 -52.70 -21.37
N ILE E 138 -7.28 -53.04 -20.21
CA ILE E 138 -7.23 -52.11 -19.10
C ILE E 138 -6.48 -50.84 -19.50
N ASP E 139 -5.31 -51.02 -20.10
CA ASP E 139 -4.50 -49.88 -20.52
C ASP E 139 -5.23 -49.06 -21.58
N GLU E 140 -5.87 -49.73 -22.54
CA GLU E 140 -6.58 -49.03 -23.60
C GLU E 140 -7.74 -48.21 -23.03
N LYS E 141 -8.51 -48.80 -22.12
CA LYS E 141 -9.63 -48.09 -21.53
C LYS E 141 -9.16 -46.93 -20.66
N LEU E 142 -8.07 -47.12 -19.93
CA LEU E 142 -7.51 -46.03 -19.14
C LEU E 142 -7.04 -44.89 -20.04
N SER E 143 -6.39 -45.22 -21.16
CA SER E 143 -5.96 -44.19 -22.10
C SER E 143 -7.16 -43.45 -22.68
N GLU E 144 -8.24 -44.17 -22.97
CA GLU E 144 -9.47 -43.51 -23.45
C GLU E 144 -10.03 -42.57 -22.38
N ILE E 145 -10.03 -43.01 -21.12
CA ILE E 145 -10.49 -42.16 -20.03
C ILE E 145 -9.67 -40.87 -19.99
N LEU E 146 -8.35 -41.01 -20.04
CA LEU E 146 -7.48 -39.83 -19.95
C LEU E 146 -7.67 -38.92 -21.16
N GLY E 147 -7.82 -39.49 -22.36
CA GLY E 147 -8.02 -38.67 -23.53
C GLY E 147 -9.31 -37.87 -23.46
N MET E 148 -10.40 -38.52 -23.03
CA MET E 148 -11.66 -37.80 -22.97
C MET E 148 -11.67 -36.80 -21.81
N LEU E 149 -10.93 -37.09 -20.73
CA LEU E 149 -10.76 -36.11 -19.66
C LEU E 149 -9.97 -34.90 -20.14
N HIS E 150 -8.96 -35.13 -20.98
CA HIS E 150 -8.23 -34.03 -21.59
C HIS E 150 -9.16 -33.18 -22.46
N THR E 151 -10.00 -33.84 -23.25
CA THR E 151 -10.95 -33.09 -24.08
C THR E 151 -12.06 -32.45 -23.25
N LEU E 152 -12.22 -32.86 -22.00
CA LEU E 152 -13.27 -32.30 -21.15
C LEU E 152 -12.99 -30.82 -20.84
N VAL E 153 -14.05 -30.03 -20.84
CA VAL E 153 -13.98 -28.60 -20.54
C VAL E 153 -15.09 -28.25 -19.57
N VAL E 154 -14.86 -27.23 -18.74
CA VAL E 154 -15.82 -26.79 -17.72
C VAL E 154 -16.04 -25.29 -17.87
N ALA E 155 -17.28 -24.86 -17.65
CA ALA E 155 -17.65 -23.45 -17.73
C ALA E 155 -17.86 -22.89 -16.34
N SER E 156 -17.92 -21.56 -16.26
CA SER E 156 -18.15 -20.87 -15.01
C SER E 156 -19.62 -20.98 -14.59
N ALA E 157 -19.86 -20.78 -13.30
CA ALA E 157 -21.20 -20.87 -12.73
C ALA E 157 -21.89 -19.51 -12.69
N GLY E 158 -21.94 -18.83 -13.83
CA GLY E 158 -22.49 -17.50 -13.88
C GLY E 158 -24.00 -17.48 -13.75
N PRO E 159 -24.58 -16.29 -13.89
CA PRO E 159 -26.03 -16.16 -13.76
C PRO E 159 -26.76 -16.75 -14.96
N THR E 160 -28.04 -17.05 -14.74
CA THR E 160 -28.87 -17.62 -15.78
C THR E 160 -29.23 -16.56 -16.83
N SER E 161 -29.79 -17.02 -17.94
CA SER E 161 -30.18 -16.11 -19.02
C SER E 161 -31.27 -15.15 -18.55
N ALA E 162 -32.26 -15.65 -17.83
CA ALA E 162 -33.32 -14.80 -17.31
C ALA E 162 -32.85 -13.89 -16.18
N ARG E 163 -31.66 -14.13 -15.64
CA ARG E 163 -31.09 -13.34 -14.54
C ARG E 163 -32.01 -13.31 -13.32
N ASP E 164 -32.74 -14.40 -13.09
CA ASP E 164 -33.55 -14.58 -11.90
C ASP E 164 -32.90 -15.48 -10.87
N GLY E 165 -31.65 -15.90 -11.10
CA GLY E 165 -30.97 -16.77 -10.18
C GLY E 165 -29.60 -17.12 -10.72
N ILE E 166 -28.89 -17.94 -9.96
CA ILE E 166 -27.54 -18.36 -10.32
C ILE E 166 -27.61 -19.76 -10.92
N ARG E 167 -26.67 -20.05 -11.81
CA ARG E 167 -26.63 -21.32 -12.53
C ARG E 167 -25.45 -22.16 -12.07
N ASP E 168 -25.64 -23.48 -12.04
CA ASP E 168 -24.57 -24.38 -11.66
C ASP E 168 -23.44 -24.33 -12.70
N ALA E 169 -22.27 -24.78 -12.28
CA ALA E 169 -21.10 -24.82 -13.16
C ALA E 169 -21.31 -25.93 -14.19
N MET E 170 -21.72 -25.55 -15.39
CA MET E 170 -21.93 -26.53 -16.45
C MET E 170 -20.60 -27.15 -16.88
N VAL E 171 -20.61 -28.47 -17.03
CA VAL E 171 -19.41 -29.21 -17.40
C VAL E 171 -19.79 -30.28 -18.41
N GLY E 172 -18.94 -30.48 -19.41
CA GLY E 172 -19.24 -31.47 -20.45
C GLY E 172 -18.11 -31.53 -21.45
N LEU E 173 -18.35 -32.32 -22.50
CA LEU E 173 -17.36 -32.48 -23.56
C LEU E 173 -17.17 -31.17 -24.31
N ARG E 174 -15.97 -31.02 -24.91
CA ARG E 174 -15.61 -29.77 -25.57
C ARG E 174 -16.56 -29.45 -26.72
N GLU E 175 -16.88 -30.45 -27.54
CA GLU E 175 -17.70 -30.20 -28.72
C GLU E 175 -19.10 -29.74 -28.33
N GLU E 176 -19.71 -30.38 -27.33
CA GLU E 176 -21.05 -29.97 -26.91
C GLU E 176 -21.04 -28.56 -26.34
N MET E 177 -20.01 -28.22 -25.58
CA MET E 177 -19.92 -26.87 -25.03
C MET E 177 -19.73 -25.83 -26.14
N ILE E 178 -18.93 -26.15 -27.16
CA ILE E 178 -18.77 -25.25 -28.29
C ILE E 178 -20.09 -25.08 -29.03
N GLU E 179 -20.85 -26.18 -29.17
CA GLU E 179 -22.17 -26.11 -29.79
C GLU E 179 -23.08 -25.18 -29.00
N LYS E 180 -23.06 -25.31 -27.67
CA LYS E 180 -23.90 -24.44 -26.84
C LYS E 180 -23.48 -22.98 -26.95
N ILE E 181 -22.17 -22.72 -27.00
CA ILE E 181 -21.71 -21.34 -27.15
C ILE E 181 -22.17 -20.76 -28.48
N ARG E 182 -22.06 -21.55 -29.56
CA ARG E 182 -22.48 -21.06 -30.87
C ARG E 182 -23.99 -20.81 -30.91
N THR E 183 -24.77 -21.71 -30.32
CA THR E 183 -26.22 -21.55 -30.24
C THR E 183 -26.65 -20.58 -29.15
N GLU E 184 -25.72 -19.83 -28.56
CA GLU E 184 -25.98 -18.82 -27.54
C GLU E 184 -26.66 -19.40 -26.31
N ALA E 185 -26.49 -20.70 -26.05
CA ALA E 185 -27.01 -21.28 -24.82
C ALA E 185 -26.31 -20.70 -23.59
N LEU E 186 -24.99 -20.50 -23.68
CA LEU E 186 -24.21 -19.87 -22.63
C LEU E 186 -23.72 -18.54 -23.16
N MET E 187 -24.23 -17.44 -22.60
CA MET E 187 -23.89 -16.11 -23.09
C MET E 187 -22.43 -15.78 -22.79
N THR E 188 -21.77 -15.16 -23.75
CA THR E 188 -20.39 -14.74 -23.59
C THR E 188 -20.14 -13.51 -24.45
N ASN E 189 -19.12 -12.74 -24.08
CA ASN E 189 -18.82 -11.51 -24.80
C ASN E 189 -18.27 -11.79 -26.19
N ASP E 190 -17.37 -12.77 -26.30
CA ASP E 190 -16.67 -13.08 -27.55
C ASP E 190 -16.80 -14.57 -27.90
N ARG E 191 -17.86 -14.88 -28.64
CA ARG E 191 -18.13 -16.27 -29.02
C ARG E 191 -17.03 -16.83 -29.91
N LEU E 192 -16.63 -16.06 -30.93
CA LEU E 192 -15.62 -16.55 -31.87
C LEU E 192 -14.29 -16.78 -31.19
N GLU E 193 -13.90 -15.89 -30.28
CA GLU E 193 -12.69 -16.11 -29.50
C GLU E 193 -12.81 -17.35 -28.62
N ALA E 194 -14.01 -17.62 -28.10
CA ALA E 194 -14.22 -18.84 -27.33
C ALA E 194 -14.01 -20.07 -28.20
N MET E 195 -14.54 -20.06 -29.44
CA MET E 195 -14.31 -21.18 -30.35
C MET E 195 -12.82 -21.34 -30.64
N ALA E 196 -12.12 -20.23 -30.90
CA ALA E 196 -10.70 -20.31 -31.21
C ALA E 196 -9.91 -20.87 -30.03
N ARG E 197 -10.25 -20.45 -28.81
CA ARG E 197 -9.56 -20.95 -27.63
C ARG E 197 -9.84 -22.43 -27.40
N LEU E 198 -11.10 -22.85 -27.52
CA LEU E 198 -11.45 -24.23 -27.23
C LEU E 198 -10.97 -25.19 -28.32
N ARG E 199 -10.83 -24.70 -29.55
CA ARG E 199 -10.36 -25.53 -30.65
C ARG E 199 -8.84 -25.51 -30.81
N ASN E 200 -8.13 -24.82 -29.92
CA ASN E 200 -6.67 -24.74 -29.94
C ASN E 200 -6.18 -24.15 -31.27
N GLU E 201 -6.65 -22.94 -31.55
CA GLU E 201 -6.30 -22.22 -32.77
C GLU E 201 -5.93 -20.79 -32.43
N GLU E 202 -5.11 -20.19 -33.30
CA GLU E 202 -4.67 -18.82 -33.13
C GLU E 202 -5.67 -17.89 -33.83
N SER E 203 -6.45 -17.16 -33.04
CA SER E 203 -7.43 -16.24 -33.61
C SER E 203 -6.74 -15.02 -34.20
N GLU E 204 -7.47 -14.32 -35.07
CA GLU E 204 -6.92 -13.13 -35.70
C GLU E 204 -6.66 -12.02 -34.69
N LYS E 205 -7.55 -11.88 -33.70
CA LYS E 205 -7.35 -10.88 -32.66
C LYS E 205 -6.11 -11.20 -31.83
N MET E 206 -5.92 -12.47 -31.47
CA MET E 206 -4.73 -12.86 -30.74
C MET E 206 -3.47 -12.62 -31.56
N ALA E 207 -3.52 -12.94 -32.85
CA ALA E 207 -2.36 -12.72 -33.72
C ALA E 207 -2.03 -11.25 -33.82
N LYS E 208 -3.07 -10.40 -33.93
CA LYS E 208 -2.84 -8.95 -33.95
C LYS E 208 -2.24 -8.48 -32.63
N ASP E 209 -2.69 -9.05 -31.51
CA ASP E 209 -2.16 -8.66 -30.21
C ASP E 209 -0.68 -9.03 -30.08
N THR E 210 -0.29 -10.20 -30.59
CA THR E 210 1.08 -10.69 -30.45
C THR E 210 1.84 -10.69 -31.77
N SER E 211 1.44 -9.84 -32.71
CA SER E 211 2.12 -9.77 -33.99
C SER E 211 3.54 -9.23 -33.83
N ASP E 212 4.42 -9.64 -34.74
CA ASP E 212 5.80 -9.15 -34.72
C ASP E 212 5.85 -7.65 -34.96
N GLU E 213 5.03 -7.15 -35.89
CA GLU E 213 4.91 -5.73 -36.16
C GLU E 213 3.43 -5.37 -36.13
N VAL E 214 3.01 -4.60 -35.13
CA VAL E 214 1.61 -4.23 -35.00
C VAL E 214 1.26 -3.15 -36.01
N SER E 215 0.05 -3.24 -36.56
CA SER E 215 -0.40 -2.29 -37.56
C SER E 215 -0.85 -0.99 -36.90
N LEU E 216 -1.16 0.00 -37.73
CA LEU E 216 -1.62 1.30 -37.26
C LEU E 216 -2.95 1.63 -37.90
N ASN E 217 -3.94 1.93 -37.07
CA ASN E 217 -5.23 2.37 -37.58
C ASN E 217 -5.10 3.76 -38.19
N PRO E 218 -6.05 4.17 -39.04
CA PRO E 218 -5.87 5.43 -39.79
C PRO E 218 -5.62 6.64 -38.90
N THR E 219 -6.25 6.72 -37.73
CA THR E 219 -6.01 7.85 -36.84
C THR E 219 -4.55 7.89 -36.38
N SER E 220 -4.01 6.73 -36.02
CA SER E 220 -2.60 6.68 -35.63
C SER E 220 -1.68 6.92 -36.82
N GLU E 221 -2.10 6.53 -38.03
CA GLU E 221 -1.32 6.87 -39.21
C GLU E 221 -1.22 8.37 -39.40
N LYS E 222 -2.36 9.06 -39.26
CA LYS E 222 -2.35 10.52 -39.36
C LYS E 222 -1.52 11.16 -38.26
N LEU E 223 -1.63 10.64 -37.03
CA LEU E 223 -0.83 11.19 -35.93
C LEU E 223 0.66 10.98 -36.17
N ASN E 224 1.04 9.80 -36.68
CA ASN E 224 2.44 9.54 -36.97
C ASN E 224 2.95 10.44 -38.08
N ASN E 225 2.13 10.66 -39.11
CA ASN E 225 2.53 11.57 -40.18
C ASN E 225 2.71 13.00 -39.65
N LEU E 226 1.81 13.43 -38.76
CA LEU E 226 1.93 14.77 -38.18
C LEU E 226 3.19 14.89 -37.31
N LEU E 227 3.48 13.86 -36.50
CA LEU E 227 4.64 13.92 -35.63
C LEU E 227 5.95 13.88 -36.44
N GLU E 228 6.04 12.94 -37.38
CA GLU E 228 7.25 12.79 -38.20
C GLU E 228 7.20 13.81 -39.32
N GLY E 229 7.96 14.89 -39.17
CA GLY E 229 8.00 15.95 -40.17
C GLY E 229 7.80 17.31 -39.52
N ASN E 230 8.42 18.32 -40.13
CA ASN E 230 8.30 19.68 -39.63
C ASN E 230 6.88 20.20 -39.81
N ASP E 231 6.55 21.22 -39.01
CA ASP E 231 5.21 21.82 -39.07
C ASP E 231 4.93 22.37 -40.46
N SER E 232 3.74 22.07 -40.97
CA SER E 232 3.35 22.53 -42.31
C SER E 232 1.99 23.21 -42.26
N ASP E 233 1.15 22.80 -41.32
CA ASP E 233 -0.20 23.35 -41.21
C ASP E 233 -0.28 24.54 -40.26
N ASN E 234 0.84 24.96 -39.67
CA ASN E 234 0.88 26.07 -38.73
C ASN E 234 -0.11 25.84 -37.59
N ASP E 235 -1.12 26.70 -37.49
CA ASP E 235 -2.17 26.58 -36.48
C ASP E 235 -1.61 26.57 -35.07
N LEU E 236 -0.58 27.39 -34.83
CA LEU E 236 -0.01 27.52 -33.50
C LEU E 236 -0.80 28.54 -32.70
N SER E 237 -2.12 28.37 -32.61
CA SER E 237 -3.00 29.29 -31.92
C SER E 237 -3.81 28.52 -30.88
N LEU E 238 -3.61 28.84 -29.61
CA LEU E 238 -4.38 28.20 -28.55
C LEU E 238 -5.85 28.60 -28.61
N GLU E 239 -6.14 29.82 -29.11
CA GLU E 239 -7.52 30.29 -29.18
C GLU E 239 -8.31 29.63 -30.30
N ASP E 240 -7.62 29.03 -31.28
CA ASP E 240 -8.34 28.33 -32.35
C ASP E 240 -9.11 27.13 -31.82
N PHE E 241 -8.50 26.38 -30.91
CA PHE E 241 -9.14 25.20 -30.33
C PHE E 241 -10.05 25.59 -29.17
#